data_6M3P
#
_entry.id   6M3P
#
_cell.length_a   66.277
_cell.length_b   66.305
_cell.length_c   160.926
_cell.angle_alpha   99.470
_cell.angle_beta   99.780
_cell.angle_gamma   100.870
#
_symmetry.space_group_name_H-M   'P 1'
#
loop_
_entity.id
_entity.type
_entity.pdbx_description
1 polymer Ankyrin-3
2 polymer 'Spectrin beta chain, non-erythrocytic 1'
#
loop_
_entity_poly.entity_id
_entity_poly.type
_entity_poly.pdbx_seq_one_letter_code
_entity_poly.pdbx_strand_id
1 'polypeptide(L)'
;ADTLDNVNLVSSPVHSGFLVSFMVDARGGSMRGSRHHGMRIIIPPRKCTAPTRITCRLVKRHKLANPPPMVEGEGLASRL
VEMGPAGAQFLGPVIVEIPHFGSMRGKERELIVLRSENGETWKEHQFDSKNEDLSELLNGMDEELDSPEELGTKRICRII
TKDFPQYFAVVSRIKQESNQIGPEGGILSSTTVPLVQASFPEGALTKRIRVGLQAQPVPEETVKKILGNKATFSPIVTVE
PRRRKFHKPITMTIPVPPPSGEGVSNGYKGDTTPSLRLLCSITGGTSPAQWEDITGTTPLTFIKDCVSFTTNVSARFWLA
DCHQVLETVGLASQLYRELICVPYMAKFVVFAKTNDPVESSLRCFCMTDDRVDKTLEQQENFEEVARSKDIEVLEGKPIY
VDCYGNLAPLTKGGQQLVFNFYSFKENRLPFSIKVRDTSQEPCGRLSFLKEPKTTKGLPQTAVCNLNITLPAHKKAEKAD
RRQSFTSLALR
;
E,C
2 'polypeptide(L)'
;AHKAQQYYFDAAEAEAWMSEQELYMMSEEKAKDEQSAVSMLKKHQILEQAVEDYAETVHQLSKTSRALVADSHPESERIS
MRQSKVDKLYAGLKDLAEERRGKLDERHRLFQLNREVDDLEQWIAEREVVAGSHELGQDYEHVTMLQERFREFARDTGNI
GQERVDTVNNMADELINSGHSDAATIAEWKDGLNEAWADLLELIDTRTQILAASYELHKFYHDAKEIFGRIQDKHKKLPE
ELGRDQNTVETLQRMHTTFEHDIQALGTQVRQLQEDAARLQAAYAGDKADDIQKRENEVLEAWKSLLDACEGRRVRLVDT
;
A,B
#
# COMPACT_ATOMS: atom_id res chain seq x y z
N VAL A 10 -45.25 10.44 10.23
CA VAL A 10 -45.81 9.19 10.73
C VAL A 10 -44.83 8.54 11.71
N SER A 11 -43.55 8.84 11.55
CA SER A 11 -42.51 8.39 12.46
C SER A 11 -41.99 9.58 13.24
N SER A 12 -41.34 9.30 14.36
CA SER A 12 -40.92 10.31 15.31
C SER A 12 -39.51 9.98 15.79
N PRO A 13 -38.77 10.98 16.27
CA PRO A 13 -37.43 10.72 16.82
C PRO A 13 -37.52 9.94 18.12
N VAL A 14 -36.37 9.35 18.50
CA VAL A 14 -36.33 8.50 19.68
C VAL A 14 -35.94 9.31 20.92
N HIS A 15 -36.17 8.72 22.09
CA HIS A 15 -35.79 9.34 23.36
C HIS A 15 -35.67 8.24 24.41
N SER A 16 -34.45 7.99 24.89
CA SER A 16 -34.20 6.89 25.80
C SER A 16 -32.91 7.15 26.58
N GLY A 17 -32.66 6.29 27.57
CA GLY A 17 -31.47 6.38 28.41
C GLY A 17 -30.41 5.37 28.00
N PHE A 18 -29.15 5.82 28.00
CA PHE A 18 -28.03 4.99 27.58
C PHE A 18 -26.94 4.97 28.63
N LEU A 19 -26.32 3.79 28.80
CA LEU A 19 -25.15 3.70 29.67
C LEU A 19 -23.92 4.32 29.01
N VAL A 20 -23.53 3.81 27.84
CA VAL A 20 -22.33 4.26 27.16
C VAL A 20 -22.56 4.42 25.66
N SER A 21 -23.35 3.53 25.05
CA SER A 21 -23.55 3.50 23.60
C SER A 21 -25.03 3.39 23.25
N PHE A 22 -25.36 3.80 22.02
CA PHE A 22 -26.71 3.66 21.50
C PHE A 22 -26.68 3.78 19.98
N MET A 23 -27.72 3.23 19.35
CA MET A 23 -27.93 3.39 17.91
C MET A 23 -28.85 4.57 17.64
N VAL A 24 -28.54 5.33 16.58
CA VAL A 24 -29.40 6.42 16.13
C VAL A 24 -29.42 6.48 14.61
N ASP A 25 -30.62 6.66 14.05
CA ASP A 25 -30.82 6.85 12.62
C ASP A 25 -31.11 8.32 12.34
N ALA A 26 -31.64 8.61 11.15
CA ALA A 26 -31.93 9.99 10.78
C ALA A 26 -33.12 10.55 11.57
N ARG A 27 -34.05 9.70 12.00
CA ARG A 27 -35.31 10.17 12.58
C ARG A 27 -35.06 11.10 13.78
N GLY A 28 -34.06 10.80 14.59
CA GLY A 28 -33.70 11.68 15.69
C GLY A 28 -33.32 10.91 16.94
N GLY A 29 -32.81 11.61 17.95
CA GLY A 29 -32.49 10.99 19.23
C GLY A 29 -32.09 11.91 20.36
N SER A 30 -32.93 11.98 21.39
CA SER A 30 -32.58 12.66 22.64
C SER A 30 -32.26 11.57 23.65
N MET A 31 -31.01 11.51 24.10
CA MET A 31 -30.55 10.38 24.90
C MET A 31 -29.93 10.88 26.21
N ARG A 32 -30.53 10.47 27.33
CA ARG A 32 -30.03 10.83 28.65
C ARG A 32 -29.11 9.73 29.16
N GLY A 33 -27.96 10.12 29.70
CA GLY A 33 -27.04 9.15 30.26
C GLY A 33 -27.56 8.64 31.57
N SER A 34 -28.00 7.38 31.59
CA SER A 34 -28.57 6.83 32.80
C SER A 34 -27.50 6.54 33.84
N ARG A 35 -26.27 6.30 33.39
CA ARG A 35 -25.14 6.12 34.28
C ARG A 35 -24.78 7.43 34.99
N HIS A 36 -24.26 8.39 34.23
CA HIS A 36 -23.84 9.69 34.75
C HIS A 36 -24.99 10.67 34.55
N HIS A 37 -25.73 10.95 35.63
CA HIS A 37 -26.89 11.82 35.54
C HIS A 37 -26.53 13.17 34.94
N GLY A 38 -27.44 13.69 34.12
CA GLY A 38 -27.23 14.93 33.41
C GLY A 38 -26.58 14.81 32.05
N MET A 39 -25.92 13.68 31.77
CA MET A 39 -25.25 13.44 30.48
C MET A 39 -26.30 13.19 29.42
N ARG A 40 -26.46 14.15 28.52
CA ARG A 40 -27.48 14.12 27.49
C ARG A 40 -26.83 14.37 26.13
N ILE A 41 -27.27 13.60 25.12
CA ILE A 41 -26.88 13.84 23.73
C ILE A 41 -28.14 13.97 22.88
N ILE A 42 -28.24 15.07 22.15
CA ILE A 42 -29.39 15.33 21.29
C ILE A 42 -28.91 15.29 19.85
N ILE A 43 -29.45 14.37 19.07
CA ILE A 43 -29.23 14.27 17.63
C ILE A 43 -30.52 14.73 16.95
N PRO A 44 -30.53 15.87 16.28
CA PRO A 44 -31.76 16.35 15.63
C PRO A 44 -32.18 15.42 14.51
N PRO A 45 -33.38 15.61 13.95
CA PRO A 45 -33.78 14.79 12.80
C PRO A 45 -33.08 15.23 11.53
N ARG A 46 -32.91 14.26 10.63
CA ARG A 46 -32.25 14.47 9.34
C ARG A 46 -30.83 15.01 9.52
N LYS A 47 -30.20 14.67 10.64
CA LYS A 47 -28.89 15.21 11.02
C LYS A 47 -27.78 14.22 10.69
N CYS A 48 -27.83 13.01 11.25
CA CYS A 48 -26.94 11.94 10.83
C CYS A 48 -27.60 11.18 9.68
N THR A 49 -26.77 10.75 8.70
CA THR A 49 -27.26 10.18 7.44
C THR A 49 -27.50 8.68 7.55
N ALA A 50 -26.52 7.92 8.02
CA ALA A 50 -26.65 6.48 8.19
C ALA A 50 -27.16 6.16 9.59
N PRO A 51 -27.59 4.93 9.82
CA PRO A 51 -27.67 4.45 11.20
C PRO A 51 -26.27 4.27 11.75
N THR A 52 -26.08 4.73 12.97
CA THR A 52 -24.75 4.89 13.55
C THR A 52 -24.79 4.56 15.03
N ARG A 53 -23.68 4.00 15.53
CA ARG A 53 -23.52 3.69 16.95
C ARG A 53 -22.70 4.79 17.62
N ILE A 54 -23.37 5.64 18.40
CA ILE A 54 -22.72 6.73 19.11
C ILE A 54 -22.40 6.28 20.53
N THR A 55 -21.16 6.55 20.97
CA THR A 55 -20.70 6.17 22.30
C THR A 55 -20.26 7.43 23.04
N CYS A 56 -20.67 7.55 24.30
CA CYS A 56 -20.26 8.68 25.13
C CYS A 56 -19.78 8.11 26.47
N ARG A 57 -18.47 7.95 26.61
CA ARG A 57 -17.90 7.25 27.75
C ARG A 57 -16.97 8.16 28.52
N LEU A 58 -16.91 7.95 29.84
CA LEU A 58 -16.03 8.69 30.74
C LEU A 58 -14.93 7.76 31.23
N VAL A 59 -13.68 8.15 30.99
CA VAL A 59 -12.57 7.20 31.11
C VAL A 59 -12.19 7.04 32.59
N LYS A 60 -12.24 5.80 33.07
CA LYS A 60 -11.73 5.46 34.40
C LYS A 60 -10.93 4.17 34.44
N ARG A 61 -11.06 3.28 33.46
CA ARG A 61 -10.36 2.00 33.49
C ARG A 61 -8.85 2.18 33.38
N HIS A 62 -8.40 3.15 32.58
CA HIS A 62 -6.97 3.33 32.35
C HIS A 62 -6.68 4.79 32.11
N LYS A 63 -5.39 5.12 32.12
CA LYS A 63 -4.91 6.47 31.91
C LYS A 63 -4.54 6.62 30.44
N LEU A 64 -5.15 7.59 29.77
CA LEU A 64 -4.84 7.82 28.37
C LEU A 64 -3.46 8.45 28.24
N ALA A 65 -2.78 8.10 27.16
CA ALA A 65 -1.47 8.69 26.90
C ALA A 65 -1.65 10.17 26.55
N ASN A 66 -0.71 10.99 27.02
CA ASN A 66 -0.67 12.44 26.80
C ASN A 66 -2.06 13.05 26.99
N PRO A 67 -2.55 13.15 28.24
CA PRO A 67 -3.85 13.77 28.49
C PRO A 67 -3.76 15.26 28.26
N PRO A 68 -4.88 15.99 28.24
CA PRO A 68 -4.86 17.37 27.70
C PRO A 68 -3.83 18.25 28.39
N PRO A 69 -3.15 19.13 27.63
CA PRO A 69 -2.10 19.98 28.19
C PRO A 69 -2.61 21.17 28.98
N MET A 70 -2.81 20.97 30.28
CA MET A 70 -3.26 22.03 31.17
C MET A 70 -2.09 22.77 31.80
N VAL A 71 -2.12 24.10 31.74
CA VAL A 71 -1.06 24.89 32.38
C VAL A 71 -1.24 24.77 33.88
N GLU A 72 -0.35 25.42 34.63
CA GLU A 72 -0.41 25.35 36.08
C GLU A 72 -1.67 26.03 36.59
N GLY A 73 -2.38 25.35 37.50
CA GLY A 73 -3.61 25.86 38.04
C GLY A 73 -4.85 25.41 37.31
N GLU A 74 -4.71 24.95 36.06
CA GLU A 74 -5.84 24.39 35.35
C GLU A 74 -6.13 22.97 35.85
N GLY A 75 -7.36 22.53 35.63
CA GLY A 75 -7.80 21.22 36.06
C GLY A 75 -9.05 20.79 35.33
N LEU A 76 -9.20 19.48 35.14
CA LEU A 76 -10.31 18.95 34.36
C LEU A 76 -11.63 19.05 35.12
N ALA A 77 -12.57 19.79 34.54
CA ALA A 77 -13.91 19.93 35.13
C ALA A 77 -14.58 18.58 35.30
N SER A 78 -14.90 17.91 34.20
CA SER A 78 -15.38 16.54 34.22
C SER A 78 -14.23 15.61 33.87
N ARG A 79 -14.52 14.31 33.80
CA ARG A 79 -13.48 13.41 33.35
C ARG A 79 -13.27 13.63 31.86
N LEU A 80 -12.60 12.69 31.20
CA LEU A 80 -12.42 12.76 29.76
C LEU A 80 -13.48 11.89 29.09
N VAL A 81 -14.05 12.40 28.01
CA VAL A 81 -15.14 11.72 27.31
C VAL A 81 -14.63 11.14 25.99
N GLU A 82 -14.91 9.86 25.78
CA GLU A 82 -14.67 9.16 24.53
C GLU A 82 -15.92 9.19 23.66
N MET A 83 -15.77 9.67 22.43
CA MET A 83 -16.85 9.67 21.46
C MET A 83 -16.87 8.36 20.69
N GLY A 84 -18.06 7.99 20.20
CA GLY A 84 -18.27 6.71 19.57
C GLY A 84 -17.63 6.55 18.21
N PRO A 85 -18.13 7.29 17.22
CA PRO A 85 -17.49 7.26 15.91
C PRO A 85 -16.35 8.26 15.91
N ALA A 86 -15.16 7.80 15.54
CA ALA A 86 -13.95 8.60 15.71
C ALA A 86 -14.05 9.94 14.99
N GLY A 87 -14.57 9.96 13.78
CA GLY A 87 -14.64 11.21 13.04
C GLY A 87 -16.01 11.49 12.49
N ALA A 88 -17.04 11.08 13.23
CA ALA A 88 -18.41 11.18 12.74
C ALA A 88 -18.74 12.59 12.26
N GLN A 89 -19.45 12.68 11.15
CA GLN A 89 -19.85 13.95 10.57
C GLN A 89 -21.37 14.01 10.48
N PHE A 90 -21.92 15.16 10.86
CA PHE A 90 -23.36 15.40 10.80
C PHE A 90 -23.59 16.63 9.93
N LEU A 91 -24.66 16.60 9.12
CA LEU A 91 -24.97 17.76 8.31
C LEU A 91 -25.37 18.94 9.19
N GLY A 92 -26.36 18.74 10.07
CA GLY A 92 -26.69 19.72 11.07
C GLY A 92 -25.78 19.62 12.28
N PRO A 93 -25.97 20.53 13.23
CA PRO A 93 -25.24 20.44 14.49
C PRO A 93 -25.94 19.53 15.48
N VAL A 94 -25.15 18.97 16.40
CA VAL A 94 -25.65 18.09 17.44
C VAL A 94 -25.13 18.56 18.81
N ILE A 95 -25.84 18.17 19.85
CA ILE A 95 -25.59 18.62 21.21
C ILE A 95 -25.08 17.46 22.05
N VAL A 96 -23.95 17.67 22.72
CA VAL A 96 -23.44 16.76 23.75
C VAL A 96 -23.33 17.54 25.05
N GLU A 97 -24.13 17.16 26.04
CA GLU A 97 -24.15 17.81 27.35
C GLU A 97 -23.55 16.86 28.39
N ILE A 98 -22.50 17.32 29.07
CA ILE A 98 -21.75 16.52 30.02
C ILE A 98 -21.71 17.22 31.38
N PRO A 99 -22.15 16.58 32.45
CA PRO A 99 -22.05 17.21 33.77
C PRO A 99 -20.60 17.31 34.22
N HIS A 100 -20.28 18.44 34.84
CA HIS A 100 -19.00 18.64 35.50
C HIS A 100 -19.22 18.92 36.98
N PHE A 101 -18.10 19.03 37.69
CA PHE A 101 -18.10 19.35 39.11
C PHE A 101 -17.06 20.42 39.42
N GLY A 102 -16.76 21.29 38.46
CA GLY A 102 -15.82 22.38 38.66
C GLY A 102 -16.49 23.68 39.07
N SER A 103 -16.16 24.20 40.26
CA SER A 103 -16.75 25.44 40.75
C SER A 103 -16.10 26.66 40.08
N MET A 104 -16.93 27.56 39.55
CA MET A 104 -16.44 28.70 38.80
C MET A 104 -16.23 29.97 39.62
N ARG A 105 -16.65 29.97 40.89
CA ARG A 105 -16.46 31.14 41.76
C ARG A 105 -17.05 32.39 41.13
N GLY A 106 -18.22 32.24 40.50
CA GLY A 106 -18.95 33.36 39.94
C GLY A 106 -18.21 34.23 38.95
N LYS A 107 -18.07 33.77 37.71
CA LYS A 107 -17.40 34.49 36.61
C LYS A 107 -15.92 34.70 36.87
N GLU A 108 -15.39 34.24 38.00
CA GLU A 108 -13.94 34.29 38.22
C GLU A 108 -13.23 33.31 37.31
N ARG A 109 -13.85 32.15 37.05
CA ARG A 109 -13.32 31.07 36.25
C ARG A 109 -14.19 30.84 35.02
N GLU A 110 -13.59 30.17 34.02
CA GLU A 110 -14.20 29.82 32.74
C GLU A 110 -13.93 28.36 32.42
N LEU A 111 -14.53 27.86 31.34
CA LEU A 111 -14.33 26.50 30.87
C LEU A 111 -13.87 26.53 29.42
N ILE A 112 -12.68 25.99 29.16
CA ILE A 112 -12.18 25.78 27.80
C ILE A 112 -12.50 24.35 27.40
N VAL A 113 -12.87 24.16 26.13
CA VAL A 113 -13.30 22.87 25.60
C VAL A 113 -12.18 22.33 24.72
N LEU A 114 -11.52 21.27 25.17
CA LEU A 114 -10.45 20.67 24.41
C LEU A 114 -10.92 19.40 23.71
N ARG A 115 -10.35 19.17 22.53
CA ARG A 115 -10.65 18.00 21.71
C ARG A 115 -9.36 17.41 21.17
N SER A 116 -9.27 16.08 21.21
CA SER A 116 -8.23 15.35 20.52
C SER A 116 -8.85 14.61 19.34
N GLU A 117 -8.30 14.85 18.15
CA GLU A 117 -8.86 14.22 16.96
C GLU A 117 -8.47 12.75 16.88
N ASN A 118 -7.18 12.46 17.08
CA ASN A 118 -6.67 11.09 17.03
C ASN A 118 -6.41 10.49 18.41
N GLY A 119 -5.99 11.30 19.38
CA GLY A 119 -5.49 10.82 20.66
C GLY A 119 -4.08 11.28 20.95
N GLU A 120 -3.37 11.76 19.93
CA GLU A 120 -2.04 12.32 20.14
C GLU A 120 -2.12 13.77 20.58
N THR A 121 -2.56 14.65 19.69
CA THR A 121 -2.49 16.08 19.95
C THR A 121 -3.84 16.62 20.39
N TRP A 122 -3.79 17.72 21.14
CA TRP A 122 -4.98 18.38 21.68
C TRP A 122 -5.07 19.80 21.13
N LYS A 123 -6.30 20.23 20.85
CA LYS A 123 -6.56 21.61 20.46
C LYS A 123 -7.92 21.99 21.01
N GLU A 124 -8.26 23.27 20.87
CA GLU A 124 -9.50 23.80 21.42
C GLU A 124 -10.65 23.69 20.41
N HIS A 125 -11.81 23.30 20.91
CA HIS A 125 -13.02 23.18 20.11
C HIS A 125 -13.74 24.52 20.04
N GLN A 126 -13.87 25.06 18.83
CA GLN A 126 -14.63 26.28 18.57
C GLN A 126 -15.85 25.96 17.73
N PHE A 127 -16.97 26.60 18.04
CA PHE A 127 -18.20 26.46 17.29
C PHE A 127 -18.59 27.80 16.69
N ASP A 128 -19.09 27.76 15.44
CA ASP A 128 -19.27 28.98 14.66
C ASP A 128 -20.29 29.91 15.29
N SER A 129 -21.49 29.40 15.56
CA SER A 129 -22.58 30.23 16.08
C SER A 129 -23.59 29.31 16.75
N LYS A 130 -24.58 29.93 17.40
CA LYS A 130 -25.60 29.20 18.15
C LYS A 130 -26.96 29.80 17.86
N ASN A 131 -27.88 28.95 17.38
CA ASN A 131 -29.29 29.30 17.16
C ASN A 131 -30.11 28.10 17.61
N GLU A 132 -30.67 28.18 18.82
CA GLU A 132 -31.26 26.99 19.45
C GLU A 132 -32.44 26.45 18.67
N ASP A 133 -33.31 27.34 18.18
CA ASP A 133 -34.52 26.90 17.49
C ASP A 133 -34.19 26.12 16.21
N LEU A 134 -33.30 26.66 15.38
CA LEU A 134 -32.98 26.02 14.10
C LEU A 134 -32.22 24.71 14.30
N SER A 135 -31.25 24.68 15.22
CA SER A 135 -30.48 23.46 15.47
C SER A 135 -31.37 22.33 16.00
N GLU A 136 -32.35 22.66 16.86
CA GLU A 136 -33.28 21.65 17.36
C GLU A 136 -34.09 21.04 16.23
N LEU A 137 -34.41 21.83 15.20
CA LEU A 137 -35.18 21.39 14.04
C LEU A 137 -36.50 20.74 14.49
N LEU A 138 -37.24 21.49 15.31
CA LEU A 138 -38.54 21.08 15.84
C LEU A 138 -38.47 19.69 16.47
N ASN A 139 -37.44 19.47 17.28
CA ASN A 139 -37.31 18.18 17.94
C ASN A 139 -38.35 18.05 19.04
N GLY A 140 -38.97 16.88 19.11
CA GLY A 140 -40.07 16.69 20.04
C GLY A 140 -39.66 16.85 21.47
N MET A 141 -38.51 16.26 21.85
CA MET A 141 -38.03 16.39 23.22
C MET A 141 -37.72 17.85 23.52
N ASP A 142 -36.96 18.50 22.63
CA ASP A 142 -36.59 19.92 22.76
C ASP A 142 -36.06 20.13 24.17
N GLU A 143 -36.59 21.09 24.93
CA GLU A 143 -36.23 21.27 26.34
C GLU A 143 -34.73 21.50 26.53
N GLU A 144 -34.13 22.28 25.63
CA GLU A 144 -32.80 22.83 25.90
C GLU A 144 -32.86 23.60 27.22
N LEU A 145 -31.97 23.23 28.15
CA LEU A 145 -32.11 23.63 29.55
C LEU A 145 -32.27 25.15 29.67
N ASP A 146 -33.00 25.54 30.72
CA ASP A 146 -33.80 26.77 30.73
C ASP A 146 -33.03 27.97 30.18
N SER A 147 -31.79 28.14 30.61
CA SER A 147 -31.02 29.31 30.21
C SER A 147 -29.55 28.99 30.41
N PRO A 148 -28.65 29.76 29.82
CA PRO A 148 -27.23 29.62 30.20
C PRO A 148 -27.03 29.72 31.70
N GLU A 149 -27.81 30.59 32.36
CA GLU A 149 -27.80 30.64 33.81
C GLU A 149 -28.29 29.33 34.41
N GLU A 150 -29.32 28.73 33.80
CA GLU A 150 -29.81 27.43 34.25
C GLU A 150 -28.73 26.36 34.09
N LEU A 151 -27.95 26.44 33.00
CA LEU A 151 -26.80 25.55 32.87
C LEU A 151 -25.78 25.80 33.96
N GLY A 152 -25.49 27.06 34.26
CA GLY A 152 -24.52 27.37 35.30
C GLY A 152 -24.92 26.87 36.67
N THR A 153 -26.18 27.05 37.05
CA THR A 153 -26.67 26.51 38.31
C THR A 153 -26.70 24.98 38.30
N LYS A 154 -26.88 24.37 37.12
CA LYS A 154 -27.02 22.93 37.02
C LYS A 154 -25.71 22.19 36.77
N ARG A 155 -24.61 22.93 36.55
CA ARG A 155 -23.30 22.34 36.29
C ARG A 155 -23.32 21.37 35.11
N ILE A 156 -23.87 21.83 33.99
CA ILE A 156 -23.95 21.05 32.75
C ILE A 156 -23.20 21.80 31.65
N CYS A 157 -22.18 21.14 31.06
CA CYS A 157 -21.40 21.74 29.99
C CYS A 157 -21.97 21.34 28.64
N ARG A 158 -22.46 22.32 27.89
CA ARG A 158 -23.01 22.08 26.57
C ARG A 158 -21.96 22.27 25.47
N ILE A 159 -21.80 21.24 24.64
CA ILE A 159 -20.92 21.30 23.48
C ILE A 159 -21.79 21.16 22.24
N ILE A 160 -21.78 22.20 21.41
CA ILE A 160 -22.42 22.16 20.09
C ILE A 160 -21.34 21.86 19.06
N THR A 161 -21.60 20.89 18.18
CA THR A 161 -20.60 20.42 17.24
C THR A 161 -21.24 19.87 15.97
N LYS A 162 -20.51 20.01 14.87
CA LYS A 162 -20.88 19.41 13.60
C LYS A 162 -20.20 18.05 13.39
N ASP A 163 -19.20 17.72 14.19
CA ASP A 163 -18.52 16.44 14.06
C ASP A 163 -17.87 16.05 15.40
N PHE A 164 -17.90 14.75 15.72
CA PHE A 164 -17.25 14.23 16.92
C PHE A 164 -15.75 14.06 16.72
N PRO A 165 -14.90 14.50 17.66
CA PRO A 165 -13.52 14.04 17.69
C PRO A 165 -13.40 12.76 18.48
N GLN A 166 -12.18 12.22 18.58
CA GLN A 166 -11.97 11.01 19.37
C GLN A 166 -12.28 11.30 20.83
N TYR A 167 -11.60 12.29 21.40
CA TYR A 167 -11.71 12.65 22.82
C TYR A 167 -12.11 14.10 22.99
N PHE A 168 -13.07 14.34 23.86
CA PHE A 168 -13.39 15.69 24.32
C PHE A 168 -12.94 15.86 25.78
N ALA A 169 -12.55 17.08 26.13
CA ALA A 169 -12.04 17.37 27.46
C ALA A 169 -12.65 18.67 27.93
N VAL A 170 -13.11 18.70 29.18
CA VAL A 170 -13.69 19.89 29.77
C VAL A 170 -12.70 20.38 30.80
N VAL A 171 -12.20 21.61 30.63
CA VAL A 171 -11.11 22.13 31.43
C VAL A 171 -11.56 23.38 32.15
N SER A 172 -11.18 23.50 33.43
CA SER A 172 -11.48 24.67 34.25
C SER A 172 -10.23 25.52 34.44
N ARG A 173 -10.35 26.81 34.17
CA ARG A 173 -9.21 27.73 34.23
C ARG A 173 -9.69 29.08 34.73
N ILE A 174 -8.71 29.91 35.13
CA ILE A 174 -8.99 31.31 35.42
C ILE A 174 -9.37 32.00 34.12
N LYS A 175 -10.47 32.76 34.14
CA LYS A 175 -10.98 33.39 32.93
C LYS A 175 -9.95 34.28 32.27
N GLN A 176 -9.88 34.23 30.94
CA GLN A 176 -8.93 35.01 30.17
C GLN A 176 -9.69 35.96 29.25
N GLU A 177 -9.32 37.22 29.28
CA GLU A 177 -9.85 38.22 28.36
C GLU A 177 -8.94 38.25 27.16
N SER A 178 -9.51 38.04 25.96
CA SER A 178 -8.70 37.89 24.77
C SER A 178 -9.39 38.55 23.58
N ASN A 179 -8.59 38.81 22.54
CA ASN A 179 -9.09 39.39 21.30
C ASN A 179 -8.12 39.00 20.18
N GLN A 180 -8.38 39.49 18.97
CA GLN A 180 -7.52 39.19 17.83
C GLN A 180 -6.48 40.30 17.60
N ILE A 187 -4.37 47.08 23.56
CA ILE A 187 -5.11 47.78 24.61
C ILE A 187 -6.17 46.84 25.21
N LEU A 188 -5.71 45.91 26.04
CA LEU A 188 -6.56 44.90 26.67
C LEU A 188 -6.70 45.16 28.17
N SER A 189 -7.72 44.56 28.77
CA SER A 189 -8.00 44.79 30.18
C SER A 189 -8.87 43.66 30.72
N SER A 190 -8.78 43.44 32.03
CA SER A 190 -9.50 42.34 32.66
C SER A 190 -10.96 42.68 32.90
N THR A 191 -11.81 41.66 32.72
CA THR A 191 -13.22 41.74 33.04
C THR A 191 -13.53 41.19 34.42
N THR A 192 -12.52 40.79 35.18
CA THR A 192 -12.67 40.30 36.55
C THR A 192 -12.18 41.32 37.57
N VAL A 193 -10.98 41.87 37.35
CA VAL A 193 -10.47 42.98 38.13
C VAL A 193 -10.34 44.16 37.17
N PRO A 194 -11.00 45.28 37.41
CA PRO A 194 -11.00 46.39 36.43
C PRO A 194 -9.62 46.95 36.14
N LEU A 195 -8.88 47.37 37.17
CA LEU A 195 -7.65 48.14 37.00
C LEU A 195 -6.48 47.21 36.66
N VAL A 196 -6.61 46.52 35.53
CA VAL A 196 -5.55 45.70 34.95
C VAL A 196 -5.55 45.96 33.46
N GLN A 197 -4.43 46.40 32.90
CA GLN A 197 -4.39 46.76 31.50
C GLN A 197 -3.03 46.45 30.90
N ALA A 198 -3.04 45.98 29.66
CA ALA A 198 -1.82 45.75 28.89
C ALA A 198 -1.92 46.58 27.61
N SER A 199 -0.94 47.47 27.40
CA SER A 199 -0.94 48.37 26.24
C SER A 199 0.08 47.88 25.22
N PHE A 200 -0.41 47.21 24.19
CA PHE A 200 0.42 46.82 23.06
C PHE A 200 -0.05 47.56 21.81
N PRO A 201 0.85 48.26 21.11
CA PRO A 201 0.45 48.99 19.91
C PRO A 201 -0.32 48.11 18.92
N GLU A 202 -1.46 48.61 18.47
CA GLU A 202 -2.38 47.86 17.62
C GLU A 202 -1.81 47.64 16.21
N GLY A 203 -2.29 46.58 15.58
CA GLY A 203 -1.84 46.23 14.23
C GLY A 203 -0.53 45.47 14.22
N ARG A 208 -0.23 40.07 13.17
CA ARG A 208 -1.59 40.05 13.71
C ARG A 208 -1.97 38.64 14.18
N ILE A 209 -2.18 38.48 15.49
CA ILE A 209 -2.52 37.19 16.07
C ILE A 209 -3.32 37.41 17.35
N ARG A 210 -3.79 36.32 17.95
CA ARG A 210 -4.68 36.38 19.11
C ARG A 210 -3.88 36.14 20.36
N VAL A 211 -4.11 36.98 21.37
CA VAL A 211 -3.46 36.91 22.66
C VAL A 211 -4.45 37.29 23.75
N GLY A 212 -4.32 36.66 24.92
CA GLY A 212 -5.24 36.91 26.01
C GLY A 212 -4.51 37.19 27.31
N LEU A 213 -5.21 37.90 28.20
CA LEU A 213 -4.72 38.28 29.51
C LEU A 213 -5.67 37.82 30.60
N GLN A 214 -5.14 37.16 31.63
CA GLN A 214 -5.94 36.69 32.75
C GLN A 214 -5.47 37.37 34.04
N ALA A 215 -6.43 37.80 34.85
CA ALA A 215 -6.15 38.41 36.15
C ALA A 215 -6.77 37.53 37.23
N GLN A 216 -5.96 37.17 38.24
CA GLN A 216 -6.31 36.26 39.32
C GLN A 216 -6.63 37.02 40.59
N PRO A 217 -7.73 36.73 41.28
CA PRO A 217 -7.99 37.40 42.55
C PRO A 217 -7.27 36.72 43.70
N VAL A 218 -6.99 37.49 44.74
CA VAL A 218 -6.34 36.96 45.94
C VAL A 218 -7.20 37.28 47.16
N PRO A 219 -7.45 36.31 48.04
CA PRO A 219 -8.29 36.60 49.23
C PRO A 219 -7.47 36.92 50.45
N GLU A 220 -7.96 37.84 51.30
CA GLU A 220 -7.21 38.23 52.49
C GLU A 220 -7.12 37.09 53.49
N GLU A 221 -8.22 36.37 53.73
CA GLU A 221 -8.21 35.31 54.73
C GLU A 221 -7.24 34.20 54.35
N THR A 222 -7.27 33.77 53.09
CA THR A 222 -6.34 32.75 52.61
C THR A 222 -4.89 33.20 52.69
N VAL A 223 -4.64 34.49 52.43
CA VAL A 223 -3.28 35.02 52.56
C VAL A 223 -2.80 34.97 54.01
N LYS A 224 -3.68 35.31 54.96
CA LYS A 224 -3.30 35.33 56.37
C LYS A 224 -2.91 33.94 56.88
N LYS A 225 -3.64 32.90 56.45
CA LYS A 225 -3.33 31.54 56.88
C LYS A 225 -1.86 31.20 56.70
N ILE A 226 -1.27 31.62 55.59
CA ILE A 226 0.16 31.42 55.36
C ILE A 226 0.82 32.74 54.99
N LYS A 230 2.28 39.31 57.14
CA LYS A 230 3.72 39.53 56.92
C LYS A 230 4.00 40.17 55.56
N ALA A 231 3.08 40.00 54.62
CA ALA A 231 3.26 40.50 53.26
C ALA A 231 1.92 40.61 52.56
N THR A 232 1.79 41.58 51.66
CA THR A 232 0.56 41.78 50.89
C THR A 232 0.80 41.55 49.41
N PHE A 233 -0.27 41.21 48.70
CA PHE A 233 -0.15 40.70 47.34
C PHE A 233 -1.24 41.29 46.45
N SER A 234 -0.90 41.48 45.17
CA SER A 234 -1.80 42.01 44.14
C SER A 234 -2.44 40.88 43.35
N PRO A 235 -3.37 41.17 42.42
CA PRO A 235 -3.88 40.09 41.56
C PRO A 235 -2.79 39.56 40.66
N ILE A 236 -2.75 38.24 40.49
CA ILE A 236 -1.73 37.65 39.62
C ILE A 236 -2.12 37.95 38.19
N VAL A 237 -1.36 38.82 37.54
CA VAL A 237 -1.61 39.16 36.15
C VAL A 237 -0.84 38.18 35.28
N THR A 238 -1.54 37.56 34.34
CA THR A 238 -0.97 36.55 33.45
C THR A 238 -1.44 36.77 32.03
N VAL A 239 -0.54 36.57 31.08
CA VAL A 239 -0.84 36.59 29.67
C VAL A 239 -0.72 35.16 29.16
N GLU A 240 -1.79 34.66 28.53
CA GLU A 240 -1.84 33.23 28.23
C GLU A 240 -0.67 32.76 27.37
N PRO A 241 -0.28 33.45 26.27
CA PRO A 241 0.88 32.98 25.48
C PRO A 241 2.18 33.46 26.13
N ARG A 242 2.62 32.70 27.12
CA ARG A 242 3.78 33.07 27.91
C ARG A 242 5.06 32.84 27.11
N ARG A 243 6.14 33.39 27.64
CA ARG A 243 7.48 33.28 27.05
C ARG A 243 7.50 33.61 25.56
N ARG A 244 6.84 34.71 25.21
CA ARG A 244 6.82 35.21 23.84
C ARG A 244 7.36 36.64 23.83
N LYS A 245 8.34 36.91 22.95
CA LYS A 245 8.96 38.22 22.87
C LYS A 245 8.23 39.04 21.80
N PHE A 246 7.57 40.12 22.23
CA PHE A 246 6.88 40.98 21.30
C PHE A 246 7.87 41.83 20.52
N HIS A 247 7.40 42.40 19.40
CA HIS A 247 8.28 43.23 18.57
C HIS A 247 8.81 44.42 19.35
N LYS A 248 7.96 45.03 20.16
CA LYS A 248 8.25 46.21 20.96
C LYS A 248 7.74 45.96 22.38
N PRO A 249 8.30 46.65 23.38
CA PRO A 249 7.84 46.42 24.75
C PRO A 249 6.39 46.86 24.97
N ILE A 250 5.73 46.14 25.87
CA ILE A 250 4.30 46.32 26.15
C ILE A 250 4.13 46.95 27.53
N THR A 251 3.31 48.00 27.60
CA THR A 251 3.03 48.66 28.88
C THR A 251 2.08 47.81 29.70
N MET A 252 2.39 47.66 30.99
CA MET A 252 1.57 46.86 31.91
C MET A 252 1.13 47.73 33.07
N THR A 253 -0.16 47.68 33.38
CA THR A 253 -0.75 48.41 34.49
C THR A 253 -1.38 47.42 35.45
N ILE A 254 -0.99 47.48 36.71
CA ILE A 254 -1.38 46.50 37.71
C ILE A 254 -1.82 47.27 38.95
N PRO A 255 -2.85 46.84 39.69
CA PRO A 255 -3.20 47.54 40.92
C PRO A 255 -2.10 47.40 41.96
N VAL A 256 -2.14 48.28 42.96
CA VAL A 256 -1.13 48.35 44.00
C VAL A 256 -1.66 47.65 45.25
N PRO A 257 -0.99 46.59 45.73
CA PRO A 257 -1.44 45.95 46.96
C PRO A 257 -1.29 46.88 48.14
N PRO A 258 -2.14 46.74 49.17
CA PRO A 258 -2.06 47.64 50.31
C PRO A 258 -0.74 47.47 51.04
N PRO A 259 -0.24 48.53 51.66
CA PRO A 259 1.06 48.42 52.36
C PRO A 259 0.96 47.66 53.67
N SER A 260 2.07 47.03 54.03
CA SER A 260 2.23 46.40 55.33
C SER A 260 3.56 46.85 55.92
N PRO A 274 12.72 50.11 50.03
CA PRO A 274 11.46 50.04 49.29
C PRO A 274 10.69 48.75 49.58
N SER A 275 9.48 48.88 50.13
CA SER A 275 8.71 47.72 50.56
C SER A 275 8.03 47.02 49.37
N LEU A 276 7.55 47.78 48.40
CA LEU A 276 6.90 47.21 47.22
C LEU A 276 7.92 46.47 46.34
N ARG A 277 7.50 45.31 45.82
CA ARG A 277 8.35 44.49 44.96
C ARG A 277 7.49 43.84 43.87
N LEU A 278 8.11 43.59 42.71
CA LEU A 278 7.44 42.99 41.55
C LEU A 278 8.05 41.62 41.27
N LEU A 279 7.21 40.59 41.28
CA LEU A 279 7.62 39.23 41.00
C LEU A 279 7.23 38.82 39.57
N CYS A 280 8.02 37.89 39.00
CA CYS A 280 7.86 37.49 37.61
C CYS A 280 8.21 36.01 37.42
N SER A 281 7.48 35.33 36.53
CA SER A 281 7.69 33.91 36.22
C SER A 281 7.58 33.67 34.72
N ILE A 282 8.59 33.02 34.13
CA ILE A 282 8.65 32.79 32.70
C ILE A 282 8.58 31.31 32.32
N THR A 283 8.25 30.43 33.26
CA THR A 283 8.17 29.01 32.92
C THR A 283 7.05 28.78 31.92
N GLY A 284 7.34 28.01 30.87
CA GLY A 284 6.39 27.80 29.79
C GLY A 284 5.46 26.61 29.99
N GLY A 285 4.27 26.74 29.43
CA GLY A 285 3.33 25.63 29.32
C GLY A 285 3.03 24.95 30.63
N THR A 286 3.04 23.62 30.62
CA THR A 286 2.66 22.84 31.79
C THR A 286 3.63 23.02 32.94
N SER A 287 4.86 23.38 32.64
CA SER A 287 5.92 23.42 33.64
C SER A 287 5.53 24.30 34.82
N PRO A 288 5.86 23.89 36.05
CA PRO A 288 5.52 24.69 37.23
C PRO A 288 6.27 26.01 37.22
N ALA A 289 5.60 27.03 37.77
CA ALA A 289 6.12 28.40 37.76
C ALA A 289 7.33 28.56 38.65
N GLN A 290 8.23 29.46 38.25
CA GLN A 290 9.41 29.82 39.01
C GLN A 290 9.38 31.33 39.21
N TRP A 291 9.54 31.78 40.44
CA TRP A 291 9.41 33.18 40.78
C TRP A 291 10.75 33.82 41.09
N GLU A 292 10.95 35.03 40.58
CA GLU A 292 12.14 35.82 40.86
C GLU A 292 11.73 37.29 40.97
N ASP A 293 12.58 38.07 41.65
CA ASP A 293 12.32 39.46 41.96
C ASP A 293 13.01 40.30 40.89
N ILE A 294 12.25 41.16 40.20
CA ILE A 294 12.77 41.93 39.08
C ILE A 294 12.76 43.44 39.35
N THR A 295 12.67 43.86 40.62
CA THR A 295 12.50 45.28 40.95
C THR A 295 13.51 46.17 40.25
N GLY A 296 14.74 45.68 40.04
CA GLY A 296 15.77 46.48 39.39
C GLY A 296 15.52 46.74 37.92
N THR A 297 15.01 45.74 37.19
CA THR A 297 14.86 45.83 35.75
C THR A 297 13.55 46.47 35.30
N THR A 298 12.82 47.09 36.22
CA THR A 298 11.44 47.50 35.94
C THR A 298 11.18 48.92 36.43
N PRO A 299 11.09 49.90 35.52
CA PRO A 299 10.66 51.24 35.94
C PRO A 299 9.20 51.22 36.38
N LEU A 300 8.96 51.40 37.68
CA LEU A 300 7.61 51.26 38.23
C LEU A 300 6.95 52.63 38.26
N THR A 301 6.47 53.05 37.10
CA THR A 301 5.66 54.27 37.01
C THR A 301 4.36 54.07 37.78
N PHE A 302 3.78 55.17 38.26
CA PHE A 302 2.55 55.12 39.04
C PHE A 302 1.47 55.96 38.37
N ILE A 303 0.28 55.40 38.23
CA ILE A 303 -0.87 56.09 37.66
C ILE A 303 -2.10 55.74 38.50
N LYS A 304 -2.33 56.50 39.57
CA LYS A 304 -3.55 56.39 40.38
C LYS A 304 -3.77 54.99 40.95
N ASP A 305 -3.05 54.65 42.02
CA ASP A 305 -3.18 53.35 42.69
C ASP A 305 -2.79 52.20 41.76
N CYS A 306 -1.81 52.43 40.90
CA CYS A 306 -1.40 51.44 39.92
C CYS A 306 0.11 51.51 39.75
N VAL A 307 0.65 50.52 39.05
CA VAL A 307 2.06 50.46 38.66
C VAL A 307 2.08 50.24 37.15
N SER A 308 2.55 51.23 36.40
CA SER A 308 2.77 51.09 34.97
C SER A 308 4.25 50.83 34.67
N PHE A 309 4.51 49.90 33.76
CA PHE A 309 5.88 49.55 33.43
C PHE A 309 5.93 48.88 32.06
N THR A 310 7.14 48.64 31.59
CA THR A 310 7.40 48.04 30.29
C THR A 310 7.99 46.64 30.43
N THR A 311 7.72 45.79 29.44
CA THR A 311 8.32 44.46 29.36
C THR A 311 8.26 43.94 27.93
N ASN A 312 9.38 43.41 27.46
CA ASN A 312 9.48 42.84 26.11
C ASN A 312 9.14 41.36 26.06
N VAL A 313 8.83 40.74 27.20
CA VAL A 313 8.59 39.31 27.28
C VAL A 313 7.28 39.07 28.03
N SER A 314 6.55 38.03 27.61
CA SER A 314 5.24 37.70 28.15
C SER A 314 5.40 36.68 29.28
N ALA A 315 4.93 37.04 30.48
CA ALA A 315 5.13 36.15 31.62
C ALA A 315 4.19 36.55 32.75
N ARG A 316 4.08 35.66 33.74
CA ARG A 316 3.32 35.97 34.95
C ARG A 316 3.99 37.09 35.74
N PHE A 317 3.18 38.03 36.24
CA PHE A 317 3.65 39.17 37.01
C PHE A 317 2.86 39.28 38.31
N TRP A 318 3.55 39.65 39.39
CA TRP A 318 2.90 39.74 40.71
C TRP A 318 3.56 40.86 41.49
N LEU A 319 2.75 41.63 42.22
CA LEU A 319 3.26 42.63 43.15
C LEU A 319 3.18 42.09 44.57
N ALA A 320 4.31 42.20 45.28
CA ALA A 320 4.41 41.76 46.66
C ALA A 320 4.94 42.93 47.47
N ASP A 321 4.14 43.46 48.40
CA ASP A 321 4.53 44.61 49.20
C ASP A 321 4.76 44.12 50.62
N CYS A 322 6.03 44.06 51.02
CA CYS A 322 6.40 43.80 52.39
C CYS A 322 7.83 44.31 52.58
N HIS A 323 8.11 44.77 53.79
CA HIS A 323 9.38 45.46 54.05
C HIS A 323 10.56 44.49 54.00
N GLN A 324 10.40 43.26 54.45
CA GLN A 324 11.51 42.30 54.44
C GLN A 324 11.64 41.74 53.03
N VAL A 325 12.61 42.27 52.28
CA VAL A 325 12.71 42.01 50.86
C VAL A 325 13.07 40.55 50.57
N LEU A 326 14.02 39.99 51.32
CA LEU A 326 14.49 38.65 50.98
C LEU A 326 13.40 37.60 51.14
N GLU A 327 12.50 37.78 52.11
CA GLU A 327 11.49 36.78 52.39
C GLU A 327 10.49 36.60 51.25
N THR A 328 10.23 37.65 50.45
CA THR A 328 9.04 37.70 49.59
C THR A 328 8.89 36.47 48.70
N VAL A 329 9.93 36.13 47.94
CA VAL A 329 9.81 35.05 46.95
C VAL A 329 9.42 33.74 47.63
N GLY A 330 10.09 33.39 48.72
CA GLY A 330 9.76 32.18 49.44
C GLY A 330 8.34 32.21 49.96
N LEU A 331 7.96 33.31 50.59
CA LEU A 331 6.57 33.45 51.07
C LEU A 331 5.60 33.40 49.90
N ALA A 332 5.96 34.01 48.77
CA ALA A 332 5.09 33.96 47.59
C ALA A 332 4.88 32.52 47.16
N SER A 333 5.95 31.71 47.19
CA SER A 333 5.86 30.31 46.83
C SER A 333 4.86 29.58 47.72
N GLN A 334 4.87 29.91 49.01
CA GLN A 334 3.91 29.30 49.93
C GLN A 334 2.48 29.62 49.51
N LEU A 335 2.23 30.88 49.08
CA LEU A 335 0.93 31.25 48.54
C LEU A 335 0.67 30.65 47.17
N TYR A 336 1.66 30.68 46.27
CA TYR A 336 1.39 30.24 44.91
C TYR A 336 0.93 28.79 44.90
N ARG A 337 1.60 27.95 45.68
CA ARG A 337 1.18 26.55 45.77
C ARG A 337 -0.27 26.43 46.23
N GLU A 338 -0.69 27.31 47.15
CA GLU A 338 -2.09 27.29 47.58
C GLU A 338 -3.02 27.77 46.48
N LEU A 339 -2.62 28.80 45.72
CA LEU A 339 -3.50 29.43 44.75
C LEU A 339 -3.84 28.49 43.58
N ILE A 340 -2.86 27.70 43.13
CA ILE A 340 -3.04 26.82 41.98
C ILE A 340 -4.07 25.73 42.24
N CYS A 341 -4.36 25.42 43.50
CA CYS A 341 -5.36 24.41 43.82
C CYS A 341 -6.71 24.81 43.22
N VAL A 342 -7.37 23.84 42.60
CA VAL A 342 -8.58 24.05 41.81
C VAL A 342 -9.84 23.70 42.62
N PRO A 343 -10.91 24.49 42.52
CA PRO A 343 -12.14 24.21 43.27
C PRO A 343 -13.09 23.22 42.61
N TYR A 344 -13.79 22.46 43.46
CA TYR A 344 -14.69 21.39 43.00
C TYR A 344 -15.95 21.39 43.85
N MET A 345 -17.11 21.57 43.22
CA MET A 345 -18.39 21.49 43.91
C MET A 345 -18.66 20.06 44.36
N ALA A 346 -18.33 19.75 45.61
CA ALA A 346 -18.50 18.42 46.18
C ALA A 346 -19.72 18.36 47.09
N LYS A 347 -20.31 17.18 47.19
CA LYS A 347 -21.35 16.89 48.16
C LYS A 347 -20.77 16.05 49.30
N PHE A 348 -21.18 16.34 50.52
CA PHE A 348 -20.84 15.50 51.67
C PHE A 348 -21.98 14.53 51.93
N VAL A 349 -21.62 13.28 52.22
CA VAL A 349 -22.59 12.21 52.49
C VAL A 349 -22.11 11.42 53.70
N VAL A 350 -23.06 11.05 54.56
CA VAL A 350 -22.78 10.37 55.82
C VAL A 350 -23.62 9.09 55.86
N PHE A 351 -22.97 7.94 55.84
CA PHE A 351 -23.62 6.65 56.07
C PHE A 351 -23.43 6.22 57.53
N ALA A 352 -24.18 5.19 57.95
CA ALA A 352 -24.18 4.77 59.35
C ALA A 352 -24.58 3.30 59.48
N LYS A 353 -24.09 2.65 60.54
CA LYS A 353 -24.45 1.28 60.85
C LYS A 353 -24.21 1.00 62.33
N THR A 354 -25.14 0.31 62.98
CA THR A 354 -24.97 -0.03 64.40
C THR A 354 -24.12 -1.31 64.55
N SER A 361 -18.65 2.20 62.28
CA SER A 361 -20.09 2.36 62.39
C SER A 361 -20.57 3.51 61.51
N LEU A 362 -19.76 4.57 61.41
CA LEU A 362 -20.09 5.75 60.61
C LEU A 362 -19.08 5.93 59.48
N ARG A 363 -19.60 6.24 58.29
CA ARG A 363 -18.78 6.48 57.10
C ARG A 363 -19.11 7.87 56.58
N CYS A 364 -18.07 8.65 56.29
CA CYS A 364 -18.21 10.01 55.77
C CYS A 364 -17.54 10.10 54.41
N PHE A 365 -18.33 10.38 53.38
CA PHE A 365 -17.83 10.49 52.02
C PHE A 365 -17.89 11.94 51.56
N CYS A 366 -16.86 12.37 50.84
CA CYS A 366 -16.93 13.59 50.05
C CYS A 366 -16.76 13.16 48.60
N MET A 367 -17.77 13.43 47.77
CA MET A 367 -17.84 12.82 46.46
C MET A 367 -18.22 13.84 45.39
N THR A 368 -17.70 13.59 44.18
CA THR A 368 -18.01 14.34 42.97
C THR A 368 -18.14 13.34 41.84
N ASP A 369 -19.37 13.08 41.39
CA ASP A 369 -19.81 12.12 40.37
C ASP A 369 -19.70 10.67 40.84
N ASP A 370 -19.24 10.43 42.07
CA ASP A 370 -19.15 9.06 42.58
C ASP A 370 -20.56 8.47 42.69
N ARG A 371 -20.64 7.15 42.54
CA ARG A 371 -21.92 6.48 42.59
C ARG A 371 -22.57 6.69 43.95
N VAL A 372 -23.73 7.35 43.97
CA VAL A 372 -24.43 7.52 45.23
C VAL A 372 -25.07 6.19 45.62
N ASP A 373 -25.38 6.04 46.90
CA ASP A 373 -25.72 4.74 47.47
C ASP A 373 -24.59 3.76 47.18
N LYS A 374 -23.42 4.08 47.74
CA LYS A 374 -22.19 3.34 47.48
C LYS A 374 -22.40 1.85 47.69
N THR A 375 -21.82 1.05 46.79
CA THR A 375 -22.08 -0.38 46.78
C THR A 375 -21.55 -1.08 48.02
N LEU A 376 -20.36 -0.66 48.51
CA LEU A 376 -19.80 -1.29 49.71
C LEU A 376 -20.72 -1.10 50.92
N GLU A 377 -21.38 0.05 51.01
CA GLU A 377 -22.25 0.31 52.15
C GLU A 377 -23.56 -0.47 52.05
N GLN A 378 -24.26 -0.32 50.93
CA GLN A 378 -25.47 -1.12 50.71
C GLN A 378 -25.21 -2.60 50.94
N GLN A 379 -24.00 -3.07 50.60
CA GLN A 379 -23.61 -4.45 50.92
C GLN A 379 -23.49 -4.65 52.42
N GLU A 380 -22.75 -3.77 53.12
CA GLU A 380 -22.52 -3.86 54.57
C GLU A 380 -23.67 -3.28 55.42
N ASN A 381 -24.88 -3.11 54.87
CA ASN A 381 -26.10 -2.77 55.63
C ASN A 381 -26.06 -1.36 56.24
N PHE A 382 -25.31 -0.43 55.66
CA PHE A 382 -25.35 0.97 56.11
C PHE A 382 -26.67 1.62 55.68
N GLU A 383 -26.82 2.92 56.02
CA GLU A 383 -27.95 3.71 55.54
C GLU A 383 -27.52 5.16 55.31
N GLU A 384 -28.24 5.85 54.43
CA GLU A 384 -27.91 7.24 54.05
C GLU A 384 -28.60 8.22 55.00
N VAL A 385 -27.96 8.47 56.15
CA VAL A 385 -28.56 9.30 57.19
C VAL A 385 -28.40 10.81 56.91
N ALA A 386 -27.37 11.22 56.18
CA ALA A 386 -27.12 12.64 55.95
C ALA A 386 -26.63 12.89 54.53
N ARG A 387 -27.31 13.77 53.81
CA ARG A 387 -26.87 14.32 52.54
C ARG A 387 -26.53 15.79 52.73
N SER A 388 -25.87 16.38 51.73
CA SER A 388 -25.52 17.79 51.80
C SER A 388 -25.76 18.46 50.47
N LYS A 389 -25.90 19.78 50.52
CA LYS A 389 -25.90 20.55 49.29
C LYS A 389 -24.46 20.66 48.80
N ASP A 390 -24.32 21.01 47.53
CA ASP A 390 -23.00 21.11 46.93
C ASP A 390 -22.25 22.33 47.48
N ILE A 391 -21.08 22.11 48.07
CA ILE A 391 -20.27 23.17 48.66
C ILE A 391 -18.85 23.08 48.14
N GLU A 392 -18.29 24.24 47.78
CA GLU A 392 -16.97 24.29 47.15
C GLU A 392 -15.88 23.84 48.12
N VAL A 393 -15.02 22.94 47.65
CA VAL A 393 -13.89 22.43 48.43
C VAL A 393 -12.70 22.35 47.47
N LEU A 394 -11.50 22.22 48.05
CA LEU A 394 -10.27 22.24 47.27
C LEU A 394 -9.62 20.86 47.19
N GLU A 395 -9.24 20.48 45.97
CA GLU A 395 -8.55 19.21 45.73
C GLU A 395 -7.12 19.27 46.27
N GLY A 396 -6.72 18.19 46.96
CA GLY A 396 -5.40 18.09 47.55
C GLY A 396 -5.28 18.79 48.88
N LYS A 397 -6.33 19.45 49.33
CA LYS A 397 -6.39 20.17 50.57
C LYS A 397 -7.22 19.38 51.55
N PRO A 398 -6.69 19.06 52.73
CA PRO A 398 -7.46 18.25 53.67
C PRO A 398 -8.59 19.05 54.28
N ILE A 399 -9.69 18.37 54.57
CA ILE A 399 -10.83 18.95 55.25
C ILE A 399 -11.01 18.19 56.55
N TYR A 400 -11.11 18.94 57.66
CA TYR A 400 -11.19 18.40 59.01
C TYR A 400 -12.65 18.19 59.44
N VAL A 401 -12.87 17.15 60.22
CA VAL A 401 -14.20 16.72 60.64
C VAL A 401 -14.35 16.96 62.13
N ASP A 402 -15.45 17.61 62.51
CA ASP A 402 -15.76 17.92 63.89
C ASP A 402 -17.19 17.47 64.18
N CYS A 403 -17.42 16.88 65.35
CA CYS A 403 -18.75 16.46 65.79
C CYS A 403 -19.15 17.26 67.02
N TYR A 404 -20.38 17.78 67.02
CA TYR A 404 -20.89 18.61 68.12
C TYR A 404 -22.21 18.04 68.62
N GLY A 405 -22.25 17.67 69.90
CA GLY A 405 -23.45 17.18 70.55
C GLY A 405 -23.70 15.68 70.49
N ASN A 406 -22.74 14.90 70.00
CA ASN A 406 -22.90 13.45 69.84
C ASN A 406 -21.59 12.75 70.18
N LEU A 407 -21.59 11.43 70.06
CA LEU A 407 -20.43 10.60 70.37
C LEU A 407 -19.22 11.00 69.52
N ALA A 408 -18.04 10.75 70.06
CA ALA A 408 -16.76 11.04 69.45
C ALA A 408 -15.98 9.76 69.20
N PRO A 409 -15.04 9.75 68.26
CA PRO A 409 -14.26 8.55 68.00
C PRO A 409 -13.21 8.29 69.08
N LEU A 410 -12.89 7.01 69.27
CA LEU A 410 -11.91 6.63 70.29
C LEU A 410 -10.52 7.19 69.99
N THR A 411 -10.07 7.10 68.73
CA THR A 411 -8.74 7.54 68.30
C THR A 411 -7.62 7.02 69.21
N GLN A 415 -5.81 12.89 69.19
CA GLN A 415 -5.46 12.62 67.79
C GLN A 415 -6.68 12.80 66.89
N GLN A 416 -6.92 14.03 66.47
CA GLN A 416 -8.05 14.30 65.57
C GLN A 416 -7.85 13.58 64.24
N LEU A 417 -8.97 13.33 63.58
CA LEU A 417 -8.98 12.58 62.33
C LEU A 417 -9.37 13.48 61.16
N VAL A 418 -8.81 13.18 59.99
CA VAL A 418 -8.95 14.01 58.80
C VAL A 418 -8.79 13.16 57.55
N PHE A 419 -9.29 13.70 56.43
CA PHE A 419 -9.01 13.17 55.11
C PHE A 419 -8.86 14.35 54.15
N ASN A 420 -8.23 14.07 53.00
CA ASN A 420 -8.12 15.03 51.92
C ASN A 420 -9.25 14.78 50.91
N PHE A 421 -9.52 15.79 50.10
CA PHE A 421 -10.45 15.65 48.98
C PHE A 421 -9.66 15.56 47.68
N TYR A 422 -9.62 14.37 47.09
CA TYR A 422 -9.09 14.15 45.74
C TYR A 422 -10.26 14.09 44.76
N SER A 423 -10.27 15.00 43.78
CA SER A 423 -11.34 15.03 42.78
C SER A 423 -11.44 13.73 42.00
N PHE A 424 -12.68 13.36 41.66
CA PHE A 424 -13.05 12.16 40.92
C PHE A 424 -12.62 10.86 41.59
N LYS A 425 -12.22 10.94 42.86
CA LYS A 425 -11.91 9.76 43.66
C LYS A 425 -12.92 9.65 44.78
N GLU A 426 -13.12 8.43 45.27
CA GLU A 426 -14.01 8.18 46.39
C GLU A 426 -13.22 8.39 47.69
N ASN A 427 -13.52 9.49 48.37
CA ASN A 427 -12.84 9.86 49.62
C ASN A 427 -13.63 9.34 50.82
N ARG A 428 -13.09 8.30 51.45
CA ARG A 428 -13.74 7.51 52.50
C ARG A 428 -13.17 7.81 53.88
N LEU A 429 -14.05 8.15 54.83
CA LEU A 429 -13.66 8.35 56.24
C LEU A 429 -14.38 7.36 57.14
N PRO A 430 -13.70 6.38 57.72
CA PRO A 430 -14.34 5.49 58.69
C PRO A 430 -14.41 6.15 60.07
N PHE A 431 -15.27 5.58 60.91
CA PHE A 431 -15.51 6.13 62.24
C PHE A 431 -15.75 4.99 63.22
N SER A 432 -15.04 5.02 64.35
CA SER A 432 -15.33 4.11 65.45
C SER A 432 -16.34 4.79 66.36
N ILE A 433 -17.62 4.49 66.14
CA ILE A 433 -18.70 5.05 66.96
C ILE A 433 -19.79 4.00 67.19
N THR A 438 -26.02 12.02 76.81
CA THR A 438 -27.14 11.54 77.61
C THR A 438 -27.95 10.49 76.84
N SER A 439 -29.12 10.16 77.37
CA SER A 439 -30.01 9.18 76.75
C SER A 439 -31.39 9.82 76.61
N GLN A 440 -31.50 10.73 75.64
CA GLN A 440 -32.76 11.40 75.33
C GLN A 440 -33.00 11.39 73.83
N GLU A 441 -32.19 12.12 73.07
CA GLU A 441 -32.29 12.13 71.61
C GLU A 441 -30.91 11.85 71.02
N PRO A 442 -30.80 10.96 70.03
CA PRO A 442 -29.50 10.67 69.42
C PRO A 442 -29.01 11.70 68.42
N CYS A 443 -29.76 12.79 68.21
CA CYS A 443 -29.40 13.80 67.23
C CYS A 443 -28.02 14.40 67.51
N GLY A 444 -27.29 14.67 66.42
CA GLY A 444 -25.99 15.30 66.50
C GLY A 444 -25.73 16.06 65.21
N ARG A 445 -24.86 17.07 65.31
CA ARG A 445 -24.50 17.90 64.16
C ARG A 445 -22.99 17.94 64.04
N LEU A 446 -22.48 17.64 62.85
CA LEU A 446 -21.05 17.62 62.58
C LEU A 446 -20.71 18.60 61.47
N SER A 447 -19.53 19.21 61.60
CA SER A 447 -19.08 20.24 60.68
C SER A 447 -17.78 19.81 60.00
N PHE A 448 -17.56 20.37 58.80
CA PHE A 448 -16.40 20.12 57.98
C PHE A 448 -15.73 21.45 57.67
N LEU A 449 -14.48 21.62 58.09
CA LEU A 449 -13.80 22.89 57.90
C LEU A 449 -12.38 22.68 57.38
N LYS A 450 -11.93 23.59 56.52
CA LYS A 450 -10.59 23.48 55.94
C LYS A 450 -9.52 23.66 57.02
N GLU A 451 -9.72 24.60 57.95
CA GLU A 451 -8.77 24.85 59.03
C GLU A 451 -8.92 23.77 60.11
N PRO A 452 -7.85 23.50 60.89
CA PRO A 452 -7.94 22.46 61.92
C PRO A 452 -9.05 22.67 62.96
N THR A 455 -9.52 24.65 66.11
CA THR A 455 -8.40 25.40 66.67
C THR A 455 -8.69 25.90 68.09
N LYS A 456 -9.95 26.24 68.34
CA LYS A 456 -10.47 26.64 69.66
C LYS A 456 -9.96 28.00 70.13
N GLY A 457 -8.92 28.55 69.48
CA GLY A 457 -8.48 29.90 69.82
C GLY A 457 -9.42 30.96 69.30
N LEU A 458 -9.90 30.80 68.06
CA LEU A 458 -10.90 31.66 67.46
C LEU A 458 -11.79 30.80 66.57
N PRO A 459 -12.99 31.26 66.26
CA PRO A 459 -13.87 30.46 65.39
C PRO A 459 -13.64 30.68 63.91
N GLN A 460 -13.56 29.59 63.14
CA GLN A 460 -13.37 29.65 61.70
C GLN A 460 -14.66 29.22 61.01
N THR A 461 -15.12 30.01 60.04
CA THR A 461 -16.35 29.69 59.33
C THR A 461 -16.25 28.34 58.62
N ALA A 462 -17.32 27.56 58.71
CA ALA A 462 -17.33 26.19 58.23
C ALA A 462 -17.58 26.13 56.73
N VAL A 463 -17.28 24.98 56.15
CA VAL A 463 -17.60 24.71 54.75
C VAL A 463 -18.90 23.93 54.62
N CYS A 464 -19.08 22.87 55.40
CA CYS A 464 -20.33 22.12 55.42
C CYS A 464 -20.79 21.89 56.86
N ASN A 465 -22.09 21.73 57.04
CA ASN A 465 -22.69 21.51 58.37
C ASN A 465 -23.87 20.55 58.21
N LEU A 466 -23.64 19.28 58.54
CA LEU A 466 -24.64 18.23 58.37
C LEU A 466 -25.21 17.78 59.70
N ASN A 467 -26.50 18.02 59.89
CA ASN A 467 -27.26 17.46 61.01
C ASN A 467 -27.58 16.00 60.73
N ILE A 468 -27.37 15.13 61.74
CA ILE A 468 -27.50 13.68 61.57
C ILE A 468 -28.31 13.07 62.73
N THR A 469 -28.88 11.88 62.48
CA THR A 469 -29.67 11.13 63.46
C THR A 469 -29.45 9.62 63.27
N LEU A 470 -29.09 8.92 64.35
CA LEU A 470 -28.76 7.48 64.30
C LEU A 470 -30.02 6.60 64.22
N PRO A 471 -29.86 5.27 63.89
CA PRO A 471 -31.03 4.37 63.83
C PRO A 471 -31.32 3.48 65.03
N ALA A 472 -30.31 3.21 65.87
CA ALA A 472 -30.47 2.43 67.12
C ALA A 472 -31.08 1.04 66.91
N HIS A 473 -30.56 0.30 65.93
CA HIS A 473 -31.09 -1.05 65.69
C HIS A 473 -30.64 -2.03 66.78
N LYS A 474 -29.38 -1.94 67.18
CA LYS A 474 -28.80 -2.85 68.16
C LYS A 474 -27.53 -2.21 68.71
N LYS A 475 -27.14 -2.62 69.91
CA LYS A 475 -25.98 -2.03 70.58
C LYS A 475 -24.69 -2.34 69.82
N ALA A 476 -23.77 -1.39 69.85
CA ALA A 476 -22.50 -1.51 69.13
C ALA A 476 -21.34 -0.98 69.96
N ALA B 11 16.36 -21.60 79.61
CA ALA B 11 15.10 -20.89 79.79
C ALA B 11 15.29 -19.38 79.60
N ALA B 12 16.39 -18.85 80.13
CA ALA B 12 16.67 -17.43 79.96
C ALA B 12 16.90 -17.09 78.49
N GLU B 13 17.63 -17.97 77.78
CA GLU B 13 17.82 -17.79 76.35
C GLU B 13 16.50 -17.97 75.60
N ALA B 14 15.62 -18.86 76.07
CA ALA B 14 14.37 -19.14 75.37
C ALA B 14 13.54 -17.88 75.18
N GLU B 15 13.57 -16.98 76.15
CA GLU B 15 12.86 -15.71 75.99
C GLU B 15 13.43 -14.93 74.82
N ALA B 16 14.76 -14.86 74.70
CA ALA B 16 15.38 -14.19 73.57
C ALA B 16 15.04 -14.91 72.27
N TRP B 17 15.03 -16.25 72.30
CA TRP B 17 14.68 -17.03 71.12
C TRP B 17 13.26 -16.73 70.67
N MET B 18 12.33 -16.64 71.63
CA MET B 18 10.95 -16.28 71.32
C MET B 18 10.86 -14.86 70.77
N SER B 19 11.64 -13.94 71.36
CA SER B 19 11.64 -12.54 70.91
C SER B 19 12.08 -12.45 69.45
N GLU B 20 13.04 -13.29 69.05
CA GLU B 20 13.49 -13.30 67.66
C GLU B 20 12.33 -13.67 66.74
N GLN B 21 11.55 -14.70 67.10
CA GLN B 21 10.34 -15.02 66.33
C GLN B 21 9.35 -13.85 66.34
N GLU B 22 9.24 -13.18 67.49
CA GLU B 22 8.36 -12.01 67.60
C GLU B 22 8.75 -10.95 66.56
N LEU B 23 10.04 -10.77 66.33
CA LEU B 23 10.51 -9.83 65.30
C LEU B 23 10.12 -10.28 63.89
N TYR B 24 10.34 -11.56 63.57
CA TYR B 24 10.03 -12.05 62.23
C TYR B 24 8.55 -11.98 61.92
N MET B 25 7.71 -12.38 62.87
CA MET B 25 6.27 -12.42 62.63
C MET B 25 5.69 -11.04 62.36
N MET B 26 6.21 -9.99 63.00
CA MET B 26 5.69 -8.64 62.79
C MET B 26 6.45 -7.95 61.65
N SER B 27 5.80 -7.84 60.49
CA SER B 27 6.37 -7.21 59.31
C SER B 27 5.23 -6.87 58.34
N GLU B 28 5.57 -6.07 57.33
CA GLU B 28 4.60 -5.70 56.30
C GLU B 28 5.16 -5.97 54.90
N ASP B 33 1.93 -9.70 44.56
CA ASP B 33 1.33 -10.68 43.66
C ASP B 33 0.92 -11.96 44.38
N GLU B 34 0.24 -12.86 43.67
CA GLU B 34 -0.21 -14.10 44.28
C GLU B 34 0.97 -14.98 44.70
N GLN B 35 2.06 -14.97 43.92
CA GLN B 35 3.23 -15.78 44.23
C GLN B 35 3.86 -15.39 45.57
N SER B 36 3.96 -14.09 45.85
CA SER B 36 4.56 -13.65 47.12
C SER B 36 3.69 -14.10 48.29
N ALA B 37 2.39 -13.89 48.19
CA ALA B 37 1.49 -14.25 49.29
C ALA B 37 1.46 -15.75 49.54
N VAL B 38 1.43 -16.55 48.46
CA VAL B 38 1.34 -18.01 48.62
C VAL B 38 2.58 -18.55 49.35
N SER B 39 3.76 -17.99 49.05
CA SER B 39 4.98 -18.40 49.77
C SER B 39 4.97 -17.84 51.19
N MET B 40 4.68 -16.54 51.33
CA MET B 40 4.50 -15.89 52.61
C MET B 40 3.82 -16.81 53.61
N LEU B 41 2.62 -17.29 53.23
CA LEU B 41 1.88 -18.22 54.07
C LEU B 41 2.56 -19.58 54.19
N LYS B 42 3.26 -20.02 53.13
CA LYS B 42 4.02 -21.27 53.22
C LYS B 42 5.07 -21.20 54.34
N LYS B 43 5.87 -20.15 54.36
CA LYS B 43 6.82 -19.93 55.46
C LYS B 43 6.10 -19.88 56.80
N HIS B 44 5.09 -19.02 56.92
CA HIS B 44 4.43 -18.77 58.20
C HIS B 44 3.85 -20.06 58.79
N GLN B 45 3.40 -20.99 57.94
CA GLN B 45 2.90 -22.26 58.45
C GLN B 45 4.00 -23.04 59.15
N ILE B 46 5.22 -23.00 58.61
CA ILE B 46 6.35 -23.68 59.22
C ILE B 46 6.69 -23.06 60.58
N LEU B 47 6.64 -21.73 60.68
CA LEU B 47 6.93 -21.08 61.97
C LEU B 47 5.92 -21.47 63.03
N GLU B 48 4.64 -21.58 62.65
CA GLU B 48 3.63 -22.02 63.60
C GLU B 48 3.94 -23.44 64.09
N GLN B 49 4.36 -24.31 63.18
CA GLN B 49 4.77 -25.65 63.59
C GLN B 49 6.00 -25.58 64.50
N ALA B 50 6.92 -24.66 64.19
CA ALA B 50 8.08 -24.40 65.06
C ALA B 50 7.65 -23.87 66.43
N VAL B 51 6.62 -23.01 66.45
CA VAL B 51 6.08 -22.50 67.72
C VAL B 51 5.53 -23.64 68.56
N GLU B 52 4.91 -24.63 67.91
CA GLU B 52 4.47 -25.82 68.64
C GLU B 52 5.65 -26.55 69.26
N ASP B 53 6.79 -26.58 68.57
CA ASP B 53 7.99 -27.18 69.16
C ASP B 53 8.41 -26.42 70.42
N TYR B 54 8.34 -25.09 70.38
CA TYR B 54 8.60 -24.30 71.58
C TYR B 54 7.60 -24.64 72.68
N ALA B 55 6.35 -24.93 72.30
CA ALA B 55 5.34 -25.34 73.27
C ALA B 55 5.76 -26.58 74.03
N GLU B 56 6.38 -27.54 73.33
CA GLU B 56 6.92 -28.71 74.00
C GLU B 56 8.02 -28.31 74.99
N THR B 57 8.87 -27.36 74.59
CA THR B 57 9.90 -26.83 75.49
C THR B 57 9.28 -26.10 76.68
N VAL B 58 8.24 -25.29 76.44
CA VAL B 58 7.65 -24.49 77.51
C VAL B 58 6.94 -25.36 78.55
N HIS B 59 6.23 -26.42 78.12
CA HIS B 59 5.48 -27.23 79.08
C HIS B 59 6.43 -27.91 80.06
N GLN B 60 7.50 -28.53 79.56
CA GLN B 60 8.46 -29.16 80.45
C GLN B 60 9.24 -28.11 81.25
N LEU B 61 9.72 -27.05 80.57
CA LEU B 61 10.42 -25.98 81.25
C LEU B 61 9.59 -25.41 82.40
N SER B 62 8.28 -25.22 82.17
CA SER B 62 7.40 -24.75 83.24
C SER B 62 7.37 -25.75 84.38
N LYS B 63 7.27 -27.05 84.05
CA LYS B 63 7.27 -28.08 85.09
C LYS B 63 8.58 -28.09 85.87
N THR B 64 9.72 -27.99 85.15
CA THR B 64 11.02 -27.96 85.80
C THR B 64 11.19 -26.68 86.64
N SER B 65 10.76 -25.54 86.11
CA SER B 65 10.88 -24.29 86.85
C SER B 65 10.10 -24.31 88.16
N ARG B 66 8.96 -25.01 88.18
CA ARG B 66 8.10 -25.04 89.37
C ARG B 66 8.88 -25.43 90.62
N ALA B 67 9.54 -26.60 90.60
CA ALA B 67 10.44 -27.04 91.68
C ALA B 67 9.82 -26.84 93.07
N LEU B 68 8.53 -27.13 93.18
CA LEU B 68 7.79 -26.90 94.43
C LEU B 68 8.22 -27.87 95.54
N VAL B 69 8.41 -29.16 95.20
CA VAL B 69 8.68 -30.16 96.23
C VAL B 69 9.98 -29.84 96.96
N ALA B 70 11.01 -29.41 96.21
CA ALA B 70 12.27 -29.06 96.85
C ALA B 70 12.07 -27.91 97.83
N ASP B 71 11.12 -27.02 97.53
CA ASP B 71 10.79 -25.85 98.35
C ASP B 71 12.01 -24.96 98.56
N SER B 72 12.95 -25.00 97.62
CA SER B 72 14.11 -24.14 97.70
C SER B 72 13.65 -22.69 97.55
N HIS B 73 14.30 -21.81 98.28
CA HIS B 73 13.93 -20.39 98.25
C HIS B 73 15.04 -19.44 97.80
N PRO B 74 16.14 -19.87 97.15
CA PRO B 74 17.17 -18.88 96.77
C PRO B 74 16.62 -17.80 95.87
N GLU B 75 15.84 -18.17 94.87
CA GLU B 75 15.24 -17.23 93.94
C GLU B 75 13.77 -17.56 93.69
N SER B 76 13.18 -18.46 94.49
CA SER B 76 11.80 -18.91 94.32
C SER B 76 10.84 -17.80 93.91
N GLU B 77 10.91 -16.63 94.57
CA GLU B 77 10.08 -15.51 94.15
C GLU B 77 10.46 -15.07 92.74
N ARG B 78 11.77 -14.96 92.47
CA ARG B 78 12.24 -14.59 91.14
C ARG B 78 11.86 -15.66 90.11
N ILE B 79 12.04 -16.94 90.47
CA ILE B 79 11.74 -18.04 89.56
C ILE B 79 10.26 -18.06 89.17
N SER B 80 9.37 -17.92 90.17
CA SER B 80 7.94 -17.94 89.90
C SER B 80 7.53 -16.83 88.93
N MET B 81 8.32 -15.76 88.83
CA MET B 81 8.07 -14.68 87.90
C MET B 81 8.66 -14.97 86.52
N ARG B 82 9.88 -15.52 86.46
CA ARG B 82 10.48 -15.83 85.16
C ARG B 82 9.68 -16.89 84.42
N GLN B 83 9.25 -17.95 85.12
CA GLN B 83 8.45 -18.98 84.48
C GLN B 83 7.12 -18.39 84.02
N SER B 84 6.48 -17.57 84.87
CA SER B 84 5.22 -16.94 84.47
C SER B 84 5.41 -15.99 83.30
N LYS B 85 6.50 -15.20 83.29
CA LYS B 85 6.76 -14.34 82.13
C LYS B 85 6.95 -15.20 80.89
N VAL B 86 7.65 -16.32 81.02
CA VAL B 86 7.85 -17.23 79.91
C VAL B 86 6.50 -17.72 79.39
N ASP B 87 5.60 -18.09 80.31
CA ASP B 87 4.27 -18.54 79.91
C ASP B 87 3.51 -17.44 79.17
N LYS B 88 3.57 -16.21 79.71
CA LYS B 88 2.94 -15.09 79.02
C LYS B 88 3.62 -14.82 77.69
N LEU B 89 4.96 -14.92 77.68
CA LEU B 89 5.71 -14.69 76.45
C LEU B 89 5.31 -15.67 75.36
N TYR B 90 5.21 -16.97 75.70
CA TYR B 90 4.89 -17.96 74.68
C TYR B 90 3.43 -17.85 74.24
N ALA B 91 2.51 -17.74 75.19
CA ALA B 91 1.09 -17.69 74.83
C ALA B 91 0.80 -16.47 73.97
N GLY B 92 1.36 -15.32 74.33
CA GLY B 92 1.19 -14.14 73.49
C GLY B 92 1.81 -14.32 72.12
N LEU B 93 2.98 -14.96 72.08
CA LEU B 93 3.67 -15.23 70.82
C LEU B 93 2.83 -16.14 69.92
N LYS B 94 2.29 -17.23 70.49
CA LYS B 94 1.39 -18.10 69.74
C LYS B 94 0.20 -17.32 69.21
N ASP B 95 -0.39 -16.47 70.06
CA ASP B 95 -1.52 -15.66 69.62
C ASP B 95 -1.14 -14.77 68.45
N LEU B 96 0.03 -14.14 68.52
CA LEU B 96 0.50 -13.29 67.42
C LEU B 96 0.70 -14.09 66.15
N ALA B 97 1.19 -15.33 66.27
CA ALA B 97 1.37 -16.15 65.08
C ALA B 97 0.04 -16.35 64.36
N GLU B 98 -1.03 -16.61 65.11
CA GLU B 98 -2.35 -16.77 64.51
C GLU B 98 -2.84 -15.47 63.89
N GLU B 99 -2.61 -14.33 64.54
CA GLU B 99 -3.09 -13.05 64.03
C GLU B 99 -2.50 -12.75 62.66
N ARG B 100 -1.18 -12.95 62.50
CA ARG B 100 -0.58 -12.73 61.19
C ARG B 100 -1.10 -13.74 60.17
N ARG B 101 -1.16 -15.03 60.55
CA ARG B 101 -1.64 -16.07 59.64
C ARG B 101 -2.94 -15.66 58.95
N GLY B 102 -3.87 -15.12 59.70
CA GLY B 102 -5.10 -14.63 59.10
C GLY B 102 -4.85 -13.47 58.15
N LYS B 103 -4.01 -12.52 58.57
CA LYS B 103 -3.71 -11.35 57.73
C LYS B 103 -3.03 -11.76 56.43
N LEU B 104 -2.08 -12.70 56.51
CA LEU B 104 -1.43 -13.20 55.30
C LEU B 104 -2.40 -13.96 54.41
N ASP B 105 -3.25 -14.79 55.02
CA ASP B 105 -4.25 -15.52 54.25
C ASP B 105 -5.18 -14.56 53.52
N GLU B 106 -5.52 -13.45 54.17
CA GLU B 106 -6.34 -12.44 53.50
C GLU B 106 -5.65 -11.92 52.24
N ARG B 107 -4.34 -11.66 52.32
CA ARG B 107 -3.62 -11.16 51.15
C ARG B 107 -3.64 -12.17 50.02
N HIS B 108 -3.42 -13.45 50.35
CA HIS B 108 -3.44 -14.50 49.32
C HIS B 108 -4.83 -14.61 48.71
N ARG B 109 -5.87 -14.64 49.55
CA ARG B 109 -7.23 -14.71 49.02
C ARG B 109 -7.55 -13.47 48.21
N LEU B 110 -7.10 -12.29 48.68
CA LEU B 110 -7.36 -11.06 47.95
C LEU B 110 -6.69 -11.10 46.59
N PHE B 111 -5.42 -11.48 46.57
CA PHE B 111 -4.69 -11.55 45.30
C PHE B 111 -5.25 -12.64 44.40
N GLN B 112 -5.58 -13.80 44.98
CA GLN B 112 -6.12 -14.90 44.18
C GLN B 112 -7.39 -14.46 43.46
N LEU B 113 -8.29 -13.78 44.16
CA LEU B 113 -9.50 -13.28 43.52
C LEU B 113 -9.19 -12.22 42.47
N ASN B 114 -8.27 -11.28 42.76
CA ASN B 114 -7.94 -10.24 41.79
C ASN B 114 -7.57 -10.81 40.44
N ARG B 115 -6.84 -11.94 40.43
CA ARG B 115 -6.46 -12.53 39.16
C ARG B 115 -7.69 -12.85 38.33
N GLU B 116 -8.71 -13.42 38.95
CA GLU B 116 -9.94 -13.78 38.26
C GLU B 116 -10.67 -12.53 37.75
N VAL B 117 -10.76 -11.49 38.56
CA VAL B 117 -11.41 -10.24 38.11
C VAL B 117 -10.71 -9.71 36.87
N ASP B 118 -9.37 -9.73 36.87
CA ASP B 118 -8.62 -9.31 35.69
C ASP B 118 -8.82 -10.26 34.51
N ASP B 119 -8.93 -11.56 34.78
CA ASP B 119 -9.22 -12.52 33.71
C ASP B 119 -10.56 -12.21 33.07
N LEU B 120 -11.57 -11.99 33.90
CA LEU B 120 -12.90 -11.63 33.38
C LEU B 120 -12.83 -10.29 32.65
N GLU B 121 -12.08 -9.33 33.20
CA GLU B 121 -11.96 -8.03 32.55
C GLU B 121 -11.26 -8.16 31.20
N GLN B 122 -10.26 -9.04 31.10
CA GLN B 122 -9.61 -9.30 29.81
C GLN B 122 -10.58 -9.92 28.81
N TRP B 123 -11.41 -10.86 29.28
CA TRP B 123 -12.38 -11.54 28.43
C TRP B 123 -13.32 -10.54 27.77
N ILE B 124 -13.85 -9.61 28.56
CA ILE B 124 -14.75 -8.60 28.06
C ILE B 124 -14.06 -7.72 27.04
N ALA B 125 -12.78 -7.43 27.26
CA ALA B 125 -12.03 -6.65 26.27
C ALA B 125 -11.96 -7.40 24.94
N GLU B 126 -11.91 -8.73 25.00
CA GLU B 126 -11.84 -9.59 23.81
C GLU B 126 -13.17 -9.55 23.05
N ARG B 127 -14.26 -9.93 23.73
CA ARG B 127 -15.59 -9.91 23.16
C ARG B 127 -16.00 -8.50 22.74
N GLU B 128 -15.59 -7.51 23.51
CA GLU B 128 -15.84 -6.13 23.11
C GLU B 128 -15.22 -5.85 21.75
N VAL B 129 -14.01 -6.37 21.52
CA VAL B 129 -13.38 -6.20 20.21
C VAL B 129 -14.24 -6.84 19.13
N VAL B 130 -14.76 -8.04 19.41
CA VAL B 130 -15.56 -8.75 18.43
C VAL B 130 -16.79 -7.92 18.06
N ALA B 131 -17.48 -7.39 19.07
CA ALA B 131 -18.68 -6.59 18.82
C ALA B 131 -18.32 -5.16 18.43
N GLY B 132 -17.07 -4.76 18.68
CA GLY B 132 -16.62 -3.45 18.24
C GLY B 132 -16.62 -3.39 16.74
N SER B 133 -16.18 -4.48 16.10
CA SER B 133 -16.10 -4.68 14.65
C SER B 133 -17.36 -4.15 13.97
N HIS B 134 -17.23 -3.00 13.33
CA HIS B 134 -18.30 -2.44 12.52
C HIS B 134 -18.09 -2.81 11.05
N GLU B 135 -18.24 -4.10 10.78
CA GLU B 135 -18.16 -4.65 9.43
C GLU B 135 -19.58 -4.74 8.87
N LEU B 136 -19.91 -3.81 7.98
CA LEU B 136 -21.25 -3.70 7.41
C LEU B 136 -21.62 -4.89 6.52
N GLY B 137 -20.68 -5.36 5.68
CA GLY B 137 -20.95 -6.48 4.79
C GLY B 137 -20.84 -6.16 3.32
N GLN B 138 -20.26 -7.08 2.55
CA GLN B 138 -20.05 -6.86 1.10
C GLN B 138 -21.35 -6.92 0.30
N ASP B 139 -22.21 -7.90 0.59
CA ASP B 139 -23.45 -8.11 -0.16
C ASP B 139 -24.50 -8.66 0.78
N TYR B 140 -25.70 -8.87 0.24
CA TYR B 140 -26.79 -9.43 1.05
C TYR B 140 -26.44 -10.84 1.55
N GLU B 141 -25.80 -11.64 0.71
CA GLU B 141 -25.42 -12.99 1.13
C GLU B 141 -24.47 -12.95 2.34
N HIS B 142 -23.64 -11.91 2.43
CA HIS B 142 -22.71 -11.75 3.54
C HIS B 142 -23.42 -11.32 4.82
N VAL B 143 -24.12 -10.19 4.78
CA VAL B 143 -24.77 -9.66 5.98
C VAL B 143 -25.70 -10.70 6.61
N THR B 144 -26.25 -11.62 5.82
CA THR B 144 -27.05 -12.69 6.41
C THR B 144 -26.19 -13.61 7.27
N MET B 145 -24.99 -13.96 6.81
CA MET B 145 -24.11 -14.78 7.62
C MET B 145 -23.67 -14.03 8.87
N LEU B 146 -23.22 -12.79 8.69
CA LEU B 146 -22.87 -11.93 9.82
C LEU B 146 -23.97 -11.95 10.88
N GLN B 147 -25.20 -11.61 10.47
CA GLN B 147 -26.30 -11.50 11.43
C GLN B 147 -26.67 -12.83 12.05
N GLU B 148 -26.67 -13.91 11.26
CA GLU B 148 -27.08 -15.19 11.82
C GLU B 148 -25.96 -15.86 12.61
N ARG B 149 -24.72 -15.40 12.45
CA ARG B 149 -23.58 -15.80 13.29
C ARG B 149 -23.51 -14.97 14.56
N PHE B 150 -23.45 -13.64 14.41
CA PHE B 150 -23.38 -12.75 15.56
C PHE B 150 -24.49 -13.03 16.57
N ARG B 151 -25.67 -13.38 16.09
CA ARG B 151 -26.77 -13.69 17.00
C ARG B 151 -26.44 -14.92 17.84
N GLU B 152 -25.71 -15.87 17.28
CA GLU B 152 -25.27 -17.01 18.08
C GLU B 152 -24.18 -16.60 19.06
N PHE B 153 -23.23 -15.78 18.59
CA PHE B 153 -22.16 -15.30 19.46
C PHE B 153 -22.72 -14.50 20.64
N ALA B 154 -23.75 -13.69 20.40
CA ALA B 154 -24.38 -12.97 21.50
C ALA B 154 -25.08 -13.94 22.46
N ARG B 155 -25.80 -14.93 21.92
CA ARG B 155 -26.44 -15.93 22.77
C ARG B 155 -25.42 -16.62 23.67
N ASP B 156 -24.25 -16.96 23.14
CA ASP B 156 -23.27 -17.71 23.92
C ASP B 156 -22.61 -16.83 24.99
N THR B 157 -21.95 -15.75 24.56
CA THR B 157 -21.45 -14.73 25.46
C THR B 157 -22.42 -14.39 26.59
N GLY B 158 -23.65 -14.01 26.23
CA GLY B 158 -24.66 -13.70 27.23
C GLY B 158 -24.92 -14.82 28.23
N ASN B 159 -24.73 -16.07 27.82
CA ASN B 159 -24.91 -17.16 28.76
C ASN B 159 -23.67 -17.35 29.65
N ILE B 160 -22.52 -17.65 29.04
CA ILE B 160 -21.33 -17.98 29.83
C ILE B 160 -20.80 -16.76 30.56
N GLY B 161 -20.78 -15.61 29.88
CA GLY B 161 -20.41 -14.37 30.56
C GLY B 161 -21.12 -14.17 31.89
N GLN B 162 -22.43 -14.37 31.90
CA GLN B 162 -23.18 -14.21 33.13
C GLN B 162 -22.82 -15.27 34.16
N GLU B 163 -22.49 -16.49 33.72
CA GLU B 163 -21.98 -17.49 34.64
C GLU B 163 -20.74 -16.99 35.38
N ARG B 164 -19.76 -16.46 34.64
CA ARG B 164 -18.50 -16.04 35.27
C ARG B 164 -18.69 -14.80 36.13
N VAL B 165 -19.40 -13.78 35.63
CA VAL B 165 -19.61 -12.56 36.42
C VAL B 165 -20.37 -12.90 37.69
N ASP B 166 -21.34 -13.80 37.60
CA ASP B 166 -22.02 -14.26 38.81
C ASP B 166 -21.05 -14.99 39.72
N THR B 167 -20.14 -15.79 39.15
CA THR B 167 -19.16 -16.53 39.95
C THR B 167 -18.23 -15.57 40.67
N VAL B 168 -17.69 -14.58 39.95
CA VAL B 168 -16.77 -13.63 40.57
C VAL B 168 -17.50 -12.78 41.61
N ASN B 169 -18.74 -12.37 41.33
CA ASN B 169 -19.49 -11.65 42.35
C ASN B 169 -19.76 -12.54 43.55
N ASN B 170 -20.06 -13.82 43.33
CA ASN B 170 -20.20 -14.74 44.44
C ASN B 170 -18.87 -14.83 45.22
N MET B 171 -17.76 -14.96 44.49
CA MET B 171 -16.45 -15.05 45.12
C MET B 171 -16.09 -13.76 45.84
N ALA B 172 -16.33 -12.62 45.21
CA ALA B 172 -16.05 -11.33 45.85
C ALA B 172 -17.01 -11.06 47.01
N ASP B 173 -18.29 -11.41 46.84
CA ASP B 173 -19.23 -11.23 47.95
C ASP B 173 -18.79 -12.03 49.16
N GLU B 174 -18.24 -13.23 48.94
CA GLU B 174 -17.75 -14.06 50.04
C GLU B 174 -16.63 -13.38 50.79
N LEU B 175 -15.68 -12.74 50.09
CA LEU B 175 -14.59 -12.06 50.78
C LEU B 175 -15.09 -10.86 51.58
N ILE B 176 -15.91 -10.00 50.98
CA ILE B 176 -16.42 -8.85 51.72
C ILE B 176 -17.32 -9.30 52.85
N ASN B 177 -18.23 -10.23 52.56
CA ASN B 177 -19.06 -10.80 53.61
C ASN B 177 -18.20 -11.49 54.67
N SER B 178 -17.06 -12.07 54.27
CA SER B 178 -16.16 -12.71 55.24
C SER B 178 -15.57 -11.72 56.22
N GLY B 179 -15.52 -10.43 55.88
CA GLY B 179 -14.85 -9.45 56.71
C GLY B 179 -13.38 -9.30 56.35
N HIS B 180 -13.10 -8.82 55.14
CA HIS B 180 -11.73 -8.58 54.71
C HIS B 180 -11.27 -7.22 55.19
N SER B 181 -10.00 -7.16 55.62
CA SER B 181 -9.39 -5.90 56.03
C SER B 181 -9.05 -5.02 54.84
N ASP B 182 -9.17 -5.55 53.62
CA ASP B 182 -8.88 -4.81 52.41
C ASP B 182 -10.11 -4.64 51.54
N ALA B 183 -11.29 -5.05 52.02
CA ALA B 183 -12.51 -5.07 51.21
C ALA B 183 -13.12 -3.70 50.96
N ALA B 184 -12.30 -2.68 50.74
CA ALA B 184 -12.76 -1.45 50.12
C ALA B 184 -12.41 -1.40 48.66
N THR B 185 -11.31 -2.05 48.27
CA THR B 185 -10.93 -2.13 46.88
C THR B 185 -11.49 -3.38 46.24
N ILE B 186 -11.88 -4.36 47.05
CA ILE B 186 -12.65 -5.48 46.52
C ILE B 186 -13.97 -4.96 45.94
N ALA B 187 -14.70 -4.16 46.72
CA ALA B 187 -15.96 -3.58 46.25
C ALA B 187 -15.74 -2.62 45.07
N GLU B 188 -14.68 -1.80 45.12
CA GLU B 188 -14.33 -0.99 43.96
C GLU B 188 -14.14 -1.84 42.71
N TRP B 189 -13.49 -2.99 42.86
CA TRP B 189 -13.29 -3.90 41.74
C TRP B 189 -14.62 -4.46 41.23
N LYS B 190 -15.54 -4.74 42.16
CA LYS B 190 -16.85 -5.29 41.80
C LYS B 190 -17.62 -4.32 40.91
N ASP B 191 -17.75 -3.07 41.36
CA ASP B 191 -18.32 -2.02 40.53
C ASP B 191 -17.63 -1.94 39.17
N GLY B 192 -16.30 -1.95 39.16
CA GLY B 192 -15.59 -1.85 37.90
C GLY B 192 -15.91 -2.99 36.93
N LEU B 193 -15.96 -4.22 37.43
CA LEU B 193 -16.26 -5.36 36.57
C LEU B 193 -17.71 -5.31 36.08
N ASN B 194 -18.65 -5.23 37.02
CA ASN B 194 -20.07 -5.23 36.65
C ASN B 194 -20.41 -4.08 35.71
N GLU B 195 -19.76 -2.93 35.88
CA GLU B 195 -19.90 -1.85 34.91
C GLU B 195 -19.47 -2.31 33.52
N ALA B 196 -18.25 -2.86 33.42
CA ALA B 196 -17.71 -3.23 32.12
C ALA B 196 -18.50 -4.38 31.50
N TRP B 197 -19.01 -5.30 32.32
CA TRP B 197 -19.86 -6.37 31.82
C TRP B 197 -21.11 -5.81 31.17
N ALA B 198 -21.86 -5.00 31.92
CA ALA B 198 -23.06 -4.37 31.39
C ALA B 198 -22.74 -3.39 30.28
N ASP B 199 -21.47 -3.00 30.09
CA ASP B 199 -21.10 -2.29 28.88
C ASP B 199 -21.04 -3.22 27.67
N LEU B 200 -20.54 -4.45 27.85
CA LEU B 200 -20.47 -5.38 26.73
C LEU B 200 -21.85 -5.77 26.24
N LEU B 201 -22.72 -6.23 27.13
CA LEU B 201 -24.09 -6.58 26.73
C LEU B 201 -24.72 -5.43 25.94
N GLU B 202 -24.56 -4.21 26.44
CA GLU B 202 -25.16 -3.07 25.77
C GLU B 202 -24.51 -2.85 24.40
N LEU B 203 -23.19 -3.00 24.30
CA LEU B 203 -22.52 -2.92 23.00
C LEU B 203 -23.05 -3.99 22.05
N ILE B 204 -23.09 -5.24 22.51
CA ILE B 204 -23.67 -6.36 21.80
C ILE B 204 -25.02 -5.99 21.19
N ASP B 205 -25.91 -5.40 21.98
CA ASP B 205 -27.24 -5.07 21.48
C ASP B 205 -27.16 -4.03 20.36
N THR B 206 -26.41 -2.95 20.56
CA THR B 206 -26.34 -1.96 19.49
C THR B 206 -25.63 -2.47 18.25
N ARG B 207 -24.80 -3.51 18.37
CA ARG B 207 -24.25 -4.16 17.20
C ARG B 207 -25.31 -5.01 16.51
N THR B 208 -26.08 -5.77 17.30
CA THR B 208 -27.21 -6.52 16.75
C THR B 208 -28.15 -5.60 15.95
N GLN B 209 -28.58 -4.50 16.56
CA GLN B 209 -29.37 -3.51 15.85
C GLN B 209 -28.72 -3.05 14.56
N ILE B 210 -27.44 -2.66 14.63
CA ILE B 210 -26.74 -2.17 13.45
C ILE B 210 -26.69 -3.21 12.34
N LEU B 211 -26.63 -4.50 12.69
CA LEU B 211 -26.67 -5.53 11.66
C LEU B 211 -28.07 -5.62 11.03
N ALA B 212 -29.11 -5.76 11.86
CA ALA B 212 -30.49 -5.73 11.39
C ALA B 212 -30.75 -4.58 10.42
N ALA B 213 -30.26 -3.37 10.74
CA ALA B 213 -30.45 -2.25 9.82
C ALA B 213 -29.74 -2.48 8.49
N SER B 214 -28.51 -3.00 8.54
CA SER B 214 -27.77 -3.28 7.31
C SER B 214 -28.47 -4.35 6.48
N TYR B 215 -28.94 -5.39 7.14
CA TYR B 215 -29.66 -6.47 6.48
C TYR B 215 -30.95 -5.95 5.85
N GLU B 216 -31.64 -5.03 6.53
CA GLU B 216 -32.86 -4.46 5.97
C GLU B 216 -32.57 -3.67 4.70
N LEU B 217 -31.52 -2.84 4.72
CA LEU B 217 -31.15 -2.11 3.50
C LEU B 217 -30.65 -3.07 2.43
N HIS B 218 -29.81 -4.03 2.83
CA HIS B 218 -29.27 -4.96 1.85
C HIS B 218 -30.39 -5.75 1.18
N LYS B 219 -31.40 -6.15 1.96
CA LYS B 219 -32.55 -6.83 1.37
C LYS B 219 -33.25 -5.93 0.38
N PHE B 220 -33.43 -4.64 0.71
CA PHE B 220 -34.08 -3.77 -0.25
C PHE B 220 -33.27 -3.66 -1.53
N TYR B 221 -31.96 -3.49 -1.41
CA TYR B 221 -31.17 -3.35 -2.62
C TYR B 221 -31.20 -4.63 -3.45
N HIS B 222 -31.07 -5.78 -2.81
CA HIS B 222 -31.14 -7.04 -3.53
C HIS B 222 -32.54 -7.25 -4.12
N ASP B 223 -33.59 -6.94 -3.35
CA ASP B 223 -34.96 -7.05 -3.85
C ASP B 223 -35.20 -6.14 -5.05
N ALA B 224 -34.59 -4.94 -5.04
CA ALA B 224 -34.76 -4.03 -6.17
C ALA B 224 -34.22 -4.65 -7.45
N LYS B 225 -33.05 -5.27 -7.39
CA LYS B 225 -32.47 -5.89 -8.58
C LYS B 225 -33.38 -6.99 -9.11
N GLU B 226 -33.88 -7.85 -8.22
CA GLU B 226 -34.74 -8.94 -8.67
C GLU B 226 -36.06 -8.44 -9.25
N ILE B 227 -36.71 -7.49 -8.58
CA ILE B 227 -38.00 -7.00 -9.10
C ILE B 227 -37.81 -6.32 -10.44
N PHE B 228 -36.79 -5.45 -10.53
CA PHE B 228 -36.52 -4.77 -11.80
C PHE B 228 -36.22 -5.78 -12.90
N GLY B 229 -35.46 -6.83 -12.56
CA GLY B 229 -35.20 -7.86 -13.55
C GLY B 229 -36.47 -8.58 -13.96
N ARG B 230 -37.30 -8.95 -12.98
CA ARG B 230 -38.55 -9.65 -13.27
C ARG B 230 -39.52 -8.77 -14.05
N ILE B 231 -39.64 -7.49 -13.68
CA ILE B 231 -40.58 -6.60 -14.36
C ILE B 231 -40.19 -6.45 -15.82
N GLN B 232 -38.92 -6.13 -16.09
CA GLN B 232 -38.48 -5.98 -17.47
C GLN B 232 -38.46 -7.33 -18.19
N ASP B 233 -38.06 -8.40 -17.49
CA ASP B 233 -38.03 -9.71 -18.12
C ASP B 233 -39.42 -10.15 -18.58
N LYS B 234 -40.43 -9.96 -17.73
CA LYS B 234 -41.80 -10.27 -18.12
C LYS B 234 -42.27 -9.34 -19.24
N HIS B 235 -41.71 -8.12 -19.31
CA HIS B 235 -42.04 -7.21 -20.41
C HIS B 235 -41.51 -7.73 -21.74
N LYS B 236 -40.34 -8.37 -21.75
CA LYS B 236 -39.80 -8.94 -22.98
C LYS B 236 -40.68 -10.07 -23.50
N LYS B 237 -41.28 -10.85 -22.59
CA LYS B 237 -42.17 -11.94 -22.96
C LYS B 237 -43.48 -11.44 -23.60
N LEU B 238 -43.86 -10.20 -23.36
CA LEU B 238 -45.11 -9.69 -23.91
C LEU B 238 -45.15 -9.65 -25.44
N PRO B 239 -44.07 -9.30 -26.17
CA PRO B 239 -44.17 -9.28 -27.64
C PRO B 239 -44.59 -10.60 -28.27
N GLU B 240 -44.09 -11.73 -27.77
CA GLU B 240 -44.48 -13.03 -28.32
C GLU B 240 -45.97 -13.28 -28.14
N GLU B 241 -46.52 -12.94 -26.97
CA GLU B 241 -47.95 -13.08 -26.69
C GLU B 241 -48.52 -14.45 -27.04
N ASN B 247 -58.41 -18.65 -31.81
CA ASN B 247 -57.22 -17.84 -31.56
C ASN B 247 -57.49 -16.81 -30.46
N THR B 248 -58.37 -15.83 -30.71
CA THR B 248 -58.68 -14.84 -29.68
C THR B 248 -59.31 -15.52 -28.47
N VAL B 249 -60.12 -16.56 -28.69
CA VAL B 249 -60.69 -17.31 -27.59
C VAL B 249 -59.58 -17.93 -26.73
N GLU B 250 -58.57 -18.52 -27.38
CA GLU B 250 -57.45 -19.11 -26.66
C GLU B 250 -56.62 -18.05 -25.93
N THR B 251 -56.31 -16.93 -26.59
CA THR B 251 -55.54 -15.87 -25.92
C THR B 251 -56.33 -15.22 -24.79
N LEU B 252 -57.64 -14.98 -24.99
CA LEU B 252 -58.44 -14.35 -23.94
C LEU B 252 -58.48 -15.22 -22.69
N GLN B 253 -58.65 -16.53 -22.84
CA GLN B 253 -58.60 -17.42 -21.69
C GLN B 253 -57.20 -17.45 -21.08
N ARG B 254 -56.16 -17.46 -21.93
CA ARG B 254 -54.78 -17.51 -21.44
C ARG B 254 -54.42 -16.29 -20.61
N MET B 255 -54.88 -15.10 -21.02
CA MET B 255 -54.57 -13.88 -20.29
C MET B 255 -55.29 -13.85 -18.94
N HIS B 256 -56.62 -13.98 -18.96
CA HIS B 256 -57.39 -13.91 -17.72
C HIS B 256 -56.99 -14.97 -16.70
N THR B 257 -56.79 -16.21 -17.15
CA THR B 257 -56.49 -17.29 -16.21
C THR B 257 -55.10 -17.16 -15.58
N THR B 258 -54.07 -16.86 -16.38
CA THR B 258 -52.70 -16.86 -15.87
C THR B 258 -52.06 -15.48 -15.81
N PHE B 259 -52.16 -14.71 -16.90
CA PHE B 259 -51.44 -13.44 -16.98
C PHE B 259 -51.93 -12.43 -15.95
N GLU B 260 -53.25 -12.31 -15.75
CA GLU B 260 -53.74 -11.33 -14.78
C GLU B 260 -53.26 -11.69 -13.38
N HIS B 261 -53.31 -12.98 -13.03
CA HIS B 261 -52.83 -13.39 -11.70
C HIS B 261 -51.33 -13.12 -11.58
N ASP B 262 -50.58 -13.37 -12.65
CA ASP B 262 -49.14 -13.10 -12.65
C ASP B 262 -48.81 -11.66 -12.30
N ILE B 263 -49.49 -10.69 -12.92
CA ILE B 263 -49.19 -9.27 -12.61
C ILE B 263 -49.65 -8.94 -11.20
N GLN B 264 -50.86 -9.36 -10.81
CA GLN B 264 -51.31 -9.12 -9.44
C GLN B 264 -50.22 -9.53 -8.45
N ALA B 265 -49.60 -10.70 -8.68
CA ALA B 265 -48.49 -11.12 -7.84
C ALA B 265 -47.30 -10.18 -8.00
N LEU B 266 -46.97 -9.81 -9.25
CA LEU B 266 -45.81 -8.94 -9.47
C LEU B 266 -46.05 -7.57 -8.87
N GLY B 267 -47.26 -7.03 -9.04
CA GLY B 267 -47.56 -5.74 -8.46
C GLY B 267 -47.52 -5.72 -6.94
N THR B 268 -48.00 -6.80 -6.30
CA THR B 268 -47.90 -6.88 -4.85
C THR B 268 -46.45 -6.81 -4.41
N GLN B 269 -45.56 -7.50 -5.14
CA GLN B 269 -44.14 -7.42 -4.86
C GLN B 269 -43.62 -5.99 -5.01
N VAL B 270 -44.05 -5.28 -6.06
CA VAL B 270 -43.60 -3.90 -6.25
C VAL B 270 -44.09 -3.02 -5.11
N ARG B 271 -45.36 -3.17 -4.73
CA ARG B 271 -45.92 -2.39 -3.64
C ARG B 271 -45.23 -2.74 -2.32
N GLN B 272 -45.02 -4.04 -2.09
CA GLN B 272 -44.33 -4.47 -0.88
C GLN B 272 -42.91 -3.91 -0.84
N LEU B 273 -42.20 -3.96 -1.98
CA LEU B 273 -40.90 -3.29 -2.11
C LEU B 273 -41.02 -1.80 -1.79
N GLN B 274 -42.09 -1.17 -2.28
CA GLN B 274 -42.34 0.25 -2.01
C GLN B 274 -42.50 0.52 -0.52
N GLU B 275 -43.18 -0.38 0.18
CA GLU B 275 -43.32 -0.25 1.63
C GLU B 275 -41.93 -0.28 2.28
N ASP B 276 -41.09 -1.23 1.86
CA ASP B 276 -39.73 -1.33 2.37
C ASP B 276 -38.95 -0.05 2.13
N ALA B 277 -39.02 0.48 0.91
CA ALA B 277 -38.39 1.75 0.60
C ALA B 277 -38.74 2.84 1.61
N ALA B 278 -40.03 2.96 1.95
CA ALA B 278 -40.47 3.99 2.88
C ALA B 278 -39.94 3.73 4.29
N ARG B 279 -40.11 2.50 4.78
CA ARG B 279 -39.58 2.14 6.09
C ARG B 279 -38.11 2.49 6.22
N LEU B 280 -37.30 1.98 5.30
CA LEU B 280 -35.90 2.38 5.19
C LEU B 280 -35.71 3.89 5.06
N GLN B 281 -36.63 4.57 4.37
CA GLN B 281 -36.44 5.98 4.07
C GLN B 281 -36.43 6.84 5.33
N ALA B 282 -37.19 6.43 6.35
CA ALA B 282 -37.15 7.12 7.65
C ALA B 282 -35.74 7.11 8.25
N ALA B 283 -35.09 5.94 8.25
CA ALA B 283 -33.83 5.75 8.96
C ALA B 283 -32.62 6.38 8.28
N TYR B 284 -32.68 6.69 6.98
CA TYR B 284 -31.53 7.27 6.29
C TYR B 284 -31.81 8.70 5.86
N ALA B 285 -30.75 9.35 5.37
CA ALA B 285 -30.84 10.71 4.86
C ALA B 285 -29.63 10.99 3.97
N GLY B 286 -29.77 12.02 3.13
CA GLY B 286 -28.69 12.42 2.24
C GLY B 286 -28.42 11.41 1.15
N ASP B 287 -27.13 11.24 0.84
CA ASP B 287 -26.73 10.45 -0.33
C ASP B 287 -27.31 9.05 -0.28
N LYS B 288 -27.29 8.41 0.90
CA LYS B 288 -27.85 7.07 1.04
C LYS B 288 -29.35 7.06 0.77
N ALA B 289 -30.07 8.07 1.27
CA ALA B 289 -31.50 8.20 1.00
C ALA B 289 -31.75 8.41 -0.49
N ASP B 290 -30.90 9.22 -1.13
CA ASP B 290 -31.05 9.50 -2.56
C ASP B 290 -30.92 8.24 -3.41
N ASP B 291 -29.93 7.40 -3.11
CA ASP B 291 -29.75 6.16 -3.85
C ASP B 291 -30.93 5.21 -3.66
N ILE B 292 -31.52 5.17 -2.46
CA ILE B 292 -32.71 4.35 -2.26
C ILE B 292 -33.84 4.85 -3.15
N GLN B 293 -34.03 6.18 -3.19
CA GLN B 293 -35.07 6.74 -4.04
C GLN B 293 -34.78 6.46 -5.52
N LYS B 294 -33.50 6.48 -5.92
CA LYS B 294 -33.16 6.23 -7.32
C LYS B 294 -33.56 4.81 -7.74
N ARG B 295 -33.20 3.81 -6.93
CA ARG B 295 -33.58 2.44 -7.25
C ARG B 295 -35.09 2.24 -7.18
N GLU B 296 -35.75 2.79 -6.16
CA GLU B 296 -37.20 2.64 -6.06
C GLU B 296 -37.88 3.28 -7.27
N ASN B 297 -37.42 4.48 -7.65
CA ASN B 297 -37.95 5.12 -8.84
C ASN B 297 -37.63 4.29 -10.07
N GLU B 298 -36.46 3.65 -10.07
CA GLU B 298 -36.07 2.78 -11.18
C GLU B 298 -37.08 1.64 -11.34
N VAL B 299 -37.45 1.00 -10.22
CA VAL B 299 -38.42 -0.09 -10.26
C VAL B 299 -39.78 0.43 -10.73
N LEU B 300 -40.21 1.57 -10.19
CA LEU B 300 -41.51 2.12 -10.55
C LEU B 300 -41.60 2.51 -12.03
N GLU B 301 -40.54 3.09 -12.57
CA GLU B 301 -40.55 3.47 -13.99
C GLU B 301 -40.70 2.24 -14.87
N ALA B 302 -39.91 1.18 -14.60
CA ALA B 302 -40.04 -0.05 -15.36
C ALA B 302 -41.43 -0.66 -15.18
N TRP B 303 -41.94 -0.61 -13.95
CA TRP B 303 -43.25 -1.16 -13.67
C TRP B 303 -44.34 -0.44 -14.45
N LYS B 304 -44.32 0.89 -14.40
CA LYS B 304 -45.31 1.67 -15.15
C LYS B 304 -45.15 1.43 -16.64
N SER B 305 -43.90 1.38 -17.12
CA SER B 305 -43.65 1.17 -18.54
C SER B 305 -44.28 -0.14 -19.02
N LEU B 306 -44.19 -1.19 -18.21
CA LEU B 306 -44.87 -2.44 -18.53
C LEU B 306 -46.39 -2.26 -18.54
N LEU B 307 -46.93 -1.47 -17.60
CA LEU B 307 -48.38 -1.29 -17.51
C LEU B 307 -48.96 -0.69 -18.78
N ASP B 308 -48.28 0.31 -19.39
CA ASP B 308 -48.79 0.85 -20.65
C ASP B 308 -48.88 -0.25 -21.72
N ALA B 309 -47.73 -0.85 -22.05
CA ALA B 309 -47.69 -1.81 -23.15
C ALA B 309 -48.67 -2.95 -22.93
N CYS B 310 -48.80 -3.40 -21.69
CA CYS B 310 -49.69 -4.50 -21.33
C CYS B 310 -51.17 -4.12 -21.27
N GLU B 311 -51.51 -2.83 -21.20
CA GLU B 311 -52.88 -2.46 -20.89
C GLU B 311 -53.88 -2.92 -21.95
N GLY B 312 -53.53 -2.76 -23.24
CA GLY B 312 -54.51 -3.00 -24.29
C GLY B 312 -55.02 -4.44 -24.30
N ARG B 313 -54.11 -5.41 -24.30
CA ARG B 313 -54.47 -6.82 -24.39
C ARG B 313 -54.57 -7.47 -23.00
N ARG B 314 -55.46 -6.94 -22.15
CA ARG B 314 -55.61 -7.47 -20.80
C ARG B 314 -57.07 -7.71 -20.45
N VAL B 315 -57.35 -8.89 -19.88
CA VAL B 315 -58.68 -9.28 -19.45
C VAL B 315 -58.78 -9.19 -17.94
N ARG B 316 -59.76 -8.46 -17.45
CA ARG B 316 -59.99 -8.32 -16.01
C ARG B 316 -61.42 -8.73 -15.69
N LEU B 317 -61.59 -9.37 -14.54
CA LEU B 317 -62.91 -9.75 -14.07
C LEU B 317 -63.66 -8.51 -13.59
N VAL B 318 -64.99 -8.57 -13.64
CA VAL B 318 -65.80 -7.43 -13.20
C VAL B 318 -65.57 -7.15 -11.71
N ASP B 319 -65.50 -8.20 -10.89
CA ASP B 319 -65.39 -8.01 -9.44
C ASP B 319 -64.10 -7.30 -9.03
N THR B 320 -62.97 -7.71 -9.58
CA THR B 320 -61.66 -7.13 -9.27
C THR B 320 -60.64 -7.46 -10.35
N VAL C 10 0.12 10.74 -6.07
CA VAL C 10 0.67 11.99 -6.58
C VAL C 10 1.62 11.69 -7.74
N SER C 11 2.19 10.50 -7.75
CA SER C 11 3.04 10.03 -8.84
C SER C 11 2.33 8.92 -9.59
N SER C 12 2.76 8.68 -10.81
CA SER C 12 2.11 7.77 -11.72
C SER C 12 3.15 6.95 -12.44
N PRO C 13 2.78 5.77 -12.94
CA PRO C 13 3.73 4.96 -13.71
C PRO C 13 4.04 5.63 -15.04
N VAL C 14 5.14 5.18 -15.67
CA VAL C 14 5.61 5.81 -16.90
C VAL C 14 5.03 5.10 -18.11
N HIS C 15 5.13 5.77 -19.27
CA HIS C 15 4.68 5.17 -20.53
C HIS C 15 5.38 5.89 -21.69
N SER C 16 6.27 5.17 -22.39
CA SER C 16 7.08 5.78 -23.44
C SER C 16 7.58 4.71 -24.40
N GLY C 17 8.19 5.18 -25.50
CA GLY C 17 8.75 4.31 -26.52
C GLY C 17 10.26 4.14 -26.37
N PHE C 18 10.74 2.92 -26.57
CA PHE C 18 12.14 2.57 -26.39
C PHE C 18 12.70 1.86 -27.62
N LEU C 19 13.97 2.15 -27.94
CA LEU C 19 14.64 1.40 -29.01
C LEU C 19 15.01 -0.01 -28.55
N VAL C 20 15.82 -0.12 -27.50
CA VAL C 20 16.31 -1.41 -27.02
C VAL C 20 16.30 -1.48 -25.48
N SER C 21 16.60 -0.36 -24.80
CA SER C 21 16.76 -0.34 -23.35
C SER C 21 15.99 0.83 -22.73
N PHE C 22 15.69 0.71 -21.44
CA PHE C 22 15.06 1.79 -20.68
C PHE C 22 15.25 1.54 -19.18
N MET C 23 15.15 2.62 -18.41
CA MET C 23 15.13 2.55 -16.95
C MET C 23 13.71 2.52 -16.42
N VAL C 24 13.47 1.70 -15.39
CA VAL C 24 12.17 1.65 -14.72
C VAL C 24 12.38 1.49 -13.22
N ASP C 25 11.60 2.23 -12.43
CA ASP C 25 11.58 2.13 -10.98
C ASP C 25 10.32 1.38 -10.54
N ALA C 26 9.99 1.49 -9.25
CA ALA C 26 8.82 0.80 -8.73
C ALA C 26 7.52 1.40 -9.25
N ARG C 27 7.51 2.70 -9.57
CA ARG C 27 6.26 3.40 -9.90
C ARG C 27 5.52 2.73 -11.06
N GLY C 28 6.24 2.22 -12.06
CA GLY C 28 5.60 1.49 -13.13
C GLY C 28 6.17 1.78 -14.51
N GLY C 29 5.76 1.02 -15.53
CA GLY C 29 6.19 1.30 -16.89
C GLY C 29 5.55 0.49 -18.01
N SER C 30 4.78 1.16 -18.89
CA SER C 30 4.29 0.54 -20.12
C SER C 30 5.13 1.09 -21.25
N MET C 31 5.89 0.23 -21.93
CA MET C 31 6.89 0.70 -22.88
C MET C 31 6.71 0.01 -24.23
N ARG C 32 6.44 0.80 -25.26
CA ARG C 32 6.28 0.30 -26.62
C ARG C 32 7.60 0.39 -27.38
N GLY C 33 7.94 -0.69 -28.08
CA GLY C 33 9.15 -0.73 -28.87
C GLY C 33 9.02 0.09 -30.13
N SER C 34 9.73 1.22 -30.20
CA SER C 34 9.61 2.10 -31.36
C SER C 34 10.33 1.51 -32.56
N ARG C 35 11.36 0.70 -32.33
CA ARG C 35 12.05 0.02 -33.41
C ARG C 35 11.17 -1.05 -34.04
N HIS C 36 10.91 -2.13 -33.29
CA HIS C 36 10.12 -3.26 -33.77
C HIS C 36 8.68 -3.05 -33.31
N HIS C 37 7.83 -2.58 -34.23
CA HIS C 37 6.45 -2.25 -33.89
C HIS C 37 5.73 -3.44 -33.26
N GLY C 38 4.90 -3.14 -32.27
CA GLY C 38 4.18 -4.14 -31.51
C GLY C 38 4.90 -4.66 -30.27
N MET C 39 6.22 -4.47 -30.18
CA MET C 39 7.01 -4.92 -29.04
C MET C 39 6.72 -4.01 -27.85
N ARG C 40 6.03 -4.56 -26.85
CA ARG C 40 5.56 -3.82 -25.69
C ARG C 40 6.01 -4.56 -24.44
N ILE C 41 6.45 -3.81 -23.42
CA ILE C 41 6.76 -4.36 -22.10
C ILE C 41 5.98 -3.59 -21.04
N ILE C 42 5.22 -4.31 -20.22
CA ILE C 42 4.45 -3.70 -19.15
C ILE C 42 5.02 -4.17 -17.81
N ILE C 43 5.50 -3.23 -17.02
CA ILE C 43 5.95 -3.43 -15.64
C ILE C 43 4.90 -2.80 -14.73
N PRO C 44 4.15 -3.59 -13.97
CA PRO C 44 3.11 -3.00 -13.10
C PRO C 44 3.72 -2.15 -12.00
N PRO C 45 2.92 -1.41 -11.24
CA PRO C 45 3.47 -0.65 -10.12
C PRO C 45 3.80 -1.54 -8.92
N ARG C 46 4.79 -1.09 -8.16
CA ARG C 46 5.26 -1.78 -6.96
C ARG C 46 5.74 -3.20 -7.30
N LYS C 47 6.19 -3.40 -8.55
CA LYS C 47 6.53 -4.72 -9.05
C LYS C 47 8.03 -4.96 -9.00
N CYS C 48 8.82 -4.11 -9.65
CA CYS C 48 10.26 -4.14 -9.44
C CYS C 48 10.62 -3.21 -8.28
N THR C 49 11.58 -3.63 -7.46
CA THR C 49 11.89 -2.96 -6.19
C THR C 49 12.88 -1.81 -6.37
N ALA C 50 14.01 -2.07 -7.02
CA ALA C 50 15.01 -1.05 -7.28
C ALA C 50 14.76 -0.39 -8.63
N PRO C 51 15.41 0.74 -8.90
CA PRO C 51 15.55 1.18 -10.29
C PRO C 51 16.49 0.23 -11.02
N THR C 52 16.09 -0.14 -12.23
CA THR C 52 16.71 -1.22 -12.99
C THR C 52 16.68 -0.86 -14.47
N ARG C 53 17.72 -1.29 -15.19
CA ARG C 53 17.80 -1.08 -16.64
C ARG C 53 17.35 -2.34 -17.38
N ILE C 54 16.14 -2.29 -17.96
CA ILE C 54 15.58 -3.40 -18.71
C ILE C 54 15.88 -3.24 -20.19
N THR C 55 16.36 -4.31 -20.83
CA THR C 55 16.70 -4.33 -22.25
C THR C 55 15.90 -5.42 -22.95
N CYS C 56 15.35 -5.09 -24.11
CA CYS C 56 14.60 -6.06 -24.92
C CYS C 56 15.12 -5.96 -26.36
N ARG C 57 16.04 -6.85 -26.73
CA ARG C 57 16.75 -6.75 -28.00
C ARG C 57 16.51 -7.99 -28.86
N LEU C 58 16.52 -7.78 -30.18
CA LEU C 58 16.36 -8.84 -31.17
C LEU C 58 17.68 -9.04 -31.90
N VAL C 59 18.20 -10.27 -31.85
CA VAL C 59 19.60 -10.50 -32.23
C VAL C 59 19.72 -10.56 -33.75
N LYS C 60 20.57 -9.69 -34.30
CA LYS C 60 20.95 -9.74 -35.70
C LYS C 60 22.44 -9.53 -35.96
N ARG C 61 23.20 -8.95 -35.02
CA ARG C 61 24.61 -8.65 -35.25
C ARG C 61 25.45 -9.93 -35.38
N HIS C 62 25.14 -10.96 -34.60
CA HIS C 62 25.95 -12.16 -34.60
C HIS C 62 25.06 -13.36 -34.30
N LYS C 63 25.62 -14.55 -34.51
CA LYS C 63 24.92 -15.79 -34.27
C LYS C 63 25.29 -16.28 -32.88
N LEU C 64 24.28 -16.47 -32.04
CA LEU C 64 24.53 -16.95 -30.69
C LEU C 64 24.93 -18.42 -30.73
N ALA C 65 25.82 -18.79 -29.82
CA ALA C 65 26.23 -20.18 -29.75
C ALA C 65 25.05 -21.01 -29.24
N ASN C 66 24.91 -22.22 -29.79
CA ASN C 66 23.85 -23.17 -29.47
C ASN C 66 22.48 -22.49 -29.38
N PRO C 67 21.91 -22.06 -30.50
CA PRO C 67 20.57 -21.45 -30.47
C PRO C 67 19.51 -22.51 -30.19
N PRO C 68 18.26 -22.13 -29.92
CA PRO C 68 17.31 -23.11 -29.33
C PRO C 68 17.18 -24.37 -30.15
N PRO C 69 17.07 -25.53 -29.48
CA PRO C 69 17.00 -26.83 -30.18
C PRO C 69 15.64 -27.17 -30.79
N MET C 70 15.41 -26.80 -32.05
CA MET C 70 14.16 -27.08 -32.73
C MET C 70 14.24 -28.40 -33.50
N VAL C 71 13.22 -29.26 -33.32
CA VAL C 71 13.15 -30.52 -34.05
C VAL C 71 12.84 -30.22 -35.50
N GLU C 72 12.74 -31.26 -36.33
CA GLU C 72 12.47 -31.05 -37.74
C GLU C 72 11.07 -30.49 -37.95
N GLY C 73 10.98 -29.45 -38.77
CA GLY C 73 9.73 -28.79 -39.05
C GLY C 73 9.42 -27.61 -38.17
N GLU C 74 10.07 -27.51 -37.01
CA GLU C 74 9.90 -26.33 -36.17
C GLU C 74 10.69 -25.15 -36.75
N GLY C 75 10.29 -23.94 -36.34
CA GLY C 75 10.94 -22.73 -36.81
C GLY C 75 10.61 -21.57 -35.89
N LEU C 76 11.57 -20.63 -35.80
CA LEU C 76 11.41 -19.50 -34.88
C LEU C 76 10.41 -18.49 -35.40
N ALA C 77 9.34 -18.26 -34.63
CA ALA C 77 8.33 -17.28 -34.95
C ALA C 77 8.94 -15.89 -35.09
N SER C 78 9.45 -15.33 -33.98
CA SER C 78 10.22 -14.10 -34.01
C SER C 78 11.70 -14.42 -33.96
N ARG C 79 12.53 -13.38 -33.93
CA ARG C 79 13.95 -13.59 -33.74
C ARG C 79 14.18 -14.03 -32.29
N LEU C 80 15.42 -13.99 -31.85
CA LEU C 80 15.73 -14.31 -30.47
C LEU C 80 15.85 -13.00 -29.70
N VAL C 81 15.28 -12.97 -28.48
CA VAL C 81 15.25 -11.75 -27.66
C VAL C 81 16.20 -11.89 -26.50
N GLU C 82 17.06 -10.89 -26.34
CA GLU C 82 17.94 -10.74 -25.19
C GLU C 82 17.26 -9.87 -24.14
N MET C 83 17.16 -10.38 -22.92
CA MET C 83 16.62 -9.61 -21.82
C MET C 83 17.73 -8.83 -21.12
N GLY C 84 17.34 -7.71 -20.49
CA GLY C 84 18.27 -6.77 -19.92
C GLY C 84 18.97 -7.28 -18.68
N PRO C 85 18.24 -7.45 -17.60
CA PRO C 85 18.84 -8.04 -16.41
C PRO C 85 18.81 -9.56 -16.49
N ALA C 86 19.97 -10.21 -16.32
CA ALA C 86 20.07 -11.63 -16.58
C ALA C 86 19.08 -12.44 -15.74
N GLY C 87 18.92 -12.12 -14.47
CA GLY C 87 18.02 -12.87 -13.62
C GLY C 87 17.05 -12.01 -12.83
N ALA C 88 16.59 -10.91 -13.43
CA ALA C 88 15.76 -9.94 -12.74
C ALA C 88 14.56 -10.60 -12.08
N GLN C 89 14.26 -10.16 -10.85
CA GLN C 89 13.14 -10.70 -10.10
C GLN C 89 12.16 -9.58 -9.75
N PHE C 90 10.87 -9.85 -9.93
CA PHE C 90 9.80 -8.92 -9.62
C PHE C 90 8.85 -9.55 -8.62
N LEU C 91 8.35 -8.74 -7.68
CA LEU C 91 7.38 -9.25 -6.71
C LEU C 91 6.10 -9.68 -7.42
N GLY C 92 5.51 -8.77 -8.21
CA GLY C 92 4.41 -9.13 -9.08
C GLY C 92 4.89 -9.70 -10.40
N PRO C 93 3.94 -10.12 -11.24
CA PRO C 93 4.28 -10.56 -12.60
C PRO C 93 4.34 -9.39 -13.56
N VAL C 94 5.12 -9.57 -14.63
CA VAL C 94 5.28 -8.57 -15.67
C VAL C 94 5.03 -9.16 -17.05
N ILE C 95 4.69 -8.30 -18.00
CA ILE C 95 4.28 -8.69 -19.35
C ILE C 95 5.34 -8.27 -20.35
N VAL C 96 5.77 -9.22 -21.18
CA VAL C 96 6.62 -8.95 -22.34
C VAL C 96 5.89 -9.44 -23.58
N GLU C 97 5.55 -8.51 -24.47
CA GLU C 97 4.85 -8.80 -25.72
C GLU C 97 5.79 -8.56 -26.90
N ILE C 98 5.99 -9.59 -27.72
CA ILE C 98 6.92 -9.57 -28.84
C ILE C 98 6.18 -9.93 -30.12
N PRO C 99 6.24 -9.09 -31.15
CA PRO C 99 5.58 -9.44 -32.40
C PRO C 99 6.34 -10.57 -33.08
N HIS C 100 5.58 -11.48 -33.68
CA HIS C 100 6.12 -12.53 -34.53
C HIS C 100 5.53 -12.41 -35.93
N PHE C 101 6.02 -13.27 -36.82
CA PHE C 101 5.59 -13.37 -38.20
C PHE C 101 5.35 -14.82 -38.59
N GLY C 102 4.99 -15.67 -37.64
CA GLY C 102 4.70 -17.06 -37.90
C GLY C 102 3.23 -17.38 -38.13
N SER C 103 2.87 -17.89 -39.32
CA SER C 103 1.49 -18.22 -39.63
C SER C 103 1.10 -19.55 -38.98
N MET C 104 -0.03 -19.55 -38.25
CA MET C 104 -0.45 -20.72 -37.49
C MET C 104 -1.43 -21.64 -38.23
N ARG C 105 -1.91 -21.23 -39.40
CA ARG C 105 -2.82 -22.07 -40.17
C ARG C 105 -4.06 -22.46 -39.34
N GLY C 106 -4.57 -21.51 -38.56
CA GLY C 106 -5.80 -21.71 -37.81
C GLY C 106 -5.88 -22.90 -36.87
N LYS C 107 -5.26 -22.78 -35.69
CA LYS C 107 -5.26 -23.81 -34.67
C LYS C 107 -4.55 -25.09 -35.11
N GLU C 108 -4.04 -25.11 -36.34
CA GLU C 108 -3.22 -26.23 -36.78
C GLU C 108 -1.86 -26.21 -36.08
N ARG C 109 -1.33 -25.01 -35.84
CA ARG C 109 -0.04 -24.79 -35.24
C ARG C 109 -0.19 -24.04 -33.92
N GLU C 110 0.84 -24.15 -33.07
CA GLU C 110 0.93 -23.53 -31.74
C GLU C 110 2.29 -22.86 -31.60
N LEU C 111 2.48 -22.15 -30.49
CA LEU C 111 3.75 -21.48 -30.18
C LEU C 111 4.26 -21.95 -28.82
N ILE C 112 5.46 -22.56 -28.81
CA ILE C 112 6.17 -22.89 -27.58
C ILE C 112 7.15 -21.77 -27.31
N VAL C 113 7.30 -21.41 -26.03
CA VAL C 113 8.13 -20.30 -25.57
C VAL C 113 9.36 -20.89 -24.89
N LEU C 114 10.53 -20.73 -25.50
CA LEU C 114 11.76 -21.25 -24.92
C LEU C 114 12.56 -20.13 -24.25
N ARG C 115 13.26 -20.50 -23.18
CA ARG C 115 14.11 -19.59 -22.42
C ARG C 115 15.47 -20.23 -22.12
N SER C 116 16.53 -19.45 -22.30
CA SER C 116 17.87 -19.81 -21.85
C SER C 116 18.26 -18.97 -20.66
N GLU C 117 18.63 -19.64 -19.57
CA GLU C 117 18.97 -18.92 -18.35
C GLU C 117 20.35 -18.28 -18.45
N ASN C 118 21.35 -19.05 -18.90
CA ASN C 118 22.72 -18.56 -19.04
C ASN C 118 23.10 -18.26 -20.48
N GLY C 119 22.57 -19.00 -21.45
CA GLY C 119 23.02 -18.95 -22.83
C GLY C 119 23.48 -20.29 -23.35
N GLU C 120 23.73 -21.24 -22.46
CA GLU C 120 24.09 -22.60 -22.87
C GLU C 120 22.84 -23.44 -23.16
N THR C 121 22.07 -23.74 -22.13
CA THR C 121 20.96 -24.69 -22.26
C THR C 121 19.63 -23.97 -22.37
N TRP C 122 18.68 -24.65 -23.01
CA TRP C 122 17.35 -24.13 -23.25
C TRP C 122 16.28 -25.00 -22.60
N LYS C 123 15.23 -24.37 -22.08
CA LYS C 123 14.07 -25.05 -21.54
C LYS C 123 12.84 -24.22 -21.83
N GLU C 124 11.67 -24.79 -21.54
CA GLU C 124 10.38 -24.14 -21.81
C GLU C 124 9.90 -23.29 -20.65
N HIS C 125 9.36 -22.12 -20.97
CA HIS C 125 8.82 -21.17 -19.99
C HIS C 125 7.35 -21.50 -19.67
N GLN C 126 7.08 -21.83 -18.41
CA GLN C 126 5.73 -22.06 -17.91
C GLN C 126 5.35 -20.98 -16.89
N PHE C 127 4.11 -20.52 -16.97
CA PHE C 127 3.55 -19.57 -16.03
C PHE C 127 2.37 -20.20 -15.29
N ASP C 128 2.26 -19.91 -13.99
CA ASP C 128 1.33 -20.64 -13.15
C ASP C 128 -0.12 -20.41 -13.57
N SER C 129 -0.54 -19.15 -13.66
CA SER C 129 -1.93 -18.81 -13.96
C SER C 129 -1.96 -17.38 -14.50
N LYS C 130 -3.14 -16.97 -14.94
CA LYS C 130 -3.32 -15.65 -15.54
C LYS C 130 -4.58 -15.01 -14.98
N ASN C 131 -4.42 -13.82 -14.40
CA ASN C 131 -5.53 -12.98 -13.91
C ASN C 131 -5.18 -11.54 -14.29
N GLU C 132 -5.80 -11.05 -15.36
CA GLU C 132 -5.36 -9.80 -15.99
C GLU C 132 -5.52 -8.61 -15.04
N ASP C 133 -6.63 -8.55 -14.30
CA ASP C 133 -6.89 -7.38 -13.45
C ASP C 133 -5.84 -7.24 -12.36
N LEU C 134 -5.53 -8.33 -11.65
CA LEU C 134 -4.59 -8.26 -10.54
C LEU C 134 -3.16 -8.00 -11.02
N SER C 135 -2.74 -8.65 -12.12
CA SER C 135 -1.39 -8.43 -12.63
C SER C 135 -1.19 -6.99 -13.07
N GLU C 136 -2.22 -6.38 -13.67
CA GLU C 136 -2.14 -4.97 -14.05
C GLU C 136 -1.96 -4.07 -12.83
N LEU C 137 -2.56 -4.44 -11.70
CA LEU C 137 -2.49 -3.67 -10.46
C LEU C 137 -2.90 -2.23 -10.72
N LEU C 138 -4.09 -2.07 -11.30
CA LEU C 138 -4.68 -0.77 -11.61
C LEU C 138 -3.70 0.10 -12.38
N ASN C 139 -3.05 -0.49 -13.37
CA ASN C 139 -2.11 0.26 -14.18
C ASN C 139 -2.85 1.24 -15.08
N GLY C 140 -2.34 2.47 -15.15
CA GLY C 140 -3.05 3.51 -15.89
C GLY C 140 -3.14 3.21 -17.37
N MET C 141 -2.04 2.75 -17.97
CA MET C 141 -2.06 2.42 -19.39
C MET C 141 -3.01 1.28 -19.67
N ASP C 142 -2.90 0.19 -18.89
CA ASP C 142 -3.78 -0.98 -19.00
C ASP C 142 -3.80 -1.38 -20.48
N GLU C 143 -4.97 -1.51 -21.11
CA GLU C 143 -5.09 -1.79 -22.54
C GLU C 143 -4.36 -3.06 -22.96
N GLU C 144 -4.45 -4.10 -22.13
CA GLU C 144 -4.12 -5.45 -22.57
C GLU C 144 -4.97 -5.80 -23.79
N LEU C 145 -4.32 -6.19 -24.89
CA LEU C 145 -4.98 -6.27 -26.20
C LEU C 145 -6.25 -7.11 -26.14
N ASP C 146 -7.20 -6.74 -27.01
CA ASP C 146 -8.63 -6.94 -26.76
C ASP C 146 -8.96 -8.33 -26.25
N SER C 147 -8.40 -9.37 -26.87
CA SER C 147 -8.71 -10.73 -26.51
C SER C 147 -7.58 -11.62 -26.99
N PRO C 148 -7.49 -12.85 -26.50
CA PRO C 148 -6.56 -13.80 -27.12
C PRO C 148 -6.77 -13.91 -28.62
N GLU C 149 -8.03 -13.85 -29.07
CA GLU C 149 -8.31 -13.78 -30.51
C GLU C 149 -7.74 -12.49 -31.10
N GLU C 150 -7.86 -11.37 -30.38
CA GLU C 150 -7.27 -10.12 -30.84
C GLU C 150 -5.75 -10.22 -30.93
N LEU C 151 -5.14 -10.91 -29.97
CA LEU C 151 -3.71 -11.20 -30.07
C LEU C 151 -3.40 -12.05 -31.30
N GLY C 152 -4.22 -13.08 -31.53
CA GLY C 152 -4.00 -13.95 -32.68
C GLY C 152 -4.08 -13.23 -34.01
N THR C 153 -5.09 -12.37 -34.17
CA THR C 153 -5.19 -11.56 -35.40
C THR C 153 -4.05 -10.55 -35.51
N LYS C 154 -3.50 -10.10 -34.37
CA LYS C 154 -2.46 -9.06 -34.37
C LYS C 154 -1.04 -9.61 -34.39
N ARG C 155 -0.86 -10.92 -34.28
CA ARG C 155 0.46 -11.57 -34.28
C ARG C 155 1.38 -11.01 -33.18
N ILE C 156 0.87 -10.99 -31.95
CA ILE C 156 1.62 -10.52 -30.78
C ILE C 156 1.70 -11.68 -29.78
N CYS C 157 2.92 -12.07 -29.42
CA CYS C 157 3.13 -13.16 -28.47
C CYS C 157 3.27 -12.57 -27.07
N ARG C 158 2.32 -12.90 -26.19
CA ARG C 158 2.36 -12.43 -24.81
C ARG C 158 3.03 -13.44 -23.89
N ILE C 159 4.05 -12.97 -23.16
CA ILE C 159 4.75 -13.76 -22.16
C ILE C 159 4.50 -13.11 -20.81
N ILE C 160 3.86 -13.84 -19.90
CA ILE C 160 3.71 -13.42 -18.52
C ILE C 160 4.79 -14.13 -17.71
N THR C 161 5.53 -13.36 -16.90
CA THR C 161 6.69 -13.91 -16.20
C THR C 161 6.91 -13.16 -14.89
N LYS C 162 7.45 -13.89 -13.91
CA LYS C 162 7.91 -13.32 -12.65
C LYS C 162 9.39 -12.98 -12.66
N ASP C 163 10.15 -13.46 -13.65
CA ASP C 163 11.57 -13.18 -13.74
C ASP C 163 12.04 -13.31 -15.18
N PHE C 164 12.98 -12.43 -15.59
CA PHE C 164 13.58 -12.49 -16.93
C PHE C 164 14.68 -13.55 -16.99
N PRO C 165 14.71 -14.40 -18.03
CA PRO C 165 15.93 -15.16 -18.32
C PRO C 165 16.85 -14.37 -19.23
N GLN C 166 18.00 -14.96 -19.55
CA GLN C 166 18.93 -14.32 -20.47
C GLN C 166 18.30 -14.15 -21.84
N TYR C 167 17.84 -15.27 -22.42
CA TYR C 167 17.28 -15.31 -23.77
C TYR C 167 15.86 -15.88 -23.72
N PHE C 168 14.94 -15.23 -24.43
CA PHE C 168 13.64 -15.80 -24.71
C PHE C 168 13.58 -16.14 -26.19
N ALA C 169 12.84 -17.19 -26.53
CA ALA C 169 12.76 -17.66 -27.91
C ALA C 169 11.31 -17.99 -28.21
N VAL C 170 10.83 -17.56 -29.37
CA VAL C 170 9.45 -17.84 -29.78
C VAL C 170 9.53 -18.86 -30.92
N VAL C 171 8.92 -20.03 -30.71
CA VAL C 171 9.05 -21.15 -31.62
C VAL C 171 7.67 -21.54 -32.12
N SER C 172 7.58 -21.82 -33.42
CA SER C 172 6.35 -22.26 -34.07
C SER C 172 6.44 -23.76 -34.39
N ARG C 173 5.41 -24.52 -33.99
CA ARG C 173 5.40 -25.96 -34.16
C ARG C 173 3.98 -26.43 -34.47
N ILE C 174 3.89 -27.67 -34.99
CA ILE C 174 2.59 -28.32 -35.12
C ILE C 174 2.01 -28.60 -33.74
N LYS C 175 0.74 -28.24 -33.54
CA LYS C 175 0.13 -28.34 -32.23
C LYS C 175 0.20 -29.77 -31.69
N GLN C 176 0.51 -29.88 -30.40
CA GLN C 176 0.64 -31.16 -29.72
C GLN C 176 -0.39 -31.24 -28.60
N GLU C 177 -1.16 -32.32 -28.58
CA GLU C 177 -2.11 -32.59 -27.52
C GLU C 177 -1.42 -33.40 -26.44
N SER C 178 -1.43 -32.91 -25.19
CA SER C 178 -0.66 -33.54 -24.14
C SER C 178 -1.44 -33.51 -22.82
N ASN C 179 -1.02 -34.38 -21.90
CA ASN C 179 -1.59 -34.46 -20.56
C ASN C 179 -0.54 -35.11 -19.66
N GLN C 180 -0.89 -35.32 -18.40
CA GLN C 180 0.03 -35.95 -17.45
C GLN C 180 -0.18 -37.46 -17.36
N ILE C 187 -4.63 -42.93 -23.05
CA ILE C 187 -5.81 -42.69 -23.87
C ILE C 187 -5.83 -41.24 -24.35
N LEU C 188 -4.98 -40.94 -25.34
CA LEU C 188 -4.84 -39.59 -25.86
C LEU C 188 -5.42 -39.50 -27.27
N SER C 189 -5.69 -38.28 -27.72
CA SER C 189 -6.31 -38.08 -29.02
C SER C 189 -6.11 -36.64 -29.48
N SER C 190 -6.09 -36.47 -30.80
CA SER C 190 -5.83 -35.16 -31.40
C SER C 190 -7.05 -34.26 -31.38
N THR C 191 -6.82 -32.98 -31.14
CA THR C 191 -7.84 -31.95 -31.25
C THR C 191 -7.82 -31.25 -32.61
N THR C 192 -6.97 -31.70 -33.52
CA THR C 192 -6.90 -31.16 -34.88
C THR C 192 -7.50 -32.12 -35.90
N VAL C 193 -7.11 -33.38 -35.84
CA VAL C 193 -7.75 -34.45 -36.60
C VAL C 193 -8.36 -35.40 -35.58
N PRO C 194 -9.67 -35.62 -35.61
CA PRO C 194 -10.31 -36.42 -34.55
C PRO C 194 -9.79 -37.85 -34.44
N LEU C 195 -9.83 -38.60 -35.54
CA LEU C 195 -9.58 -40.05 -35.50
C LEU C 195 -8.08 -40.35 -35.44
N VAL C 196 -7.47 -39.88 -34.36
CA VAL C 196 -6.07 -40.19 -34.02
C VAL C 196 -6.04 -40.47 -32.52
N GLN C 197 -5.56 -41.64 -32.13
CA GLN C 197 -5.60 -42.00 -30.72
C GLN C 197 -4.40 -42.87 -30.35
N ALA C 198 -3.86 -42.64 -29.15
CA ALA C 198 -2.81 -43.45 -28.56
C ALA C 198 -3.29 -43.98 -27.21
N SER C 199 -3.31 -45.31 -27.05
CA SER C 199 -3.81 -45.95 -25.83
C SER C 199 -2.66 -46.46 -24.97
N PHE C 200 -2.35 -45.73 -23.90
CA PHE C 200 -1.36 -46.16 -22.91
C PHE C 200 -2.04 -46.46 -21.59
N PRO C 201 -1.83 -47.65 -21.02
CA PRO C 201 -2.43 -47.96 -19.71
C PRO C 201 -2.11 -46.88 -18.68
N GLU C 202 -3.14 -46.39 -18.01
CA GLU C 202 -2.98 -45.29 -17.09
C GLU C 202 -2.18 -45.70 -15.85
N GLY C 203 -1.55 -44.71 -15.23
CA GLY C 203 -0.75 -44.96 -14.04
C GLY C 203 0.64 -45.48 -14.36
N ARG C 208 4.84 -42.49 -13.99
CA ARG C 208 3.96 -41.36 -14.28
C ARG C 208 4.73 -40.14 -14.76
N ILE C 209 4.51 -39.76 -16.03
CA ILE C 209 5.20 -38.62 -16.63
C ILE C 209 4.31 -38.02 -17.72
N ARG C 210 4.75 -36.92 -18.32
CA ARG C 210 3.97 -36.17 -19.29
C ARG C 210 4.43 -36.53 -20.69
N VAL C 211 3.48 -36.81 -21.57
CA VAL C 211 3.72 -37.14 -22.96
C VAL C 211 2.63 -36.53 -23.84
N GLY C 212 3.01 -36.13 -25.05
CA GLY C 212 2.08 -35.51 -25.96
C GLY C 212 2.13 -36.14 -27.33
N LEU C 213 1.01 -36.00 -28.06
CA LEU C 213 0.84 -36.53 -29.40
C LEU C 213 0.43 -35.42 -30.35
N GLN C 214 1.13 -35.33 -31.49
CA GLN C 214 0.82 -34.33 -32.51
C GLN C 214 0.45 -35.02 -33.81
N ALA C 215 -0.61 -34.54 -34.45
CA ALA C 215 -1.08 -35.04 -35.73
C ALA C 215 -0.97 -33.92 -36.77
N GLN C 216 -0.34 -34.24 -37.92
CA GLN C 216 -0.05 -33.31 -39.01
C GLN C 216 -1.03 -33.50 -40.15
N PRO C 217 -1.62 -32.43 -40.69
CA PRO C 217 -2.52 -32.59 -41.84
C PRO C 217 -1.73 -32.64 -43.16
N VAL C 218 -2.34 -33.27 -44.15
CA VAL C 218 -1.73 -33.34 -45.48
C VAL C 218 -2.72 -32.80 -46.52
N PRO C 219 -2.27 -31.91 -47.42
CA PRO C 219 -3.21 -31.36 -48.43
C PRO C 219 -3.15 -32.09 -49.75
N GLU C 220 -4.29 -32.21 -50.43
CA GLU C 220 -4.32 -32.92 -51.71
C GLU C 220 -3.55 -32.19 -52.79
N GLU C 221 -3.69 -30.86 -52.87
CA GLU C 221 -3.04 -30.11 -53.93
C GLU C 221 -1.52 -30.21 -53.83
N THR C 222 -0.98 -30.03 -52.62
CA THR C 222 0.45 -30.15 -52.40
C THR C 222 0.97 -31.55 -52.71
N VAL C 223 0.17 -32.58 -52.41
CA VAL C 223 0.55 -33.96 -52.73
C VAL C 223 0.64 -34.15 -54.24
N LYS C 224 -0.32 -33.61 -54.99
CA LYS C 224 -0.34 -33.79 -56.44
C LYS C 224 0.88 -33.17 -57.12
N LYS C 225 1.31 -31.99 -56.65
CA LYS C 225 2.47 -31.32 -57.23
C LYS C 225 3.68 -32.26 -57.34
N ILE C 226 3.91 -33.07 -56.31
CA ILE C 226 4.96 -34.07 -56.34
C ILE C 226 4.37 -35.42 -55.96
N LYS C 230 0.16 -39.80 -57.71
CA LYS C 230 0.76 -41.13 -57.83
C LYS C 230 0.57 -41.98 -56.58
N ALA C 231 0.35 -41.33 -55.43
CA ALA C 231 0.24 -42.02 -54.15
C ALA C 231 -0.48 -41.12 -53.16
N THR C 232 -1.21 -41.73 -52.23
CA THR C 232 -1.95 -40.99 -51.22
C THR C 232 -1.39 -41.23 -49.82
N PHE C 233 -1.64 -40.25 -48.95
CA PHE C 233 -0.99 -40.16 -47.66
C PHE C 233 -2.00 -39.73 -46.61
N SER C 234 -1.79 -40.24 -45.39
CA SER C 234 -2.61 -39.95 -44.21
C SER C 234 -1.97 -38.84 -43.37
N PRO C 235 -2.61 -38.38 -42.30
CA PRO C 235 -1.94 -37.40 -41.43
C PRO C 235 -0.74 -38.01 -40.73
N ILE C 236 0.35 -37.24 -40.66
CA ILE C 236 1.57 -37.69 -40.00
C ILE C 236 1.33 -37.68 -38.50
N VAL C 237 1.24 -38.84 -37.89
CA VAL C 237 1.06 -38.95 -36.45
C VAL C 237 2.42 -38.99 -35.78
N THR C 238 2.62 -38.14 -34.78
CA THR C 238 3.89 -38.03 -34.08
C THR C 238 3.66 -37.95 -32.58
N VAL C 239 4.55 -38.58 -31.82
CA VAL C 239 4.58 -38.49 -30.37
C VAL C 239 5.87 -37.76 -30.00
N GLU C 240 5.75 -36.69 -29.23
CA GLU C 240 6.90 -35.80 -29.01
C GLU C 240 8.08 -36.50 -28.35
N PRO C 241 7.92 -37.31 -27.28
CA PRO C 241 9.10 -38.01 -26.73
C PRO C 241 9.52 -39.16 -27.63
N ARG C 242 10.15 -38.81 -28.73
CA ARG C 242 10.54 -39.80 -29.73
C ARG C 242 11.65 -40.69 -29.20
N ARG C 243 11.76 -41.88 -29.80
CA ARG C 243 12.79 -42.85 -29.46
C ARG C 243 12.78 -43.20 -27.96
N ARG C 244 11.58 -43.44 -27.44
CA ARG C 244 11.38 -43.86 -26.05
C ARG C 244 10.62 -45.17 -26.03
N LYS C 245 11.14 -46.16 -25.30
CA LYS C 245 10.50 -47.47 -25.21
C LYS C 245 9.59 -47.48 -23.99
N PHE C 246 8.30 -47.61 -24.23
CA PHE C 246 7.35 -47.65 -23.12
C PHE C 246 7.43 -49.00 -22.40
N HIS C 247 6.88 -49.05 -21.18
CA HIS C 247 6.91 -50.29 -20.40
C HIS C 247 6.19 -51.40 -21.15
N LYS C 248 5.07 -51.06 -21.78
CA LYS C 248 4.19 -51.97 -22.51
C LYS C 248 3.91 -51.32 -23.85
N PRO C 249 3.52 -52.11 -24.87
CA PRO C 249 3.25 -51.54 -26.19
C PRO C 249 2.05 -50.59 -26.18
N ILE C 250 2.11 -49.62 -27.11
CA ILE C 250 1.15 -48.52 -27.20
C ILE C 250 0.24 -48.75 -28.41
N THR C 251 -1.07 -48.68 -28.18
CA THR C 251 -2.03 -48.82 -29.28
C THR C 251 -2.07 -47.52 -30.09
N MET C 252 -2.03 -47.64 -31.40
CA MET C 252 -2.04 -46.48 -32.28
C MET C 252 -3.23 -46.59 -33.22
N THR C 253 -4.01 -45.52 -33.33
CA THR C 253 -5.15 -45.46 -34.24
C THR C 253 -4.94 -44.29 -35.16
N ILE C 254 -4.98 -44.55 -36.47
CA ILE C 254 -4.63 -43.55 -37.47
C ILE C 254 -5.71 -43.58 -38.54
N PRO C 255 -6.11 -42.45 -39.14
CA PRO C 255 -7.07 -42.52 -40.24
C PRO C 255 -6.44 -43.20 -41.45
N VAL C 256 -7.31 -43.64 -42.36
CA VAL C 256 -6.90 -44.40 -43.53
C VAL C 256 -6.85 -43.47 -44.74
N PRO C 257 -5.70 -43.32 -45.40
CA PRO C 257 -5.66 -42.47 -46.60
C PRO C 257 -6.48 -43.07 -47.71
N PRO C 258 -7.04 -42.23 -48.60
CA PRO C 258 -7.89 -42.76 -49.68
C PRO C 258 -7.10 -43.62 -50.64
N PRO C 259 -7.74 -44.61 -51.26
CA PRO C 259 -7.02 -45.49 -52.19
C PRO C 259 -6.70 -44.82 -53.52
N SER C 260 -5.62 -45.29 -54.13
CA SER C 260 -5.24 -44.87 -55.48
C SER C 260 -4.93 -46.09 -56.35
N SER C 275 -1.53 -52.51 -51.17
CA SER C 275 -1.15 -51.18 -51.64
C SER C 275 -0.84 -50.28 -50.45
N LEU C 276 -1.58 -50.47 -49.37
CA LEU C 276 -1.38 -49.70 -48.14
C LEU C 276 -0.05 -50.08 -47.48
N ARG C 277 0.67 -49.07 -47.00
CA ARG C 277 1.95 -49.27 -46.34
C ARG C 277 2.08 -48.29 -45.19
N LEU C 278 2.86 -48.67 -44.18
CA LEU C 278 3.09 -47.86 -42.99
C LEU C 278 4.56 -47.46 -42.95
N LEU C 279 4.81 -46.15 -42.94
CA LEU C 279 6.15 -45.61 -42.87
C LEU C 279 6.46 -45.14 -41.45
N CYS C 280 7.74 -45.19 -41.09
CA CYS C 280 8.16 -44.92 -39.72
C CYS C 280 9.54 -44.25 -39.69
N SER C 281 9.74 -43.32 -38.75
CA SER C 281 11.00 -42.61 -38.56
C SER C 281 11.31 -42.51 -37.08
N ILE C 282 12.52 -42.92 -36.69
CA ILE C 282 12.96 -42.94 -35.30
C ILE C 282 14.12 -41.98 -35.04
N THR C 283 14.45 -41.10 -35.98
CA THR C 283 15.54 -40.18 -35.74
C THR C 283 15.18 -39.22 -34.62
N GLY C 284 16.11 -39.04 -33.67
CA GLY C 284 15.85 -38.26 -32.49
C GLY C 284 16.19 -36.78 -32.65
N GLY C 285 15.44 -35.96 -31.92
CA GLY C 285 15.77 -34.55 -31.77
C GLY C 285 15.95 -33.80 -33.07
N THR C 286 17.01 -32.98 -33.12
CA THR C 286 17.23 -32.11 -34.27
C THR C 286 17.53 -32.88 -35.54
N SER C 287 18.05 -34.10 -35.42
CA SER C 287 18.51 -34.85 -36.58
C SER C 287 17.38 -35.00 -37.60
N PRO C 288 17.68 -34.86 -38.89
CA PRO C 288 16.62 -35.02 -39.90
C PRO C 288 16.05 -36.42 -39.91
N ALA C 289 14.75 -36.52 -40.23
CA ALA C 289 14.05 -37.79 -40.17
C ALA C 289 14.51 -38.73 -41.28
N GLN C 290 14.48 -40.01 -40.97
CA GLN C 290 14.78 -41.07 -41.92
C GLN C 290 13.59 -42.01 -41.95
N TRP C 291 13.12 -42.33 -43.16
CA TRP C 291 11.90 -43.11 -43.35
C TRP C 291 12.23 -44.51 -43.87
N GLU C 292 11.55 -45.49 -43.30
CA GLU C 292 11.66 -46.87 -43.74
C GLU C 292 10.29 -47.52 -43.65
N ASP C 293 10.12 -48.61 -44.41
CA ASP C 293 8.83 -49.29 -44.53
C ASP C 293 8.83 -50.45 -43.54
N ILE C 294 7.83 -50.46 -42.65
CA ILE C 294 7.75 -51.44 -41.57
C ILE C 294 6.53 -52.36 -41.70
N THR C 295 5.94 -52.45 -42.90
CA THR C 295 4.68 -53.18 -43.08
C THR C 295 4.70 -54.58 -42.48
N GLY C 296 5.86 -55.25 -42.50
CA GLY C 296 5.94 -56.60 -41.96
C GLY C 296 5.79 -56.68 -40.45
N THR C 297 6.34 -55.70 -39.73
CA THR C 297 6.38 -55.76 -38.26
C THR C 297 5.12 -55.23 -37.60
N THR C 298 4.05 -55.03 -38.36
CA THR C 298 2.88 -54.28 -37.87
C THR C 298 1.57 -54.98 -38.18
N PRO C 299 0.91 -55.59 -37.19
CA PRO C 299 -0.46 -56.10 -37.41
C PRO C 299 -1.44 -54.96 -37.61
N LEU C 300 -1.96 -54.79 -38.83
CA LEU C 300 -2.79 -53.62 -39.14
C LEU C 300 -4.27 -53.97 -38.93
N THR C 301 -4.68 -53.94 -37.67
CA THR C 301 -6.09 -54.07 -37.34
C THR C 301 -6.86 -52.88 -37.91
N PHE C 302 -8.16 -53.08 -38.16
CA PHE C 302 -9.01 -52.03 -38.72
C PHE C 302 -10.19 -51.78 -37.81
N ILE C 303 -10.46 -50.49 -37.54
CA ILE C 303 -11.60 -50.09 -36.72
C ILE C 303 -12.23 -48.85 -37.36
N LYS C 304 -13.15 -49.07 -38.30
CA LYS C 304 -13.96 -48.01 -38.90
C LYS C 304 -13.13 -46.91 -39.56
N ASP C 305 -12.61 -47.17 -40.77
CA ASP C 305 -11.82 -46.20 -41.53
C ASP C 305 -10.53 -45.81 -40.78
N CYS C 306 -9.95 -46.77 -40.07
CA CYS C 306 -8.76 -46.51 -39.27
C CYS C 306 -7.85 -47.74 -39.32
N VAL C 307 -6.64 -47.55 -38.80
CA VAL C 307 -5.64 -48.60 -38.62
C VAL C 307 -5.22 -48.59 -37.16
N SER C 308 -5.57 -49.63 -36.41
CA SER C 308 -5.08 -49.81 -35.05
C SER C 308 -3.93 -50.81 -35.02
N PHE C 309 -2.89 -50.50 -34.25
CA PHE C 309 -1.73 -51.38 -34.17
C PHE C 309 -0.94 -51.06 -32.90
N THR C 310 0.08 -51.89 -32.65
CA THR C 310 0.93 -51.81 -31.48
C THR C 310 2.36 -51.42 -31.85
N THR C 311 3.03 -50.75 -30.91
CA THR C 311 4.45 -50.42 -31.03
C THR C 311 5.02 -50.14 -29.64
N ASN C 312 6.18 -50.72 -29.35
CA ASN C 312 6.86 -50.51 -28.07
C ASN C 312 7.78 -49.30 -28.08
N VAL C 313 7.91 -48.60 -29.21
CA VAL C 313 8.84 -47.49 -29.36
C VAL C 313 8.11 -46.30 -29.94
N SER C 314 8.49 -45.11 -29.50
CA SER C 314 7.86 -43.84 -29.85
C SER C 314 8.56 -43.23 -31.07
N ALA C 315 7.79 -42.99 -32.14
CA ALA C 315 8.40 -42.47 -33.36
C ALA C 315 7.33 -41.90 -34.28
N ARG C 316 7.80 -41.17 -35.31
CA ARG C 316 6.90 -40.68 -36.35
C ARG C 316 6.32 -41.84 -37.15
N PHE C 317 5.02 -41.76 -37.44
CA PHE C 317 4.32 -42.79 -38.19
C PHE C 317 3.52 -42.17 -39.33
N TRP C 318 3.50 -42.86 -40.48
CA TRP C 318 2.81 -42.35 -41.67
C TRP C 318 2.22 -43.52 -42.44
N LEU C 319 1.01 -43.33 -42.97
CA LEU C 319 0.41 -44.30 -43.87
C LEU C 319 0.57 -43.84 -45.31
N ALA C 320 1.10 -44.72 -46.14
CA ALA C 320 1.33 -44.43 -47.55
C ALA C 320 0.65 -45.52 -48.34
N ASP C 321 -0.33 -45.13 -49.15
CA ASP C 321 -1.11 -46.08 -49.94
C ASP C 321 -0.67 -45.85 -51.38
N CYS C 322 0.06 -46.81 -51.91
CA CYS C 322 0.43 -46.77 -53.31
C CYS C 322 0.74 -48.18 -53.79
N HIS C 323 0.40 -48.42 -55.06
CA HIS C 323 0.51 -49.75 -55.62
C HIS C 323 1.97 -50.14 -55.81
N GLN C 324 2.81 -49.19 -56.23
CA GLN C 324 4.22 -49.46 -56.43
C GLN C 324 4.89 -49.34 -55.07
N VAL C 325 5.17 -50.48 -54.43
CA VAL C 325 5.60 -50.47 -53.04
C VAL C 325 6.99 -49.85 -52.91
N LEU C 326 7.91 -50.20 -53.80
CA LEU C 326 9.29 -49.77 -53.63
C LEU C 326 9.43 -48.25 -53.75
N GLU C 327 8.63 -47.64 -54.62
CA GLU C 327 8.76 -46.20 -54.85
C GLU C 327 8.40 -45.38 -53.61
N THR C 328 7.48 -45.89 -52.77
CA THR C 328 6.80 -45.06 -51.77
C THR C 328 7.77 -44.27 -50.88
N VAL C 329 8.74 -44.95 -50.28
CA VAL C 329 9.62 -44.30 -49.31
C VAL C 329 10.31 -43.10 -49.94
N GLY C 330 10.87 -43.28 -51.13
CA GLY C 330 11.51 -42.18 -51.82
C GLY C 330 10.55 -41.03 -52.09
N LEU C 331 9.38 -41.37 -52.62
CA LEU C 331 8.36 -40.36 -52.86
C LEU C 331 7.95 -39.68 -51.55
N ALA C 332 7.85 -40.47 -50.47
CA ALA C 332 7.51 -39.88 -49.17
C ALA C 332 8.53 -38.82 -48.78
N SER C 333 9.82 -39.12 -49.02
CA SER C 333 10.86 -38.14 -48.73
C SER C 333 10.65 -36.88 -49.58
N GLN C 334 10.25 -37.06 -50.85
CA GLN C 334 9.97 -35.90 -51.69
C GLN C 334 8.86 -35.05 -51.11
N LEU C 335 7.80 -35.69 -50.59
CA LEU C 335 6.77 -34.96 -49.84
C LEU C 335 7.27 -34.50 -48.49
N TYR C 336 7.97 -35.36 -47.76
CA TYR C 336 8.36 -34.99 -46.40
C TYR C 336 9.23 -33.75 -46.41
N ARG C 337 10.16 -33.67 -47.37
CA ARG C 337 10.99 -32.47 -47.49
C ARG C 337 10.13 -31.23 -47.67
N GLU C 338 9.03 -31.35 -48.41
CA GLU C 338 8.11 -30.23 -48.58
C GLU C 338 7.35 -29.90 -47.29
N LEU C 339 6.93 -30.94 -46.55
CA LEU C 339 6.05 -30.72 -45.41
C LEU C 339 6.75 -29.97 -44.27
N ILE C 340 8.02 -30.26 -44.01
CA ILE C 340 8.74 -29.64 -42.90
C ILE C 340 8.91 -28.13 -43.07
N CYS C 341 8.82 -27.61 -44.29
CA CYS C 341 8.96 -26.17 -44.50
C CYS C 341 7.92 -25.40 -43.70
N VAL C 342 8.36 -24.31 -43.06
CA VAL C 342 7.57 -23.55 -42.08
C VAL C 342 6.94 -22.32 -42.72
N PRO C 343 5.69 -22.00 -42.37
CA PRO C 343 5.00 -20.82 -42.93
C PRO C 343 5.27 -19.51 -42.19
N TYR C 344 5.27 -18.42 -42.96
CA TYR C 344 5.59 -17.07 -42.45
C TYR C 344 4.66 -16.05 -43.09
N MET C 345 3.91 -15.32 -42.26
CA MET C 345 3.05 -14.23 -42.74
C MET C 345 3.89 -13.07 -43.28
N ALA C 346 4.08 -13.03 -44.59
CA ALA C 346 4.88 -12.00 -45.24
C ALA C 346 4.00 -10.97 -45.93
N LYS C 347 4.51 -9.75 -46.00
CA LYS C 347 3.92 -8.70 -46.80
C LYS C 347 4.75 -8.50 -48.06
N PHE C 348 4.09 -8.29 -49.20
CA PHE C 348 4.78 -7.91 -50.42
C PHE C 348 4.77 -6.40 -50.55
N VAL C 349 5.91 -5.85 -50.98
CA VAL C 349 6.08 -4.42 -51.13
C VAL C 349 6.79 -4.17 -52.45
N VAL C 350 6.35 -3.14 -53.17
CA VAL C 350 6.85 -2.81 -54.50
C VAL C 350 7.27 -1.35 -54.50
N PHE C 351 8.57 -1.11 -54.66
CA PHE C 351 9.10 0.23 -54.88
C PHE C 351 9.29 0.47 -56.38
N ALA C 352 9.52 1.72 -56.76
CA ALA C 352 9.60 2.08 -58.18
C ALA C 352 10.40 3.35 -58.37
N LYS C 353 11.04 3.49 -59.54
CA LYS C 353 11.76 4.70 -59.90
C LYS C 353 11.91 4.79 -61.42
N THR C 354 11.71 5.97 -61.98
CA THR C 354 11.88 6.17 -63.42
C THR C 354 13.35 6.45 -63.73
N SER C 361 14.48 -0.24 -62.19
CA SER C 361 13.45 0.78 -62.03
C SER C 361 12.42 0.35 -60.97
N LEU C 362 12.12 -0.95 -60.93
CA LEU C 362 11.16 -1.51 -60.00
C LEU C 362 11.84 -2.48 -59.03
N ARG C 363 11.48 -2.37 -57.76
CA ARG C 363 12.00 -3.24 -56.71
C ARG C 363 10.83 -3.93 -56.04
N CYS C 364 10.93 -5.25 -55.87
CA CYS C 364 9.90 -6.06 -55.23
C CYS C 364 10.48 -6.75 -54.01
N PHE C 365 9.96 -6.41 -52.84
CA PHE C 365 10.42 -6.98 -51.60
C PHE C 365 9.35 -7.91 -51.04
N CYS C 366 9.77 -9.04 -50.50
CA CYS C 366 8.93 -9.86 -49.66
C CYS C 366 9.59 -9.85 -48.29
N MET C 367 8.89 -9.32 -47.29
CA MET C 367 9.51 -8.97 -46.02
C MET C 367 8.67 -9.41 -44.84
N THR C 368 9.37 -9.73 -43.76
CA THR C 368 8.79 -10.07 -42.46
C THR C 368 9.67 -9.42 -41.40
N ASP C 369 9.17 -8.35 -40.78
CA ASP C 369 9.82 -7.49 -39.78
C ASP C 369 10.91 -6.61 -40.38
N ASP C 370 11.16 -6.71 -41.68
CA ASP C 370 12.17 -5.85 -42.30
C ASP C 370 11.73 -4.40 -42.19
N ARG C 371 12.71 -3.51 -42.12
CA ARG C 371 12.39 -2.09 -41.99
C ARG C 371 11.61 -1.62 -43.21
N VAL C 372 10.37 -1.18 -42.98
CA VAL C 372 9.60 -0.64 -44.10
C VAL C 372 10.13 0.74 -44.43
N ASP C 373 9.84 1.21 -45.64
CA ASP C 373 10.51 2.37 -46.20
C ASP C 373 12.02 2.11 -46.20
N LYS C 374 12.39 1.07 -46.96
CA LYS C 374 13.76 0.58 -47.01
C LYS C 374 14.73 1.72 -47.29
N THR C 375 15.86 1.71 -46.59
CA THR C 375 16.79 2.83 -46.66
C THR C 375 17.43 2.98 -48.03
N LEU C 376 17.77 1.86 -48.69
CA LEU C 376 18.39 1.94 -50.02
C LEU C 376 17.47 2.64 -51.02
N GLU C 377 16.16 2.42 -50.91
CA GLU C 377 15.21 3.00 -51.86
C GLU C 377 15.03 4.48 -51.60
N GLN C 378 14.66 4.85 -50.36
CA GLN C 378 14.57 6.27 -50.00
C GLN C 378 15.85 7.01 -50.38
N GLN C 379 17.00 6.33 -50.30
CA GLN C 379 18.25 6.90 -50.77
C GLN C 379 18.26 7.04 -52.29
N GLU C 380 17.93 5.96 -53.02
CA GLU C 380 17.92 5.96 -54.49
C GLU C 380 16.63 6.54 -55.09
N ASN C 381 15.85 7.31 -54.33
CA ASN C 381 14.73 8.09 -54.84
C ASN C 381 13.58 7.22 -55.36
N PHE C 382 13.44 6.00 -54.87
CA PHE C 382 12.29 5.16 -55.21
C PHE C 382 11.04 5.71 -54.49
N GLU C 383 9.91 5.02 -54.68
CA GLU C 383 8.69 5.33 -53.94
C GLU C 383 7.90 4.04 -53.68
N GLU C 384 7.08 4.06 -52.63
CA GLU C 384 6.30 2.89 -52.21
C GLU C 384 4.97 2.87 -52.96
N VAL C 385 4.99 2.31 -54.17
CA VAL C 385 3.81 2.34 -55.04
C VAL C 385 2.79 1.25 -54.68
N ALA C 386 3.23 0.13 -54.11
CA ALA C 386 2.34 -0.98 -53.81
C ALA C 386 2.71 -1.62 -52.49
N ARG C 387 1.73 -1.71 -51.59
CA ARG C 387 1.83 -2.52 -50.38
C ARG C 387 0.86 -3.69 -50.52
N SER C 388 0.99 -4.66 -49.61
CA SER C 388 0.14 -5.83 -49.64
C SER C 388 -0.32 -6.18 -48.24
N LYS C 389 -1.40 -6.93 -48.18
CA LYS C 389 -1.77 -7.49 -46.90
C LYS C 389 -0.85 -8.67 -46.62
N ASP C 390 -0.79 -9.07 -45.36
CA ASP C 390 0.06 -10.18 -44.96
C ASP C 390 -0.52 -11.50 -45.49
N ILE C 391 0.27 -12.22 -46.29
CA ILE C 391 -0.17 -13.47 -46.90
C ILE C 391 0.84 -14.58 -46.61
N GLU C 392 0.33 -15.75 -46.28
CA GLU C 392 1.18 -16.86 -45.86
C GLU C 392 2.04 -17.33 -47.03
N VAL C 393 3.35 -17.44 -46.77
CA VAL C 393 4.32 -17.92 -47.75
C VAL C 393 5.29 -18.84 -47.01
N LEU C 394 6.05 -19.62 -47.78
CA LEU C 394 6.96 -20.61 -47.22
C LEU C 394 8.42 -20.20 -47.36
N GLU C 395 9.16 -20.32 -46.26
CA GLU C 395 10.59 -20.03 -46.25
C GLU C 395 11.37 -21.09 -47.02
N GLY C 396 12.31 -20.63 -47.84
CA GLY C 396 13.14 -21.48 -48.68
C GLY C 396 12.48 -21.92 -49.95
N LYS C 397 11.22 -21.56 -50.17
CA LYS C 397 10.44 -21.90 -51.34
C LYS C 397 10.30 -20.67 -52.22
N PRO C 398 10.65 -20.78 -53.50
CA PRO C 398 10.57 -19.60 -54.37
C PRO C 398 9.13 -19.25 -54.69
N ILE C 399 8.90 -17.94 -54.84
CA ILE C 399 7.61 -17.41 -55.26
C ILE C 399 7.82 -16.71 -56.59
N TYR C 400 6.99 -17.05 -57.59
CA TYR C 400 7.13 -16.53 -58.95
C TYR C 400 6.27 -15.30 -59.15
N VAL C 401 6.79 -14.36 -59.94
CA VAL C 401 6.15 -13.07 -60.18
C VAL C 401 5.72 -12.99 -61.63
N ASP C 402 4.46 -12.57 -61.84
CA ASP C 402 3.85 -12.41 -63.15
C ASP C 402 3.25 -11.02 -63.22
N CYS C 403 3.40 -10.37 -64.38
CA CYS C 403 2.83 -9.04 -64.61
C CYS C 403 1.75 -9.13 -65.68
N TYR C 404 0.59 -8.52 -65.42
CA TYR C 404 -0.55 -8.55 -66.33
C TYR C 404 -1.01 -7.13 -66.62
N GLY C 405 -0.96 -6.74 -67.90
CA GLY C 405 -1.44 -5.45 -68.36
C GLY C 405 -0.45 -4.30 -68.33
N ASN C 406 0.83 -4.57 -68.05
CA ASN C 406 1.86 -3.53 -67.96
C ASN C 406 3.17 -4.07 -68.53
N LEU C 407 4.20 -3.22 -68.50
CA LEU C 407 5.51 -3.56 -69.04
C LEU C 407 6.11 -4.80 -68.37
N ALA C 408 6.94 -5.49 -69.12
CA ALA C 408 7.65 -6.70 -68.71
C ALA C 408 9.16 -6.47 -68.70
N PRO C 409 9.91 -7.26 -67.94
CA PRO C 409 11.37 -7.08 -67.91
C PRO C 409 12.04 -7.58 -69.18
N LEU C 410 13.18 -6.98 -69.50
CA LEU C 410 13.92 -7.37 -70.70
C LEU C 410 14.39 -8.81 -70.62
N THR C 411 14.91 -9.23 -69.48
CA THR C 411 15.45 -10.58 -69.26
C THR C 411 16.41 -11.02 -70.37
N GLN C 415 13.12 -16.36 -70.27
CA GLN C 415 13.74 -16.61 -68.98
C GLN C 415 13.07 -15.80 -67.88
N GLN C 416 11.99 -16.34 -67.32
CA GLN C 416 11.29 -15.65 -66.24
C GLN C 416 12.20 -15.51 -65.00
N LEU C 417 11.88 -14.51 -64.20
CA LEU C 417 12.65 -14.15 -63.02
C LEU C 417 11.87 -14.44 -61.73
N VAL C 418 12.63 -14.80 -60.68
CA VAL C 418 12.06 -15.28 -59.42
C VAL C 418 13.01 -14.98 -58.28
N PHE C 419 12.48 -15.01 -57.05
CA PHE C 419 13.28 -15.01 -55.84
C PHE C 419 12.64 -15.95 -54.83
N ASN C 420 13.44 -16.34 -53.85
CA ASN C 420 12.95 -17.12 -52.72
C ASN C 420 12.63 -16.19 -51.56
N PHE C 421 11.80 -16.67 -50.64
CA PHE C 421 11.55 -15.96 -49.40
C PHE C 421 12.31 -16.64 -48.27
N TYR C 422 13.35 -15.97 -47.80
CA TYR C 422 14.05 -16.36 -46.59
C TYR C 422 13.53 -15.52 -45.44
N SER C 423 12.96 -16.18 -44.43
CA SER C 423 12.41 -15.48 -43.27
C SER C 423 13.47 -14.65 -42.58
N PHE C 424 13.05 -13.50 -42.06
CA PHE C 424 13.88 -12.53 -41.35
C PHE C 424 15.04 -12.01 -42.19
N LYS C 425 14.99 -12.24 -43.51
CA LYS C 425 15.96 -11.70 -44.43
C LYS C 425 15.23 -10.73 -45.36
N GLU C 426 15.98 -9.77 -45.90
CA GLU C 426 15.44 -8.81 -46.85
C GLU C 426 15.57 -9.43 -48.24
N ASN C 427 14.44 -9.86 -48.81
CA ASN C 427 14.39 -10.51 -50.12
C ASN C 427 14.11 -9.47 -51.20
N ARG C 428 15.13 -9.17 -51.99
CA ARG C 428 15.14 -8.08 -52.97
C ARG C 428 15.03 -8.61 -54.39
N LEU C 429 14.06 -8.10 -55.15
CA LEU C 429 13.91 -8.43 -56.57
C LEU C 429 14.07 -7.17 -57.41
N PRO C 430 15.16 -7.02 -58.15
CA PRO C 430 15.29 -5.88 -59.06
C PRO C 430 14.54 -6.11 -60.36
N PHE C 431 14.31 -5.01 -61.08
CA PHE C 431 13.56 -5.07 -62.33
C PHE C 431 14.13 -4.05 -63.30
N SER C 432 14.39 -4.51 -64.52
CA SER C 432 14.74 -3.62 -65.62
C SER C 432 13.44 -3.27 -66.33
N ILE C 433 12.84 -2.14 -65.96
CA ILE C 433 11.60 -1.67 -66.58
C ILE C 433 11.62 -0.16 -66.74
N THR C 438 -1.08 -0.44 -73.95
CA THR C 438 -0.70 0.55 -74.95
C THR C 438 0.05 1.69 -74.27
N SER C 439 -0.31 2.93 -74.66
CA SER C 439 0.27 4.13 -74.07
C SER C 439 -0.88 5.08 -73.71
N GLN C 440 -1.74 4.62 -72.82
CA GLN C 440 -2.87 5.40 -72.33
C GLN C 440 -2.86 5.48 -70.80
N GLU C 441 -2.90 4.33 -70.12
CA GLU C 441 -2.87 4.31 -68.65
C GLU C 441 -1.73 3.42 -68.18
N PRO C 442 -0.84 3.93 -67.32
CA PRO C 442 0.28 3.10 -66.81
C PRO C 442 -0.13 1.96 -65.89
N CYS C 443 -1.31 2.03 -65.27
CA CYS C 443 -1.79 1.00 -64.33
C CYS C 443 -1.52 -0.41 -64.82
N GLY C 444 -1.06 -1.25 -63.89
CA GLY C 444 -0.77 -2.65 -64.16
C GLY C 444 -0.96 -3.44 -62.88
N ARG C 445 -1.23 -4.74 -63.03
CA ARG C 445 -1.43 -5.63 -61.88
C ARG C 445 -0.51 -6.83 -62.02
N LEU C 446 0.24 -7.13 -60.97
CA LEU C 446 1.19 -8.24 -60.96
C LEU C 446 0.85 -9.22 -59.85
N SER C 447 1.06 -10.51 -60.13
CA SER C 447 0.72 -11.58 -59.21
C SER C 447 1.95 -12.38 -58.79
N PHE C 448 1.83 -13.00 -57.62
CA PHE C 448 2.87 -13.83 -57.01
C PHE C 448 2.26 -15.20 -56.72
N LEU C 449 2.82 -16.25 -57.33
CA LEU C 449 2.29 -17.61 -57.17
C LEU C 449 3.42 -18.60 -56.90
N LYS C 450 3.13 -19.59 -56.07
CA LYS C 450 4.13 -20.60 -55.71
C LYS C 450 4.51 -21.47 -56.90
N GLU C 451 3.53 -21.87 -57.72
CA GLU C 451 3.74 -22.71 -58.89
C GLU C 451 4.33 -21.87 -60.04
N PRO C 452 5.05 -22.50 -60.98
CA PRO C 452 5.65 -21.72 -62.08
C PRO C 452 4.65 -20.89 -62.89
N THR C 455 2.87 -22.14 -65.54
CA THR C 455 2.48 -23.25 -66.39
C THR C 455 1.30 -22.84 -67.29
N LYS C 456 1.53 -22.95 -68.61
CA LYS C 456 0.52 -22.62 -69.61
C LYS C 456 -0.71 -23.52 -69.60
N GLY C 457 -0.62 -24.71 -68.99
CA GLY C 457 -1.67 -25.69 -69.14
C GLY C 457 -2.94 -25.50 -68.34
N LEU C 458 -2.83 -25.10 -67.08
CA LEU C 458 -3.99 -24.81 -66.26
C LEU C 458 -3.69 -23.66 -65.32
N PRO C 459 -4.74 -22.97 -64.82
CA PRO C 459 -4.52 -21.84 -63.91
C PRO C 459 -4.39 -22.24 -62.46
N GLN C 460 -3.40 -21.70 -61.75
CA GLN C 460 -3.20 -21.96 -60.32
C GLN C 460 -3.54 -20.70 -59.54
N THR C 461 -4.34 -20.86 -58.49
CA THR C 461 -4.74 -19.72 -57.67
C THR C 461 -3.53 -19.06 -57.03
N ALA C 462 -3.52 -17.72 -57.04
CA ALA C 462 -2.39 -16.92 -56.63
C ALA C 462 -2.31 -16.77 -55.12
N VAL C 463 -1.15 -16.31 -54.66
CA VAL C 463 -0.92 -15.98 -53.26
C VAL C 463 -1.08 -14.48 -53.02
N CYS C 464 -0.49 -13.63 -53.87
CA CYS C 464 -0.66 -12.18 -53.77
C CYS C 464 -1.01 -11.60 -55.14
N ASN C 465 -1.72 -10.47 -55.12
CA ASN C 465 -2.14 -9.79 -56.35
C ASN C 465 -2.12 -8.29 -56.08
N LEU C 466 -1.06 -7.62 -56.52
CA LEU C 466 -0.83 -6.20 -56.24
C LEU C 466 -1.07 -5.36 -57.47
N ASN C 467 -2.09 -4.50 -57.42
CA ASN C 467 -2.28 -3.48 -58.45
C ASN C 467 -1.30 -2.34 -58.20
N ILE C 468 -0.63 -1.89 -59.27
CA ILE C 468 0.43 -0.89 -59.19
C ILE C 468 0.25 0.17 -60.27
N THR C 469 0.77 1.37 -60.02
CA THR C 469 0.72 2.49 -60.95
C THR C 469 2.06 3.21 -60.99
N LEU C 470 2.60 3.43 -62.20
CA LEU C 470 3.91 4.03 -62.42
C LEU C 470 3.85 5.55 -62.19
N PRO C 471 4.99 6.17 -61.84
CA PRO C 471 4.99 7.63 -61.62
C PRO C 471 5.18 8.45 -62.90
N ALA C 472 5.99 7.94 -63.82
CA ALA C 472 6.24 8.56 -65.14
C ALA C 472 6.95 9.91 -65.01
N HIS C 473 7.95 9.98 -64.14
CA HIS C 473 8.71 11.21 -63.95
C HIS C 473 9.49 11.59 -65.20
N ALA D 11 51.57 -10.46 -86.58
CA ALA D 11 50.18 -10.03 -86.51
C ALA D 11 49.25 -11.22 -86.27
N ALA D 12 49.50 -12.33 -86.96
CA ALA D 12 48.67 -13.51 -86.76
C ALA D 12 48.85 -14.05 -85.34
N GLU D 13 50.10 -14.06 -84.86
CA GLU D 13 50.34 -14.41 -83.47
C GLU D 13 49.78 -13.36 -82.53
N ALA D 14 49.80 -12.08 -82.96
CA ALA D 14 49.31 -10.99 -82.12
C ALA D 14 47.87 -11.21 -81.70
N GLU D 15 47.06 -11.80 -82.57
CA GLU D 15 45.68 -12.10 -82.19
C GLU D 15 45.65 -13.06 -81.02
N ALA D 16 46.48 -14.10 -81.07
CA ALA D 16 46.59 -15.02 -79.94
C ALA D 16 47.16 -14.31 -78.71
N TRP D 17 48.14 -13.42 -78.93
CA TRP D 17 48.71 -12.63 -77.83
C TRP D 17 47.64 -11.79 -77.14
N MET D 18 46.78 -11.15 -77.93
CA MET D 18 45.68 -10.38 -77.36
C MET D 18 44.66 -11.30 -76.68
N SER D 19 44.39 -12.46 -77.30
CA SER D 19 43.40 -13.38 -76.75
C SER D 19 43.82 -13.88 -75.37
N GLU D 20 45.13 -14.11 -75.17
CA GLU D 20 45.62 -14.52 -73.86
C GLU D 20 45.32 -13.46 -72.80
N GLN D 21 45.57 -12.18 -73.12
CA GLN D 21 45.19 -11.08 -72.22
C GLN D 21 43.68 -11.06 -71.99
N GLU D 22 42.90 -11.31 -73.04
CA GLU D 22 41.46 -11.38 -72.92
C GLU D 22 41.04 -12.44 -71.90
N LEU D 23 41.75 -13.58 -71.87
CA LEU D 23 41.48 -14.61 -70.87
C LEU D 23 41.81 -14.13 -69.45
N TYR D 24 42.99 -13.52 -69.26
CA TYR D 24 43.38 -13.09 -67.91
C TYR D 24 42.45 -12.03 -67.37
N MET D 25 42.11 -11.04 -68.20
CA MET D 25 41.30 -9.92 -67.73
C MET D 25 39.90 -10.34 -67.30
N MET D 26 39.31 -11.36 -67.93
CA MET D 26 37.99 -11.85 -67.53
C MET D 26 38.13 -12.95 -66.48
N SER D 27 37.85 -12.61 -65.22
CA SER D 27 37.95 -13.58 -64.12
C SER D 27 37.16 -13.06 -62.92
N GLU D 28 36.97 -13.95 -61.94
CA GLU D 28 36.28 -13.59 -60.70
C GLU D 28 37.10 -14.02 -59.48
N ASP D 33 39.33 -9.91 -48.93
CA ASP D 33 39.89 -8.87 -48.08
C ASP D 33 40.52 -7.74 -48.88
N GLU D 34 40.92 -6.67 -48.19
CA GLU D 34 41.53 -5.53 -48.86
C GLU D 34 42.87 -5.88 -49.49
N GLN D 35 43.62 -6.79 -48.87
CA GLN D 35 44.94 -7.18 -49.40
C GLN D 35 44.83 -7.78 -50.79
N SER D 36 43.81 -8.61 -51.04
CA SER D 36 43.65 -9.21 -52.36
C SER D 36 43.34 -8.14 -53.40
N ALA D 37 42.41 -7.24 -53.08
CA ALA D 37 41.99 -6.23 -54.05
C ALA D 37 43.11 -5.25 -54.37
N VAL D 38 43.89 -4.84 -53.38
CA VAL D 38 44.95 -3.85 -53.62
C VAL D 38 46.00 -4.40 -54.59
N SER D 39 46.34 -5.70 -54.46
CA SER D 39 47.27 -6.31 -55.41
C SER D 39 46.58 -6.53 -56.75
N MET D 40 45.35 -7.05 -56.72
CA MET D 40 44.49 -7.17 -57.90
C MET D 40 44.64 -5.95 -58.81
N LEU D 41 44.38 -4.75 -58.26
CA LEU D 41 44.52 -3.52 -59.01
C LEU D 41 45.98 -3.20 -59.36
N LYS D 42 46.92 -3.57 -58.48
CA LYS D 42 48.34 -3.35 -58.79
C LYS D 42 48.75 -4.10 -60.07
N LYS D 43 48.43 -5.39 -60.16
CA LYS D 43 48.70 -6.14 -61.38
C LYS D 43 47.98 -5.51 -62.58
N HIS D 44 46.68 -5.28 -62.44
CA HIS D 44 45.86 -4.82 -63.56
C HIS D 44 46.36 -3.51 -64.15
N GLN D 45 46.93 -2.62 -63.32
CA GLN D 45 47.49 -1.38 -63.84
C GLN D 45 48.66 -1.67 -64.79
N ILE D 46 49.51 -2.63 -64.43
CA ILE D 46 50.63 -3.02 -65.29
C ILE D 46 50.14 -3.60 -66.61
N LEU D 47 49.05 -4.39 -66.59
CA LEU D 47 48.52 -4.96 -67.82
C LEU D 47 48.04 -3.86 -68.77
N GLU D 48 47.38 -2.83 -68.24
CA GLU D 48 46.93 -1.73 -69.08
C GLU D 48 48.12 -1.03 -69.73
N GLN D 49 49.20 -0.83 -68.97
CA GLN D 49 50.42 -0.25 -69.55
C GLN D 49 50.97 -1.16 -70.63
N ALA D 50 50.92 -2.48 -70.41
CA ALA D 50 51.33 -3.45 -71.44
C ALA D 50 50.43 -3.35 -72.67
N VAL D 51 49.12 -3.16 -72.47
CA VAL D 51 48.18 -2.99 -73.56
C VAL D 51 48.51 -1.73 -74.35
N GLU D 52 48.94 -0.67 -73.65
CA GLU D 52 49.37 0.54 -74.33
C GLU D 52 50.54 0.25 -75.25
N ASP D 53 51.48 -0.61 -74.82
CA ASP D 53 52.58 -1.01 -75.67
C ASP D 53 52.08 -1.76 -76.91
N TYR D 54 51.06 -2.61 -76.73
CA TYR D 54 50.43 -3.28 -77.87
C TYR D 54 49.79 -2.24 -78.79
N ALA D 55 49.25 -1.15 -78.22
CA ALA D 55 48.66 -0.09 -79.02
C ALA D 55 49.68 0.50 -79.98
N GLU D 56 50.91 0.71 -79.53
CA GLU D 56 51.97 1.16 -80.42
C GLU D 56 52.25 0.11 -81.49
N THR D 57 52.25 -1.16 -81.09
CA THR D 57 52.44 -2.25 -82.05
C THR D 57 51.31 -2.26 -83.08
N VAL D 58 50.07 -2.07 -82.64
CA VAL D 58 48.93 -2.06 -83.55
C VAL D 58 49.01 -0.87 -84.51
N HIS D 59 49.40 0.31 -84.02
CA HIS D 59 49.43 1.49 -84.88
C HIS D 59 50.42 1.31 -86.02
N GLN D 60 51.62 0.81 -85.73
CA GLN D 60 52.59 0.57 -86.79
C GLN D 60 52.19 -0.63 -87.64
N LEU D 61 51.77 -1.73 -87.00
CA LEU D 61 51.29 -2.89 -87.74
C LEU D 61 50.15 -2.53 -88.67
N SER D 62 49.22 -1.69 -88.21
CA SER D 62 48.14 -1.21 -89.08
C SER D 62 48.71 -0.40 -90.23
N LYS D 63 49.70 0.46 -89.95
CA LYS D 63 50.33 1.23 -91.01
C LYS D 63 50.97 0.30 -92.04
N THR D 64 51.68 -0.73 -91.56
CA THR D 64 52.31 -1.69 -92.46
C THR D 64 51.26 -2.52 -93.19
N SER D 65 50.21 -2.95 -92.47
CA SER D 65 49.16 -3.75 -93.09
C SER D 65 48.43 -2.99 -94.20
N ARG D 66 48.30 -1.66 -94.07
CA ARG D 66 47.57 -0.87 -95.06
C ARG D 66 48.08 -1.14 -96.48
N ALA D 67 49.38 -0.91 -96.72
CA ALA D 67 50.06 -1.30 -97.97
C ALA D 67 49.25 -0.95 -99.23
N LEU D 68 48.62 0.23 -99.22
CA LEU D 68 47.76 0.62 -100.33
C LEU D 68 48.56 0.94 -101.60
N VAL D 69 49.69 1.64 -101.46
CA VAL D 69 50.44 2.11 -102.62
C VAL D 69 50.94 0.96 -103.47
N ALA D 70 51.43 -0.12 -102.83
CA ALA D 70 51.93 -1.26 -103.58
C ALA D 70 50.83 -1.86 -104.45
N ASP D 71 49.60 -1.87 -103.96
CA ASP D 71 48.43 -2.38 -104.68
C ASP D 71 48.63 -3.82 -105.13
N SER D 72 49.43 -4.56 -104.38
CA SER D 72 49.59 -5.99 -104.63
C SER D 72 48.36 -6.68 -104.06
N HIS D 73 47.99 -7.81 -104.64
CA HIS D 73 46.78 -8.51 -104.20
C HIS D 73 47.09 -9.94 -103.79
N PRO D 74 47.84 -10.13 -102.68
CA PRO D 74 48.01 -11.48 -102.15
C PRO D 74 46.90 -11.57 -101.12
N GLU D 75 45.72 -12.04 -101.52
CA GLU D 75 44.55 -12.05 -100.64
C GLU D 75 44.31 -10.63 -100.11
N SER D 76 44.34 -9.66 -101.03
CA SER D 76 44.18 -8.25 -100.66
C SER D 76 42.85 -7.99 -99.96
N GLU D 77 41.77 -8.59 -100.45
CA GLU D 77 40.50 -8.46 -99.75
C GLU D 77 40.61 -9.07 -98.36
N ARG D 78 41.25 -10.23 -98.25
CA ARG D 78 41.46 -10.88 -96.97
C ARG D 78 42.34 -10.04 -96.04
N ILE D 79 43.45 -9.51 -96.57
CA ILE D 79 44.39 -8.75 -95.75
C ILE D 79 43.69 -7.59 -95.05
N SER D 80 42.86 -6.84 -95.79
CA SER D 80 42.12 -5.74 -95.17
C SER D 80 41.21 -6.26 -94.06
N MET D 81 40.62 -7.43 -94.24
CA MET D 81 39.79 -8.05 -93.21
C MET D 81 40.58 -8.40 -91.96
N ARG D 82 41.81 -8.93 -92.12
CA ARG D 82 42.62 -9.26 -90.94
C ARG D 82 42.99 -8.00 -90.16
N GLN D 83 43.39 -6.94 -90.86
CA GLN D 83 43.71 -5.70 -90.17
C GLN D 83 42.47 -5.12 -89.48
N SER D 84 41.32 -5.17 -90.15
CA SER D 84 40.09 -4.67 -89.54
C SER D 84 39.71 -5.48 -88.30
N LYS D 85 39.81 -6.82 -88.37
CA LYS D 85 39.56 -7.62 -87.17
C LYS D 85 40.54 -7.26 -86.07
N VAL D 86 41.82 -7.03 -86.43
CA VAL D 86 42.82 -6.65 -85.44
C VAL D 86 42.43 -5.34 -84.76
N ASP D 87 41.95 -4.37 -85.52
CA ASP D 87 41.52 -3.10 -84.92
C ASP D 87 40.35 -3.32 -83.96
N LYS D 88 39.36 -4.10 -84.39
CA LYS D 88 38.24 -4.42 -83.51
C LYS D 88 38.71 -5.25 -82.31
N LEU D 89 39.63 -6.19 -82.56
CA LEU D 89 40.14 -7.03 -81.49
C LEU D 89 40.85 -6.20 -80.42
N TYR D 90 41.72 -5.28 -80.85
CA TYR D 90 42.48 -4.51 -79.87
C TYR D 90 41.59 -3.50 -79.16
N ALA D 91 40.77 -2.76 -79.91
CA ALA D 91 39.92 -1.74 -79.29
C ALA D 91 38.96 -2.36 -78.28
N GLY D 92 38.36 -3.50 -78.62
CA GLY D 92 37.53 -4.19 -77.66
C GLY D 92 38.31 -4.66 -76.45
N LEU D 93 39.55 -5.12 -76.67
CA LEU D 93 40.40 -5.56 -75.56
C LEU D 93 40.71 -4.40 -74.63
N LYS D 94 41.11 -3.25 -75.18
CA LYS D 94 41.33 -2.05 -74.36
C LYS D 94 40.05 -1.67 -73.61
N ASP D 95 38.91 -1.71 -74.30
CA ASP D 95 37.64 -1.40 -73.65
C ASP D 95 37.38 -2.33 -72.47
N LEU D 96 37.64 -3.63 -72.65
CA LEU D 96 37.46 -4.60 -71.56
C LEU D 96 38.42 -4.34 -70.41
N ALA D 97 39.65 -3.91 -70.71
CA ALA D 97 40.60 -3.62 -69.64
C ALA D 97 40.04 -2.53 -68.71
N GLU D 98 39.44 -1.48 -69.29
CA GLU D 98 38.83 -0.43 -68.49
C GLU D 98 37.66 -0.95 -67.68
N GLU D 99 36.83 -1.81 -68.29
CA GLU D 99 35.64 -2.32 -67.61
C GLU D 99 36.02 -3.09 -66.34
N ARG D 100 37.02 -3.96 -66.43
CA ARG D 100 37.47 -4.67 -65.22
C ARG D 100 38.07 -3.71 -64.19
N ARG D 101 38.92 -2.78 -64.65
CA ARG D 101 39.53 -1.81 -63.74
C ARG D 101 38.50 -1.16 -62.81
N GLY D 102 37.35 -0.75 -63.37
CA GLY D 102 36.29 -0.25 -62.54
C GLY D 102 35.74 -1.29 -61.58
N LYS D 103 35.51 -2.51 -62.09
CA LYS D 103 34.95 -3.56 -61.25
C LYS D 103 35.87 -3.89 -60.09
N LEU D 104 37.18 -4.00 -60.35
CA LEU D 104 38.13 -4.25 -59.28
C LEU D 104 38.21 -3.07 -58.31
N ASP D 105 38.21 -1.85 -58.86
CA ASP D 105 38.24 -0.67 -58.01
C ASP D 105 37.03 -0.65 -57.09
N GLU D 106 35.87 -1.07 -57.60
CA GLU D 106 34.70 -1.17 -56.73
C GLU D 106 34.95 -2.14 -55.58
N ARG D 107 35.58 -3.29 -55.87
CA ARG D 107 35.84 -4.26 -54.82
C ARG D 107 36.80 -3.68 -53.78
N HIS D 108 37.84 -2.99 -54.23
CA HIS D 108 38.80 -2.40 -53.30
C HIS D 108 38.14 -1.32 -52.47
N ARG D 109 37.38 -0.43 -53.10
CA ARG D 109 36.69 0.62 -52.34
C ARG D 109 35.67 0.00 -51.39
N LEU D 110 34.97 -1.05 -51.83
CA LEU D 110 33.99 -1.69 -50.97
C LEU D 110 34.64 -2.29 -49.74
N PHE D 111 35.73 -3.05 -49.93
CA PHE D 111 36.41 -3.64 -48.78
C PHE D 111 37.06 -2.57 -47.91
N GLN D 112 37.67 -1.55 -48.54
CA GLN D 112 38.29 -0.48 -47.77
C GLN D 112 37.28 0.17 -46.82
N LEU D 113 36.07 0.46 -47.32
CA LEU D 113 35.04 1.02 -46.46
C LEU D 113 34.56 0.02 -45.40
N ASN D 114 34.35 -1.25 -45.78
CA ASN D 114 33.89 -2.25 -44.82
C ASN D 114 34.77 -2.30 -43.58
N ARG D 115 36.09 -2.17 -43.77
CA ARG D 115 36.99 -2.17 -42.62
C ARG D 115 36.61 -1.08 -41.63
N GLU D 116 36.33 0.12 -42.14
CA GLU D 116 35.97 1.25 -41.28
C GLU D 116 34.66 1.01 -40.53
N VAL D 117 33.64 0.48 -41.21
CA VAL D 117 32.38 0.18 -40.54
C VAL D 117 32.60 -0.78 -39.38
N ASP D 118 33.41 -1.82 -39.59
CA ASP D 118 33.73 -2.75 -38.50
C ASP D 118 34.57 -2.09 -37.41
N ASP D 119 35.45 -1.15 -37.76
CA ASP D 119 36.21 -0.41 -36.75
C ASP D 119 35.28 0.38 -35.85
N LEU D 120 34.34 1.13 -36.45
CA LEU D 120 33.39 1.90 -35.66
C LEU D 120 32.51 0.98 -34.83
N GLU D 121 32.09 -0.15 -35.41
CA GLU D 121 31.27 -1.10 -34.68
C GLU D 121 32.02 -1.67 -33.48
N GLN D 122 33.32 -1.92 -33.64
CA GLN D 122 34.15 -2.33 -32.50
C GLN D 122 34.21 -1.24 -31.43
N TRP D 123 34.35 0.02 -31.85
CA TRP D 123 34.38 1.16 -30.93
C TRP D 123 33.13 1.19 -30.06
N ILE D 124 31.97 1.05 -30.67
CA ILE D 124 30.71 1.05 -29.95
C ILE D 124 30.68 -0.12 -28.97
N ALA D 125 31.22 -1.26 -29.36
CA ALA D 125 31.31 -2.39 -28.44
C ALA D 125 32.16 -2.04 -27.23
N GLU D 126 33.20 -1.23 -27.45
CA GLU D 126 34.11 -0.80 -26.38
C GLU D 126 33.37 0.10 -25.41
N ARG D 127 32.83 1.21 -25.92
CA ARG D 127 32.05 2.15 -25.12
C ARG D 127 30.78 1.49 -24.59
N GLU D 128 30.21 0.55 -25.32
CA GLU D 128 29.08 -0.22 -24.80
C GLU D 128 29.49 -0.93 -23.53
N VAL D 129 30.69 -1.49 -23.51
CA VAL D 129 31.20 -2.15 -22.30
C VAL D 129 31.30 -1.14 -21.17
N VAL D 130 31.75 0.08 -21.48
CA VAL D 130 31.95 1.09 -20.44
C VAL D 130 30.62 1.40 -19.77
N ALA D 131 29.56 1.60 -20.57
CA ALA D 131 28.25 1.93 -20.03
C ALA D 131 27.49 0.66 -19.65
N GLY D 132 27.99 -0.50 -20.08
CA GLY D 132 27.37 -1.75 -19.70
C GLY D 132 27.50 -1.95 -18.21
N SER D 133 28.67 -1.59 -17.66
CA SER D 133 28.95 -1.74 -16.25
C SER D 133 27.88 -1.02 -15.44
N HIS D 134 27.30 -1.73 -14.49
CA HIS D 134 26.31 -1.16 -13.59
C HIS D 134 26.93 -1.10 -12.22
N GLU D 135 28.08 -0.45 -12.12
CA GLU D 135 28.74 -0.26 -10.84
C GLU D 135 27.97 0.83 -10.10
N LEU D 136 27.18 0.40 -9.13
CA LEU D 136 26.31 1.30 -8.36
C LEU D 136 27.12 2.28 -7.52
N GLY D 137 28.17 1.80 -6.86
CA GLY D 137 29.01 2.64 -6.03
C GLY D 137 29.03 2.21 -4.57
N GLN D 138 30.22 2.29 -3.95
CA GLN D 138 30.38 1.86 -2.57
C GLN D 138 29.73 2.83 -1.59
N ASP D 139 29.93 4.13 -1.79
CA ASP D 139 29.42 5.15 -0.87
C ASP D 139 29.08 6.40 -1.68
N TYR D 140 28.56 7.41 -0.98
CA TYR D 140 28.21 8.66 -1.63
C TYR D 140 29.43 9.34 -2.25
N GLU D 141 30.58 9.29 -1.57
CA GLU D 141 31.79 9.90 -2.12
C GLU D 141 32.21 9.23 -3.43
N HIS D 142 31.92 7.94 -3.59
CA HIS D 142 32.24 7.23 -4.84
C HIS D 142 31.29 7.60 -5.98
N VAL D 143 29.99 7.39 -5.76
CA VAL D 143 29.00 7.62 -6.82
C VAL D 143 29.10 9.04 -7.36
N THR D 144 29.56 10.00 -6.55
CA THR D 144 29.79 11.35 -7.07
C THR D 144 30.89 11.36 -8.12
N MET D 145 31.98 10.65 -7.86
CA MET D 145 33.05 10.56 -8.85
C MET D 145 32.58 9.80 -10.09
N LEU D 146 31.91 8.66 -9.89
CA LEU D 146 31.33 7.91 -10.99
C LEU D 146 30.51 8.84 -11.90
N GLN D 147 29.54 9.51 -11.31
CA GLN D 147 28.61 10.33 -12.08
C GLN D 147 29.29 11.52 -12.73
N GLU D 148 30.21 12.18 -12.02
CA GLU D 148 30.84 13.36 -12.59
C GLU D 148 31.92 12.99 -13.60
N ARG D 149 32.37 11.73 -13.61
CA ARG D 149 33.27 11.20 -14.63
C ARG D 149 32.50 10.69 -15.85
N PHE D 150 31.55 9.77 -15.61
CA PHE D 150 30.73 9.25 -16.70
C PHE D 150 30.09 10.37 -17.51
N ARG D 151 29.73 11.46 -16.85
CA ARG D 151 29.15 12.59 -17.57
C ARG D 151 30.16 13.18 -18.56
N GLU D 152 31.43 13.17 -18.19
CA GLU D 152 32.45 13.63 -19.14
C GLU D 152 32.64 12.62 -20.25
N PHE D 153 32.66 11.33 -19.91
CA PHE D 153 32.79 10.28 -20.91
C PHE D 153 31.64 10.32 -21.90
N ALA D 154 30.42 10.59 -21.40
CA ALA D 154 29.28 10.73 -22.30
C ALA D 154 29.41 11.95 -23.21
N ARG D 155 29.84 13.08 -22.66
CA ARG D 155 30.06 14.26 -23.49
C ARG D 155 31.03 13.97 -24.63
N ASP D 156 32.13 13.27 -24.33
CA ASP D 156 33.16 13.04 -25.33
C ASP D 156 32.70 12.07 -26.41
N THR D 157 32.32 10.84 -26.01
CA THR D 157 31.67 9.89 -26.91
C THR D 157 30.63 10.53 -27.82
N GLY D 158 29.67 11.23 -27.24
CA GLY D 158 28.64 11.89 -28.03
C GLY D 158 29.17 12.84 -29.08
N ASN D 159 30.31 13.47 -28.82
CA ASN D 159 30.88 14.35 -29.83
C ASN D 159 31.70 13.55 -30.85
N ILE D 160 32.74 12.88 -30.39
CA ILE D 160 33.67 12.21 -31.32
C ILE D 160 32.97 11.06 -32.04
N GLY D 161 32.19 10.27 -31.31
CA GLY D 161 31.37 9.24 -31.95
C GLY D 161 30.56 9.75 -33.13
N GLN D 162 29.83 10.85 -32.94
CA GLN D 162 29.01 11.40 -34.02
C GLN D 162 29.85 11.93 -35.17
N GLU D 163 31.04 12.45 -34.89
CA GLU D 163 31.94 12.82 -35.99
C GLU D 163 32.23 11.61 -36.87
N ARG D 164 32.57 10.48 -36.25
CA ARG D 164 32.95 9.30 -37.02
C ARG D 164 31.76 8.65 -37.73
N VAL D 165 30.63 8.49 -37.03
CA VAL D 165 29.44 7.91 -37.66
C VAL D 165 28.94 8.79 -38.79
N ASP D 166 29.00 10.11 -38.61
CA ASP D 166 28.69 11.00 -39.72
C ASP D 166 29.70 10.82 -40.86
N THR D 167 30.97 10.57 -40.51
CA THR D 167 31.98 10.37 -41.55
C THR D 167 31.71 9.10 -42.37
N VAL D 168 31.42 7.99 -41.68
CA VAL D 168 31.15 6.74 -42.40
C VAL D 168 29.85 6.83 -43.20
N ASN D 169 28.82 7.47 -42.66
CA ASN D 169 27.62 7.67 -43.46
C ASN D 169 27.91 8.54 -44.66
N ASN D 170 28.77 9.56 -44.49
CA ASN D 170 29.18 10.35 -45.65
C ASN D 170 29.93 9.48 -46.65
N MET D 171 30.87 8.65 -46.16
CA MET D 171 31.67 7.79 -47.03
C MET D 171 30.81 6.74 -47.74
N ALA D 172 29.92 6.09 -47.00
CA ALA D 172 29.03 5.11 -47.60
C ALA D 172 28.03 5.78 -48.53
N ASP D 173 27.52 6.97 -48.15
CA ASP D 173 26.63 7.69 -49.06
C ASP D 173 27.33 7.96 -50.39
N GLU D 174 28.63 8.26 -50.35
CA GLU D 174 29.40 8.47 -51.57
C GLU D 174 29.45 7.21 -52.45
N LEU D 175 29.60 6.03 -51.85
CA LEU D 175 29.66 4.81 -52.66
C LEU D 175 28.31 4.50 -53.29
N ILE D 176 27.23 4.51 -52.50
CA ILE D 176 25.91 4.22 -53.07
C ILE D 176 25.53 5.32 -54.07
N ASN D 177 25.76 6.58 -53.69
CA ASN D 177 25.53 7.68 -54.62
C ASN D 177 26.39 7.53 -55.87
N SER D 178 27.59 6.96 -55.73
CA SER D 178 28.48 6.74 -56.87
C SER D 178 27.91 5.75 -57.88
N GLY D 179 27.01 4.86 -57.45
CA GLY D 179 26.52 3.80 -58.30
C GLY D 179 27.37 2.55 -58.18
N HIS D 180 27.38 1.96 -57.00
CA HIS D 180 28.14 0.74 -56.77
C HIS D 180 27.31 -0.46 -57.19
N SER D 181 27.97 -1.43 -57.83
CA SER D 181 27.30 -2.67 -58.22
C SER D 181 27.03 -3.57 -57.03
N ASP D 182 27.57 -3.22 -55.86
CA ASP D 182 27.38 -3.98 -54.63
C ASP D 182 26.64 -3.18 -53.57
N ALA D 183 26.14 -1.98 -53.90
CA ALA D 183 25.55 -1.09 -52.90
C ALA D 183 24.15 -1.52 -52.44
N ALA D 184 23.92 -2.83 -52.30
CA ALA D 184 22.77 -3.32 -51.56
C ALA D 184 23.16 -3.77 -50.17
N THR D 185 24.39 -4.27 -50.00
CA THR D 185 24.89 -4.65 -48.69
C THR D 185 25.58 -3.50 -47.99
N ILE D 186 26.00 -2.49 -48.76
CA ILE D 186 26.45 -1.25 -48.15
C ILE D 186 25.33 -0.63 -47.34
N ALA D 187 24.13 -0.54 -47.92
CA ALA D 187 22.98 0.01 -47.20
C ALA D 187 22.60 -0.85 -46.00
N GLU D 188 22.67 -2.17 -46.15
CA GLU D 188 22.46 -3.05 -44.99
C GLU D 188 23.45 -2.72 -43.87
N TRP D 189 24.72 -2.48 -44.21
CA TRP D 189 25.71 -2.12 -43.21
C TRP D 189 25.40 -0.77 -42.58
N LYS D 190 24.90 0.17 -43.38
CA LYS D 190 24.57 1.51 -42.88
C LYS D 190 23.47 1.44 -41.84
N ASP D 191 22.37 0.74 -42.16
CA ASP D 191 21.33 0.47 -41.18
C ASP D 191 21.92 -0.18 -39.92
N GLY D 192 22.77 -1.20 -40.11
CA GLY D 192 23.36 -1.87 -38.97
C GLY D 192 24.19 -0.96 -38.09
N LEU D 193 25.02 -0.12 -38.71
CA LEU D 193 25.87 0.78 -37.93
C LEU D 193 25.05 1.84 -37.20
N ASN D 194 24.21 2.57 -37.92
CA ASN D 194 23.41 3.63 -37.30
C ASN D 194 22.51 3.06 -36.21
N GLU D 195 22.01 1.85 -36.40
CA GLU D 195 21.26 1.17 -35.34
C GLU D 195 22.10 1.00 -34.08
N ALA D 196 23.30 0.41 -34.22
CA ALA D 196 24.12 0.16 -33.05
C ALA D 196 24.60 1.46 -32.42
N TRP D 197 24.86 2.49 -33.23
CA TRP D 197 25.21 3.80 -32.71
C TRP D 197 24.09 4.36 -31.85
N ALA D 198 22.90 4.46 -32.43
CA ALA D 198 21.74 4.92 -31.68
C ALA D 198 21.38 3.98 -30.54
N ASP D 199 21.92 2.76 -30.52
CA ASP D 199 21.82 1.94 -29.32
C ASP D 199 22.77 2.40 -28.22
N LEU D 200 24.00 2.79 -28.57
CA LEU D 200 24.95 3.23 -27.55
C LEU D 200 24.50 4.52 -26.88
N LEU D 201 24.17 5.55 -27.66
CA LEU D 201 23.67 6.78 -27.06
C LEU D 201 22.54 6.48 -26.11
N GLU D 202 21.61 5.63 -26.53
CA GLU D 202 20.49 5.31 -25.67
C GLU D 202 20.97 4.59 -24.41
N LEU D 203 21.92 3.65 -24.56
CA LEU D 203 22.52 3.00 -23.39
C LEU D 203 23.20 4.02 -22.48
N ILE D 204 24.03 4.89 -23.07
CA ILE D 204 24.65 5.98 -22.33
C ILE D 204 23.64 6.71 -21.45
N ASP D 205 22.50 7.08 -22.02
CA ASP D 205 21.51 7.85 -21.27
C ASP D 205 20.96 7.05 -20.10
N THR D 206 20.59 5.79 -20.34
CA THR D 206 20.02 4.99 -19.26
C THR D 206 21.05 4.70 -18.16
N ARG D 207 22.34 4.70 -18.50
CA ARG D 207 23.38 4.60 -17.47
C ARG D 207 23.48 5.90 -16.68
N THR D 208 23.42 7.04 -17.37
CA THR D 208 23.39 8.33 -16.69
C THR D 208 22.25 8.38 -15.68
N GLN D 209 21.04 8.04 -16.12
CA GLN D 209 19.89 7.97 -15.22
C GLN D 209 20.15 7.06 -14.03
N ILE D 210 20.62 5.84 -14.27
CA ILE D 210 20.83 4.89 -13.17
C ILE D 210 21.83 5.44 -12.16
N LEU D 211 22.82 6.20 -12.60
CA LEU D 211 23.75 6.81 -11.65
C LEU D 211 23.04 7.89 -10.83
N ALA D 212 22.33 8.80 -11.51
CA ALA D 212 21.53 9.82 -10.83
C ALA D 212 20.65 9.21 -9.74
N ALA D 213 19.98 8.09 -10.04
CA ALA D 213 19.14 7.46 -9.03
C ALA D 213 19.98 6.96 -7.85
N SER D 214 21.13 6.34 -8.15
CA SER D 214 22.02 5.87 -7.09
C SER D 214 22.54 7.04 -6.25
N TYR D 215 22.93 8.11 -6.92
CA TYR D 215 23.43 9.31 -6.24
C TYR D 215 22.35 9.91 -5.36
N GLU D 216 21.10 9.89 -5.81
CA GLU D 216 20.00 10.41 -4.99
C GLU D 216 19.81 9.59 -3.72
N LEU D 217 19.79 8.25 -3.84
CA LEU D 217 19.65 7.43 -2.62
C LEU D 217 20.86 7.57 -1.73
N HIS D 218 22.05 7.56 -2.31
CA HIS D 218 23.27 7.69 -1.53
C HIS D 218 23.29 9.02 -0.79
N LYS D 219 22.82 10.10 -1.44
CA LYS D 219 22.70 11.37 -0.74
C LYS D 219 21.77 11.27 0.45
N PHE D 220 20.63 10.57 0.31
CA PHE D 220 19.73 10.46 1.43
C PHE D 220 20.37 9.71 2.59
N TYR D 221 21.04 8.59 2.30
CA TYR D 221 21.61 7.82 3.40
C TYR D 221 22.69 8.61 4.11
N HIS D 222 23.57 9.26 3.35
CA HIS D 222 24.59 10.09 3.97
C HIS D 222 23.97 11.26 4.74
N ASP D 223 22.95 11.91 4.16
CA ASP D 223 22.26 12.98 4.87
C ASP D 223 21.60 12.49 6.16
N ALA D 224 21.08 11.26 6.16
CA ALA D 224 20.48 10.73 7.38
C ALA D 224 21.50 10.63 8.50
N LYS D 225 22.70 10.12 8.20
CA LYS D 225 23.73 10.00 9.22
C LYS D 225 24.08 11.36 9.80
N GLU D 226 24.30 12.36 8.94
CA GLU D 226 24.67 13.68 9.42
C GLU D 226 23.54 14.34 10.22
N ILE D 227 22.31 14.29 9.73
CA ILE D 227 21.21 14.93 10.45
C ILE D 227 20.99 14.25 11.80
N PHE D 228 21.00 12.92 11.81
CA PHE D 228 20.85 12.19 13.06
C PHE D 228 21.97 12.56 14.02
N GLY D 229 23.20 12.66 13.51
CA GLY D 229 24.30 13.08 14.34
C GLY D 229 24.15 14.49 14.87
N ARG D 230 23.72 15.43 14.02
CA ARG D 230 23.53 16.81 14.45
C ARG D 230 22.43 16.93 15.47
N ILE D 231 21.31 16.23 15.25
CA ILE D 231 20.18 16.31 16.18
C ILE D 231 20.61 15.79 17.54
N GLN D 232 21.22 14.61 17.59
CA GLN D 232 21.65 14.07 18.87
C GLN D 232 22.79 14.91 19.45
N ASP D 233 23.68 15.42 18.59
CA ASP D 233 24.78 16.26 19.08
C ASP D 233 24.24 17.53 19.71
N LYS D 234 23.31 18.22 19.03
CA LYS D 234 22.71 19.41 19.61
C LYS D 234 21.88 19.05 20.85
N HIS D 235 21.35 17.84 20.91
CA HIS D 235 20.64 17.36 22.10
C HIS D 235 21.58 17.18 23.29
N LYS D 236 22.81 16.70 23.05
CA LYS D 236 23.77 16.56 24.14
C LYS D 236 24.17 17.92 24.71
N LYS D 237 24.25 18.95 23.86
CA LYS D 237 24.59 20.30 24.28
C LYS D 237 23.51 20.94 25.14
N LEU D 238 22.26 20.47 25.04
CA LEU D 238 21.18 21.08 25.81
C LEU D 238 21.34 20.95 27.33
N PRO D 239 21.82 19.83 27.90
CA PRO D 239 21.98 19.78 29.36
C PRO D 239 22.85 20.88 29.95
N GLU D 240 23.95 21.25 29.27
CA GLU D 240 24.80 22.33 29.78
C GLU D 240 24.03 23.65 29.86
N GLU D 241 23.22 23.95 28.84
CA GLU D 241 22.40 25.16 28.79
C GLU D 241 23.17 26.44 29.11
N ASN D 247 21.02 36.11 35.14
CA ASN D 247 21.11 34.72 34.73
C ASN D 247 20.01 34.38 33.73
N THR D 248 18.74 34.39 34.17
CA THR D 248 17.65 34.10 33.23
C THR D 248 17.59 35.14 32.13
N VAL D 249 17.96 36.40 32.43
CA VAL D 249 18.02 37.42 31.39
C VAL D 249 19.02 37.03 30.31
N GLU D 250 20.21 36.59 30.72
CA GLU D 250 21.22 36.16 29.75
C GLU D 250 20.79 34.92 28.97
N THR D 251 20.20 33.93 29.65
CA THR D 251 19.72 32.73 28.96
C THR D 251 18.53 33.03 28.06
N LEU D 252 17.60 33.89 28.50
CA LEU D 252 16.44 34.21 27.67
C LEU D 252 16.86 34.86 26.36
N GLN D 253 17.79 35.82 26.42
CA GLN D 253 18.31 36.42 25.20
C GLN D 253 19.09 35.39 24.37
N ARG D 254 19.88 34.54 25.03
CA ARG D 254 20.69 33.54 24.32
C ARG D 254 19.82 32.53 23.58
N MET D 255 18.71 32.10 24.18
CA MET D 255 17.84 31.13 23.52
C MET D 255 17.13 31.75 22.32
N HIS D 256 16.47 32.89 22.52
CA HIS D 256 15.72 33.51 21.43
C HIS D 256 16.63 33.91 20.26
N THR D 257 17.79 34.51 20.56
CA THR D 257 18.64 35.02 19.49
C THR D 257 19.29 33.90 18.68
N THR D 258 19.87 32.90 19.34
CA THR D 258 20.68 31.89 18.66
C THR D 258 20.02 30.51 18.62
N PHE D 259 19.52 30.04 19.75
CA PHE D 259 19.03 28.67 19.83
C PHE D 259 17.80 28.46 18.96
N GLU D 260 16.84 29.39 19.02
CA GLU D 260 15.64 29.22 18.21
C GLU D 260 15.99 29.21 16.73
N HIS D 261 16.89 30.11 16.31
CA HIS D 261 17.33 30.09 14.92
C HIS D 261 18.06 28.78 14.60
N ASP D 262 18.87 28.29 15.55
CA ASP D 262 19.57 27.01 15.35
C ASP D 262 18.61 25.87 15.03
N ILE D 263 17.54 25.70 15.81
CA ILE D 263 16.61 24.62 15.52
C ILE D 263 15.83 24.90 14.25
N GLN D 264 15.36 26.14 14.06
CA GLN D 264 14.66 26.47 12.83
C GLN D 264 15.48 26.03 11.63
N ALA D 265 16.80 26.27 11.66
CA ALA D 265 17.68 25.75 10.62
C ALA D 265 17.71 24.23 10.67
N LEU D 266 17.85 23.65 11.86
CA LEU D 266 17.95 22.20 11.97
C LEU D 266 16.67 21.52 11.50
N GLY D 267 15.51 22.04 11.93
CA GLY D 267 14.25 21.46 11.48
C GLY D 267 14.01 21.60 9.99
N THR D 268 14.42 22.72 9.40
CA THR D 268 14.35 22.85 7.94
C THR D 268 15.13 21.74 7.27
N GLN D 269 16.32 21.42 7.80
CA GLN D 269 17.10 20.30 7.31
C GLN D 269 16.36 18.98 7.48
N VAL D 270 15.69 18.77 8.62
CA VAL D 270 14.96 17.52 8.84
C VAL D 270 13.81 17.39 7.86
N ARG D 271 13.06 18.47 7.67
CA ARG D 271 11.94 18.45 6.72
C ARG D 271 12.46 18.24 5.29
N GLN D 272 13.55 18.92 4.93
CA GLN D 272 14.16 18.72 3.62
C GLN D 272 14.59 17.27 3.44
N LEU D 273 15.22 16.68 4.46
CA LEU D 273 15.52 15.26 4.45
C LEU D 273 14.25 14.43 4.26
N GLN D 274 13.16 14.82 4.94
CA GLN D 274 11.88 14.12 4.80
C GLN D 274 11.37 14.16 3.36
N GLU D 275 11.51 15.31 2.71
CA GLU D 275 11.09 15.42 1.32
C GLU D 275 11.84 14.43 0.43
N ASP D 276 13.17 14.38 0.58
CA ASP D 276 13.98 13.43 -0.20
C ASP D 276 13.53 12.00 0.06
N ALA D 277 13.31 11.64 1.32
CA ALA D 277 12.79 10.31 1.66
C ALA D 277 11.55 9.96 0.84
N ALA D 278 10.60 10.90 0.74
CA ALA D 278 9.37 10.63 0.02
C ALA D 278 9.62 10.48 -1.48
N ARG D 279 10.37 11.41 -2.07
CA ARG D 279 10.73 11.32 -3.47
C ARG D 279 11.35 9.97 -3.80
N LEU D 280 12.40 9.60 -3.07
CA LEU D 280 12.99 8.26 -3.17
C LEU D 280 11.96 7.14 -2.95
N GLN D 281 11.00 7.37 -2.05
CA GLN D 281 10.06 6.30 -1.69
C GLN D 281 9.20 5.85 -2.86
N ALA D 282 8.88 6.78 -3.78
CA ALA D 282 8.16 6.41 -4.99
C ALA D 282 8.92 5.39 -5.83
N ALA D 283 10.22 5.62 -6.05
CA ALA D 283 10.98 4.82 -7.00
C ALA D 283 11.36 3.44 -6.47
N TYR D 284 11.32 3.21 -5.16
CA TYR D 284 11.70 1.91 -4.61
C TYR D 284 10.50 1.22 -3.96
N ALA D 285 10.72 -0.04 -3.61
CA ALA D 285 9.70 -0.86 -2.95
C ALA D 285 10.38 -2.05 -2.28
N GLY D 286 9.65 -2.65 -1.36
CA GLY D 286 10.18 -3.83 -0.66
C GLY D 286 11.31 -3.46 0.29
N ASP D 287 12.32 -4.35 0.36
CA ASP D 287 13.36 -4.24 1.38
C ASP D 287 14.07 -2.90 1.30
N LYS D 288 14.38 -2.43 0.10
CA LYS D 288 15.06 -1.15 -0.06
C LYS D 288 14.20 0.00 0.44
N ALA D 289 12.90 -0.02 0.13
CA ALA D 289 11.98 0.98 0.65
C ALA D 289 11.89 0.90 2.16
N ASP D 290 11.90 -0.33 2.69
CA ASP D 290 11.82 -0.53 4.14
C ASP D 290 13.01 0.08 4.86
N ASP D 291 14.22 -0.12 4.32
CA ASP D 291 15.41 0.46 4.92
C ASP D 291 15.39 1.98 4.90
N ILE D 292 14.87 2.57 3.82
CA ILE D 292 14.72 4.02 3.75
C ILE D 292 13.79 4.51 4.85
N GLN D 293 12.66 3.81 5.04
CA GLN D 293 11.74 4.20 6.09
C GLN D 293 12.37 4.04 7.48
N LYS D 294 13.22 3.03 7.67
CA LYS D 294 13.87 2.83 8.96
C LYS D 294 14.78 4.00 9.33
N ARG D 295 15.63 4.43 8.39
CA ARG D 295 16.51 5.57 8.66
C ARG D 295 15.74 6.87 8.81
N GLU D 296 14.76 7.13 7.95
CA GLU D 296 13.99 8.36 8.09
C GLU D 296 13.27 8.39 9.43
N ASN D 297 12.66 7.28 9.83
CA ASN D 297 12.01 7.20 11.12
C ASN D 297 13.02 7.35 12.24
N GLU D 298 14.25 6.85 12.05
CA GLU D 298 15.32 7.05 13.02
C GLU D 298 15.57 8.54 13.24
N VAL D 299 15.70 9.29 12.15
CA VAL D 299 15.92 10.74 12.24
C VAL D 299 14.73 11.42 12.90
N LEU D 300 13.51 11.03 12.51
CA LEU D 300 12.32 11.66 13.07
C LEU D 300 12.19 11.38 14.57
N GLU D 301 12.50 10.16 14.99
CA GLU D 301 12.44 9.85 16.42
C GLU D 301 13.44 10.69 17.21
N ALA D 302 14.68 10.78 16.72
CA ALA D 302 15.67 11.63 17.38
C ALA D 302 15.23 13.09 17.37
N TRP D 303 14.65 13.55 16.26
CA TRP D 303 14.20 14.94 16.15
C TRP D 303 13.14 15.23 17.18
N LYS D 304 12.09 14.38 17.24
CA LYS D 304 11.03 14.59 18.20
C LYS D 304 11.58 14.51 19.61
N SER D 305 12.48 13.53 19.86
CA SER D 305 13.07 13.38 21.18
C SER D 305 13.74 14.67 21.64
N LEU D 306 14.47 15.34 20.73
CA LEU D 306 15.04 16.64 21.05
C LEU D 306 13.93 17.68 21.29
N LEU D 307 12.84 17.63 20.52
CA LEU D 307 11.79 18.62 20.67
C LEU D 307 11.17 18.62 22.06
N ASP D 308 10.92 17.43 22.64
CA ASP D 308 10.40 17.39 24.00
C ASP D 308 11.37 18.05 24.98
N ALA D 309 12.60 17.53 25.06
CA ALA D 309 13.56 18.02 26.04
C ALA D 309 13.79 19.52 25.90
N CYS D 310 13.83 20.01 24.67
CA CYS D 310 14.07 21.42 24.40
C CYS D 310 12.87 22.32 24.69
N GLU D 311 11.65 21.78 24.76
CA GLU D 311 10.47 22.64 24.76
C GLU D 311 10.42 23.58 25.95
N GLY D 312 10.77 23.11 27.14
CA GLY D 312 10.55 23.91 28.33
C GLY D 312 11.32 25.21 28.33
N ARG D 313 12.62 25.14 28.10
CA ARG D 313 13.49 26.32 28.14
C ARG D 313 13.67 26.91 26.74
N ARG D 314 12.56 27.30 26.10
CA ARG D 314 12.62 27.81 24.74
C ARG D 314 11.85 29.12 24.63
N VAL D 315 12.47 30.11 24.00
CA VAL D 315 11.85 31.40 23.75
C VAL D 315 11.44 31.49 22.29
N ARG D 316 10.17 31.78 22.05
CA ARG D 316 9.66 31.97 20.70
C ARG D 316 9.05 33.36 20.61
N LEU D 317 9.27 34.01 19.48
CA LEU D 317 8.69 35.31 19.24
C LEU D 317 7.18 35.14 19.01
N VAL D 318 6.43 36.20 19.27
CA VAL D 318 4.98 36.11 19.09
C VAL D 318 4.64 35.79 17.63
N ASP D 319 5.32 36.44 16.69
CA ASP D 319 4.98 36.31 15.28
C ASP D 319 5.22 34.89 14.78
N THR D 320 6.39 34.32 15.07
CA THR D 320 6.77 32.98 14.63
C THR D 320 7.89 32.42 15.51
#